data_4R52
# 
_entry.id   4R52 
# 
_audit_conform.dict_name       mmcif_pdbx.dic 
_audit_conform.dict_version    5.379 
_audit_conform.dict_location   http://mmcif.pdb.org/dictionaries/ascii/mmcif_pdbx.dic 
# 
loop_
_database_2.database_id 
_database_2.database_code 
_database_2.pdbx_database_accession 
_database_2.pdbx_DOI 
PDB   4R52         pdb_00004r52 10.2210/pdb4r52/pdb 
RCSB  RCSB086908   ?            ?                   
WWPDB D_1000086908 ?            ?                   
# 
_pdbx_database_status.status_code                     REL 
_pdbx_database_status.entry_id                        4R52 
_pdbx_database_status.recvd_initial_deposition_date   2014-08-20 
_pdbx_database_status.deposit_site                    RCSB 
_pdbx_database_status.process_site                    RCSB 
_pdbx_database_status.status_code_sf                  REL 
_pdbx_database_status.status_code_mr                  ? 
_pdbx_database_status.SG_entry                        ? 
_pdbx_database_status.status_code_cs                  ? 
_pdbx_database_status.methods_development_category    ? 
_pdbx_database_status.pdb_format_compatible           Y 
_pdbx_database_status.status_code_nmr_data            ? 
# 
loop_
_audit_author.name 
_audit_author.pdbx_ordinal 
'Geng, J.'      1 
'Gumpper, R.H.' 2 
'Huo, L.'       3 
'Liu, A.'       4 
# 
_citation.id                        primary 
_citation.title                     
'1.5 angstrom crystal structure of 3-hydroxyanthranilate-3,4-dioxygenase from Cupriavidus metallidurans' 
_citation.journal_abbrev            'To be Published' 
_citation.journal_volume            ? 
_citation.page_first                ? 
_citation.page_last                 ? 
_citation.year                      ? 
_citation.journal_id_ASTM           ? 
_citation.country                   ? 
_citation.journal_id_ISSN           ? 
_citation.journal_id_CSD            0353 
_citation.book_publisher            ? 
_citation.pdbx_database_id_PubMed   ? 
_citation.pdbx_database_id_DOI      ? 
# 
loop_
_citation_author.citation_id 
_citation_author.name 
_citation_author.ordinal 
_citation_author.identifier_ORCID 
primary 'Geng, J.'      1 ? 
primary 'Gumpper, R.H.' 2 ? 
primary 'Huo, L.'       3 ? 
primary 'Liu, A.'       4 ? 
# 
_cell.entry_id           4R52 
_cell.length_a           58.320 
_cell.length_b           58.320 
_cell.length_c           231.849 
_cell.angle_alpha        90.00 
_cell.angle_beta         90.00 
_cell.angle_gamma        120.00 
_cell.Z_PDB              12 
_cell.pdbx_unique_axis   ? 
_cell.length_a_esd       ? 
_cell.length_b_esd       ? 
_cell.length_c_esd       ? 
_cell.angle_alpha_esd    ? 
_cell.angle_beta_esd     ? 
_cell.angle_gamma_esd    ? 
# 
_symmetry.entry_id                         4R52 
_symmetry.space_group_name_H-M             'P 65 2 2' 
_symmetry.pdbx_full_space_group_name_H-M   ? 
_symmetry.cell_setting                     ? 
_symmetry.Int_Tables_number                179 
_symmetry.space_group_name_Hall            ? 
# 
loop_
_entity.id 
_entity.type 
_entity.src_method 
_entity.pdbx_description 
_entity.formula_weight 
_entity.pdbx_number_of_molecules 
_entity.pdbx_ec 
_entity.pdbx_mutation 
_entity.pdbx_fragment 
_entity.details 
1 polymer     man '3-hydroxyanthranilate 3,4-dioxygenase'  20056.635 1   1.13.11.6 ? ? ? 
2 non-polymer syn 'FE (II) ION'                            55.845    2   ?         ? ? ? 
3 non-polymer syn 2-AMINO-2-HYDROXYMETHYL-PROPANE-1,3-DIOL 122.143   1   ?         ? ? ? 
4 water       nat water                                    18.015    180 ?         ? ? ? 
# 
_entity_name_com.entity_id   1 
_entity_name_com.name        '3-hydroxyanthranilate oxygenase, 3-HAO, 3-hydroxyanthranilic acid dioxygenase, HAD' 
# 
_entity_poly.entity_id                      1 
_entity_poly.type                           'polypeptide(L)' 
_entity_poly.nstd_linkage                   no 
_entity_poly.nstd_monomer                   no 
_entity_poly.pdbx_seq_one_letter_code       
;MLTYGAPFNFPRWIDEHAHLLKPPVGNRQVWQDSDFIVTVVGGPNHRTDYHDDPLEEFFYQLRGNAYLNLWVDGRRERAD
LKEGDIFLLPPHVRHSPQRPEAGSACLVIERQRPAGMLDGFEWYCDACGHLVHRVEVQLKSIVTDLPPLFESFYASEDKR
RCPHCGQVHPGRAA
;
_entity_poly.pdbx_seq_one_letter_code_can   
;MLTYGAPFNFPRWIDEHAHLLKPPVGNRQVWQDSDFIVTVVGGPNHRTDYHDDPLEEFFYQLRGNAYLNLWVDGRRERAD
LKEGDIFLLPPHVRHSPQRPEAGSACLVIERQRPAGMLDGFEWYCDACGHLVHRVEVQLKSIVTDLPPLFESFYASEDKR
RCPHCGQVHPGRAA
;
_entity_poly.pdbx_strand_id                 A 
_entity_poly.pdbx_target_identifier         ? 
# 
loop_
_entity_poly_seq.entity_id 
_entity_poly_seq.num 
_entity_poly_seq.mon_id 
_entity_poly_seq.hetero 
1 1   MET n 
1 2   LEU n 
1 3   THR n 
1 4   TYR n 
1 5   GLY n 
1 6   ALA n 
1 7   PRO n 
1 8   PHE n 
1 9   ASN n 
1 10  PHE n 
1 11  PRO n 
1 12  ARG n 
1 13  TRP n 
1 14  ILE n 
1 15  ASP n 
1 16  GLU n 
1 17  HIS n 
1 18  ALA n 
1 19  HIS n 
1 20  LEU n 
1 21  LEU n 
1 22  LYS n 
1 23  PRO n 
1 24  PRO n 
1 25  VAL n 
1 26  GLY n 
1 27  ASN n 
1 28  ARG n 
1 29  GLN n 
1 30  VAL n 
1 31  TRP n 
1 32  GLN n 
1 33  ASP n 
1 34  SER n 
1 35  ASP n 
1 36  PHE n 
1 37  ILE n 
1 38  VAL n 
1 39  THR n 
1 40  VAL n 
1 41  VAL n 
1 42  GLY n 
1 43  GLY n 
1 44  PRO n 
1 45  ASN n 
1 46  HIS n 
1 47  ARG n 
1 48  THR n 
1 49  ASP n 
1 50  TYR n 
1 51  HIS n 
1 52  ASP n 
1 53  ASP n 
1 54  PRO n 
1 55  LEU n 
1 56  GLU n 
1 57  GLU n 
1 58  PHE n 
1 59  PHE n 
1 60  TYR n 
1 61  GLN n 
1 62  LEU n 
1 63  ARG n 
1 64  GLY n 
1 65  ASN n 
1 66  ALA n 
1 67  TYR n 
1 68  LEU n 
1 69  ASN n 
1 70  LEU n 
1 71  TRP n 
1 72  VAL n 
1 73  ASP n 
1 74  GLY n 
1 75  ARG n 
1 76  ARG n 
1 77  GLU n 
1 78  ARG n 
1 79  ALA n 
1 80  ASP n 
1 81  LEU n 
1 82  LYS n 
1 83  GLU n 
1 84  GLY n 
1 85  ASP n 
1 86  ILE n 
1 87  PHE n 
1 88  LEU n 
1 89  LEU n 
1 90  PRO n 
1 91  PRO n 
1 92  HIS n 
1 93  VAL n 
1 94  ARG n 
1 95  HIS n 
1 96  SER n 
1 97  PRO n 
1 98  GLN n 
1 99  ARG n 
1 100 PRO n 
1 101 GLU n 
1 102 ALA n 
1 103 GLY n 
1 104 SER n 
1 105 ALA n 
1 106 CYS n 
1 107 LEU n 
1 108 VAL n 
1 109 ILE n 
1 110 GLU n 
1 111 ARG n 
1 112 GLN n 
1 113 ARG n 
1 114 PRO n 
1 115 ALA n 
1 116 GLY n 
1 117 MET n 
1 118 LEU n 
1 119 ASP n 
1 120 GLY n 
1 121 PHE n 
1 122 GLU n 
1 123 TRP n 
1 124 TYR n 
1 125 CYS n 
1 126 ASP n 
1 127 ALA n 
1 128 CYS n 
1 129 GLY n 
1 130 HIS n 
1 131 LEU n 
1 132 VAL n 
1 133 HIS n 
1 134 ARG n 
1 135 VAL n 
1 136 GLU n 
1 137 VAL n 
1 138 GLN n 
1 139 LEU n 
1 140 LYS n 
1 141 SER n 
1 142 ILE n 
1 143 VAL n 
1 144 THR n 
1 145 ASP n 
1 146 LEU n 
1 147 PRO n 
1 148 PRO n 
1 149 LEU n 
1 150 PHE n 
1 151 GLU n 
1 152 SER n 
1 153 PHE n 
1 154 TYR n 
1 155 ALA n 
1 156 SER n 
1 157 GLU n 
1 158 ASP n 
1 159 LYS n 
1 160 ARG n 
1 161 ARG n 
1 162 CYS n 
1 163 PRO n 
1 164 HIS n 
1 165 CYS n 
1 166 GLY n 
1 167 GLN n 
1 168 VAL n 
1 169 HIS n 
1 170 PRO n 
1 171 GLY n 
1 172 ARG n 
1 173 ALA n 
1 174 ALA n 
# 
_entity_src_gen.entity_id                          1 
_entity_src_gen.pdbx_src_id                        1 
_entity_src_gen.pdbx_alt_source_flag               sample 
_entity_src_gen.pdbx_seq_type                      ? 
_entity_src_gen.pdbx_beg_seq_num                   ? 
_entity_src_gen.pdbx_end_seq_num                   ? 
_entity_src_gen.gene_src_common_name               ? 
_entity_src_gen.gene_src_genus                     ? 
_entity_src_gen.pdbx_gene_src_gene                 'nbaC, nbaC Rmet_5193, Rmet_5193' 
_entity_src_gen.gene_src_species                   ? 
_entity_src_gen.gene_src_strain                    CH34 
_entity_src_gen.gene_src_tissue                    ? 
_entity_src_gen.gene_src_tissue_fraction           ? 
_entity_src_gen.gene_src_details                   ? 
_entity_src_gen.pdbx_gene_src_fragment             ? 
_entity_src_gen.pdbx_gene_src_scientific_name      'Cupriavidus metallidurans CH34' 
_entity_src_gen.pdbx_gene_src_ncbi_taxonomy_id     266264 
_entity_src_gen.pdbx_gene_src_variant              ? 
_entity_src_gen.pdbx_gene_src_cell_line            ? 
_entity_src_gen.pdbx_gene_src_atcc                 ? 
_entity_src_gen.pdbx_gene_src_organ                ? 
_entity_src_gen.pdbx_gene_src_organelle            ? 
_entity_src_gen.pdbx_gene_src_cell                 ? 
_entity_src_gen.pdbx_gene_src_cellular_location    ? 
_entity_src_gen.host_org_common_name               ? 
_entity_src_gen.pdbx_host_org_scientific_name      'Escherichia coli' 
_entity_src_gen.pdbx_host_org_ncbi_taxonomy_id     469008 
_entity_src_gen.host_org_genus                     ? 
_entity_src_gen.pdbx_host_org_gene                 ? 
_entity_src_gen.pdbx_host_org_organ                ? 
_entity_src_gen.host_org_species                   ? 
_entity_src_gen.pdbx_host_org_tissue               ? 
_entity_src_gen.pdbx_host_org_tissue_fraction      ? 
_entity_src_gen.pdbx_host_org_strain               'BL21(DE3)' 
_entity_src_gen.pdbx_host_org_variant              ? 
_entity_src_gen.pdbx_host_org_cell_line            ? 
_entity_src_gen.pdbx_host_org_atcc                 ? 
_entity_src_gen.pdbx_host_org_culture_collection   ? 
_entity_src_gen.pdbx_host_org_cell                 ? 
_entity_src_gen.pdbx_host_org_organelle            ? 
_entity_src_gen.pdbx_host_org_cellular_location    ? 
_entity_src_gen.pdbx_host_org_vector_type          Plasmid 
_entity_src_gen.pdbx_host_org_vector               ? 
_entity_src_gen.host_org_details                   ? 
_entity_src_gen.expression_system_id               ? 
_entity_src_gen.plasmid_name                       PET16b 
_entity_src_gen.plasmid_details                    ? 
_entity_src_gen.pdbx_description                   ? 
# 
_struct_ref.id                         1 
_struct_ref.db_name                    UNP 
_struct_ref.db_code                    3HAO_RALME 
_struct_ref.pdbx_db_accession          Q1LCS4 
_struct_ref.entity_id                  1 
_struct_ref.pdbx_seq_one_letter_code   
;MLTYGAPFNFPRWIDEHAHLLKPPVGNRQVWQDSDFIVTVVGGPNHRTDYHDDPLEEFFYQLRGNAYLNLWVDGRRERAD
LKEGDIFLLPPHVRHSPQRPEAGSACLVIERQRPAGMLDGFEWYCDACGHLVHRVEVQLKSIVTDLPPLFESFYASEDKR
RCPHCGQVHPGRAA
;
_struct_ref.pdbx_align_begin           1 
_struct_ref.pdbx_db_isoform            ? 
# 
_struct_ref_seq.align_id                      1 
_struct_ref_seq.ref_id                        1 
_struct_ref_seq.pdbx_PDB_id_code              4R52 
_struct_ref_seq.pdbx_strand_id                A 
_struct_ref_seq.seq_align_beg                 1 
_struct_ref_seq.pdbx_seq_align_beg_ins_code   ? 
_struct_ref_seq.seq_align_end                 174 
_struct_ref_seq.pdbx_seq_align_end_ins_code   ? 
_struct_ref_seq.pdbx_db_accession             Q1LCS4 
_struct_ref_seq.db_align_beg                  1 
_struct_ref_seq.pdbx_db_align_beg_ins_code    ? 
_struct_ref_seq.db_align_end                  174 
_struct_ref_seq.pdbx_db_align_end_ins_code    ? 
_struct_ref_seq.pdbx_auth_seq_align_beg       1 
_struct_ref_seq.pdbx_auth_seq_align_end       174 
# 
loop_
_chem_comp.id 
_chem_comp.type 
_chem_comp.mon_nstd_flag 
_chem_comp.name 
_chem_comp.pdbx_synonyms 
_chem_comp.formula 
_chem_comp.formula_weight 
ALA 'L-peptide linking' y ALANINE                                  ?             'C3 H7 N O2'     89.093  
ARG 'L-peptide linking' y ARGININE                                 ?             'C6 H15 N4 O2 1' 175.209 
ASN 'L-peptide linking' y ASPARAGINE                               ?             'C4 H8 N2 O3'    132.118 
ASP 'L-peptide linking' y 'ASPARTIC ACID'                          ?             'C4 H7 N O4'     133.103 
CYS 'L-peptide linking' y CYSTEINE                                 ?             'C3 H7 N O2 S'   121.158 
FE2 non-polymer         . 'FE (II) ION'                            ?             'Fe 2'           55.845  
GLN 'L-peptide linking' y GLUTAMINE                                ?             'C5 H10 N2 O3'   146.144 
GLU 'L-peptide linking' y 'GLUTAMIC ACID'                          ?             'C5 H9 N O4'     147.129 
GLY 'peptide linking'   y GLYCINE                                  ?             'C2 H5 N O2'     75.067  
HIS 'L-peptide linking' y HISTIDINE                                ?             'C6 H10 N3 O2 1' 156.162 
HOH non-polymer         . WATER                                    ?             'H2 O'           18.015  
ILE 'L-peptide linking' y ISOLEUCINE                               ?             'C6 H13 N O2'    131.173 
LEU 'L-peptide linking' y LEUCINE                                  ?             'C6 H13 N O2'    131.173 
LYS 'L-peptide linking' y LYSINE                                   ?             'C6 H15 N2 O2 1' 147.195 
MET 'L-peptide linking' y METHIONINE                               ?             'C5 H11 N O2 S'  149.211 
PHE 'L-peptide linking' y PHENYLALANINE                            ?             'C9 H11 N O2'    165.189 
PRO 'L-peptide linking' y PROLINE                                  ?             'C5 H9 N O2'     115.130 
SER 'L-peptide linking' y SERINE                                   ?             'C3 H7 N O3'     105.093 
THR 'L-peptide linking' y THREONINE                                ?             'C4 H9 N O3'     119.119 
TRP 'L-peptide linking' y TRYPTOPHAN                               ?             'C11 H12 N2 O2'  204.225 
TRS non-polymer         . 2-AMINO-2-HYDROXYMETHYL-PROPANE-1,3-DIOL 'TRIS BUFFER' 'C4 H12 N O3 1'  122.143 
TYR 'L-peptide linking' y TYROSINE                                 ?             'C9 H11 N O3'    181.189 
VAL 'L-peptide linking' y VALINE                                   ?             'C5 H11 N O2'    117.146 
# 
_exptl.entry_id          4R52 
_exptl.method            'X-RAY DIFFRACTION' 
_exptl.crystals_number   1 
# 
_exptl_crystal.id                    1 
_exptl_crystal.density_meas          ? 
_exptl_crystal.density_Matthews      2.84 
_exptl_crystal.density_percent_sol   56.65 
_exptl_crystal.description           ? 
_exptl_crystal.F_000                 ? 
_exptl_crystal.preparation           ? 
# 
_exptl_crystal_grow.crystal_id      1 
_exptl_crystal_grow.method          'VAPOR DIFFUSION, HANGING DROP' 
_exptl_crystal_grow.temp            291 
_exptl_crystal_grow.temp_details    ? 
_exptl_crystal_grow.pH              8.5 
_exptl_crystal_grow.pdbx_details    
'20% PEG 8000, 0.2 M magnesium chloride, 0.1 M Tris-HCl, pH 8.5, VAPOR DIFFUSION, HANGING DROP, temperature 291K' 
_exptl_crystal_grow.pdbx_pH_range   ? 
# 
_diffrn.id                     1 
_diffrn.ambient_temp           100 
_diffrn.ambient_temp_details   ? 
_diffrn.crystal_id             1 
# 
_diffrn_detector.diffrn_id              1 
_diffrn_detector.detector               PIXEL 
_diffrn_detector.type                   'DECTRIS PILATUS 6M' 
_diffrn_detector.pdbx_collection_date   2014-06-11 
_diffrn_detector.details                ? 
# 
_diffrn_radiation.diffrn_id                        1 
_diffrn_radiation.wavelength_id                    1 
_diffrn_radiation.pdbx_monochromatic_or_laue_m_l   M 
_diffrn_radiation.monochromator                    ? 
_diffrn_radiation.pdbx_diffrn_protocol             'SINGLE WAVELENGTH' 
_diffrn_radiation.pdbx_scattering_type             x-ray 
# 
_diffrn_radiation_wavelength.id           1 
_diffrn_radiation_wavelength.wavelength   1.0 
_diffrn_radiation_wavelength.wt           1.0 
# 
_diffrn_source.diffrn_id                   1 
_diffrn_source.source                      SYNCHROTRON 
_diffrn_source.type                        'SSRL BEAMLINE BL12-2' 
_diffrn_source.pdbx_synchrotron_site       SSRL 
_diffrn_source.pdbx_synchrotron_beamline   BL12-2 
_diffrn_source.pdbx_wavelength             ? 
_diffrn_source.pdbx_wavelength_list        1.0 
# 
_reflns.entry_id                     4R52 
_reflns.observed_criterion_sigma_I   0.0 
_reflns.observed_criterion_sigma_F   0.0 
_reflns.d_resolution_low             50.00 
_reflns.d_resolution_high            1.53 
_reflns.number_obs                   36541 
_reflns.number_all                   36578 
_reflns.percent_possible_obs         99.9 
_reflns.pdbx_Rmerge_I_obs            0.06 
_reflns.pdbx_Rsym_value              ? 
_reflns.pdbx_netI_over_sigmaI        59.1 
_reflns.B_iso_Wilson_estimate        ? 
_reflns.pdbx_redundancy              21.7 
_reflns.R_free_details               ? 
_reflns.limit_h_max                  ? 
_reflns.limit_h_min                  ? 
_reflns.limit_k_max                  ? 
_reflns.limit_k_min                  ? 
_reflns.limit_l_max                  ? 
_reflns.limit_l_min                  ? 
_reflns.observed_criterion_F_max     ? 
_reflns.observed_criterion_F_min     ? 
_reflns.pdbx_chi_squared             ? 
_reflns.pdbx_scaling_rejects         ? 
_reflns.pdbx_ordinal                 1 
_reflns.pdbx_diffrn_id               1 
# 
_reflns_shell.d_res_high             1.53 
_reflns_shell.d_res_low              1.56 
_reflns_shell.percent_possible_all   100 
_reflns_shell.Rmerge_I_obs           0.932 
_reflns_shell.pdbx_Rsym_value        ? 
_reflns_shell.meanI_over_sigI_obs    2.7 
_reflns_shell.pdbx_redundancy        22.8 
_reflns_shell.percent_possible_obs   ? 
_reflns_shell.number_unique_all      1755 
_reflns_shell.number_measured_all    ? 
_reflns_shell.number_measured_obs    ? 
_reflns_shell.number_unique_obs      ? 
_reflns_shell.pdbx_chi_squared       ? 
_reflns_shell.pdbx_ordinal           1 
_reflns_shell.pdbx_diffrn_id         1 
# 
_refine.entry_id                                 4R52 
_refine.ls_number_reflns_obs                     34255 
_refine.ls_number_reflns_all                     36449 
_refine.pdbx_ls_sigma_I                          ? 
_refine.pdbx_ls_sigma_F                          0.21 
_refine.pdbx_data_cutoff_high_absF               ? 
_refine.pdbx_data_cutoff_low_absF                ? 
_refine.pdbx_data_cutoff_high_rms_absF           ? 
_refine.ls_d_res_low                             49.349 
_refine.ls_d_res_high                            1.530 
_refine.ls_percent_reflns_obs                    93.98 
_refine.ls_R_factor_obs                          0.1980 
_refine.ls_R_factor_all                          ? 
_refine.ls_R_factor_R_work                       0.1970 
_refine.ls_R_factor_R_free                       0.2142 
_refine.ls_R_factor_R_free_error                 ? 
_refine.ls_R_factor_R_free_error_details         ? 
_refine.ls_percent_reflns_R_free                 5.84 
_refine.ls_number_reflns_R_free                  2000 
_refine.ls_number_parameters                     ? 
_refine.ls_number_restraints                     ? 
_refine.occupancy_min                            ? 
_refine.occupancy_max                            ? 
_refine.correlation_coeff_Fo_to_Fc               ? 
_refine.correlation_coeff_Fo_to_Fc_free          ? 
_refine.B_iso_mean                               ? 
_refine.aniso_B[1][1]                            4.8384 
_refine.aniso_B[2][2]                            4.8384 
_refine.aniso_B[3][3]                            -9.6768 
_refine.aniso_B[1][2]                            -0.0000 
_refine.aniso_B[1][3]                            0.0000 
_refine.aniso_B[2][3]                            -0.0000 
_refine.solvent_model_details                    'FLAT BULK SOLVENT MODEL' 
_refine.solvent_model_param_ksol                 0.350 
_refine.solvent_model_param_bsol                 34.766 
_refine.pdbx_solvent_vdw_probe_radii             1.20 
_refine.pdbx_solvent_ion_probe_radii             ? 
_refine.pdbx_solvent_shrinkage_radii             0.98 
_refine.pdbx_ls_cross_valid_method               ? 
_refine.details                                  ? 
_refine.pdbx_starting_model                      1YFU 
_refine.pdbx_method_to_determine_struct          'MOLECULAR REPLACEMENT' 
_refine.pdbx_isotropic_thermal_model             ? 
_refine.pdbx_stereochemistry_target_values       MLHL 
_refine.pdbx_stereochem_target_val_spec_case     ? 
_refine.pdbx_R_Free_selection_details            Random 
_refine.pdbx_overall_ESU_R                       ? 
_refine.pdbx_overall_ESU_R_Free                  ? 
_refine.overall_SU_ML                            0.18 
_refine.pdbx_overall_phase_error                 22.15 
_refine.overall_SU_B                             ? 
_refine.overall_SU_R_Cruickshank_DPI             ? 
_refine.ls_redundancy_reflns_obs                 ? 
_refine.B_iso_min                                ? 
_refine.B_iso_max                                ? 
_refine.overall_SU_R_free                        ? 
_refine.ls_wR_factor_R_free                      ? 
_refine.ls_wR_factor_R_work                      ? 
_refine.overall_FOM_free_R_set                   ? 
_refine.overall_FOM_work_R_set                   ? 
_refine.pdbx_diffrn_id                           1 
_refine.pdbx_refine_id                           'X-RAY DIFFRACTION' 
_refine.pdbx_TLS_residual_ADP_flag               ? 
_refine.pdbx_overall_SU_R_free_Cruickshank_DPI   ? 
_refine.pdbx_overall_SU_R_Blow_DPI               ? 
_refine.pdbx_overall_SU_R_free_Blow_DPI          ? 
# 
_refine_hist.pdbx_refine_id                   'X-RAY DIFFRACTION' 
_refine_hist.cycle_id                         LAST 
_refine_hist.pdbx_number_atoms_protein        1415 
_refine_hist.pdbx_number_atoms_nucleic_acid   0 
_refine_hist.pdbx_number_atoms_ligand         10 
_refine_hist.number_atoms_solvent             180 
_refine_hist.number_atoms_total               1605 
_refine_hist.d_res_high                       1.530 
_refine_hist.d_res_low                        49.349 
# 
loop_
_refine_ls_restr.type 
_refine_ls_restr.dev_ideal 
_refine_ls_restr.dev_ideal_target 
_refine_ls_restr.weight 
_refine_ls_restr.number 
_refine_ls_restr.pdbx_restraint_function 
_refine_ls_restr.pdbx_refine_id 
f_bond_d           0.006  ? ? 1463 ? 'X-RAY DIFFRACTION' 
f_angle_d          1.151  ? ? 1992 ? 'X-RAY DIFFRACTION' 
f_dihedral_angle_d 12.547 ? ? 538  ? 'X-RAY DIFFRACTION' 
f_chiral_restr     0.079  ? ? 199  ? 'X-RAY DIFFRACTION' 
f_plane_restr      0.006  ? ? 267  ? 'X-RAY DIFFRACTION' 
# 
loop_
_refine_ls_shell.pdbx_total_number_of_bins_used 
_refine_ls_shell.d_res_high 
_refine_ls_shell.d_res_low 
_refine_ls_shell.number_reflns_R_work 
_refine_ls_shell.R_factor_R_work 
_refine_ls_shell.percent_reflns_obs 
_refine_ls_shell.R_factor_R_free 
_refine_ls_shell.R_factor_R_free_error 
_refine_ls_shell.percent_reflns_R_free 
_refine_ls_shell.number_reflns_R_free 
_refine_ls_shell.number_reflns_all 
_refine_ls_shell.R_factor_all 
_refine_ls_shell.number_reflns_obs 
_refine_ls_shell.redundancy_reflns_obs 
_refine_ls_shell.pdbx_refine_id 
. 1.530  1.5686  1838 0.2619 78.00  0.3013 . . 115 . . . . 'X-RAY DIFFRACTION' 
. 1.5686 1.6110  2042 0.2525 85.00  0.2874 . . 126 . . . . 'X-RAY DIFFRACTION' 
. 1.6110 1.6584  2108 0.2248 88.00  0.2392 . . 131 . . . . 'X-RAY DIFFRACTION' 
. 1.6584 1.7119  2152 0.2130 90.00  0.2465 . . 133 . . . . 'X-RAY DIFFRACTION' 
. 1.7119 1.7731  2224 0.2180 93.00  0.2568 . . 139 . . . . 'X-RAY DIFFRACTION' 
. 1.7731 1.8441  2250 0.2140 94.00  0.2583 . . 139 . . . . 'X-RAY DIFFRACTION' 
. 1.8441 1.9280  2291 0.2127 95.00  0.2298 . . 142 . . . . 'X-RAY DIFFRACTION' 
. 1.9280 2.0297  2351 0.1979 97.00  0.2211 . . 146 . . . . 'X-RAY DIFFRACTION' 
. 2.0297 2.1569  2389 0.1987 98.00  0.1964 . . 147 . . . . 'X-RAY DIFFRACTION' 
. 2.1569 2.3234  2412 0.1926 99.00  0.2016 . . 151 . . . . 'X-RAY DIFFRACTION' 
. 2.3234 2.5572  2442 0.2027 99.00  0.2238 . . 150 . . . . 'X-RAY DIFFRACTION' 
. 2.5572 2.9272  2495 0.2079 100.00 0.2389 . . 155 . . . . 'X-RAY DIFFRACTION' 
. 2.9272 3.6878  2527 0.1931 100.00 0.2097 . . 157 . . . . 'X-RAY DIFFRACTION' 
. 3.6878 49.3749 2734 0.1808 100.00 0.1918 . . 169 . . . . 'X-RAY DIFFRACTION' 
# 
_struct.entry_id                  4R52 
_struct.title                     
'1.5 angstrom crystal structure of 3-hydroxyanthranilate-3,4-dioxygenase from Cupriavidus metallidurans' 
_struct.pdbx_model_details        ? 
_struct.pdbx_CASP_flag            ? 
_struct.pdbx_model_type_details   ? 
# 
_struct_keywords.entry_id        4R52 
_struct_keywords.pdbx_keywords   OXIDOREDUCTASE 
_struct_keywords.text            'Cupin Rubredoxin, OXIDOREDUCTASE' 
# 
loop_
_struct_asym.id 
_struct_asym.pdbx_blank_PDB_chainid_flag 
_struct_asym.pdbx_modified 
_struct_asym.entity_id 
_struct_asym.details 
A N N 1 ? 
B N N 2 ? 
C N N 2 ? 
D N N 3 ? 
E N N 4 ? 
# 
_struct_biol.id        1 
_struct_biol.details   ? 
# 
loop_
_struct_conf.conf_type_id 
_struct_conf.id 
_struct_conf.pdbx_PDB_helix_id 
_struct_conf.beg_label_comp_id 
_struct_conf.beg_label_asym_id 
_struct_conf.beg_label_seq_id 
_struct_conf.pdbx_beg_PDB_ins_code 
_struct_conf.end_label_comp_id 
_struct_conf.end_label_asym_id 
_struct_conf.end_label_seq_id 
_struct_conf.pdbx_end_PDB_ins_code 
_struct_conf.beg_auth_comp_id 
_struct_conf.beg_auth_asym_id 
_struct_conf.beg_auth_seq_id 
_struct_conf.end_auth_comp_id 
_struct_conf.end_auth_asym_id 
_struct_conf.end_auth_seq_id 
_struct_conf.pdbx_PDB_helix_class 
_struct_conf.details 
_struct_conf.pdbx_PDB_helix_length 
HELX_P HELX_P1 1 ASN A 9   ? HIS A 17  ? ASN A 9   HIS A 17  1 ? 9  
HELX_P HELX_P2 2 ALA A 18  ? LEU A 21  ? ALA A 18  LEU A 21  5 ? 4  
HELX_P HELX_P3 3 SER A 141 ? LEU A 146 ? SER A 141 LEU A 146 1 ? 6  
HELX_P HELX_P4 4 LEU A 146 ? ALA A 155 ? LEU A 146 ALA A 155 1 ? 10 
HELX_P HELX_P5 5 SER A 156 ? ARG A 161 ? SER A 156 ARG A 161 1 ? 6  
# 
_struct_conf_type.id          HELX_P 
_struct_conf_type.criteria    ? 
_struct_conf_type.reference   ? 
# 
loop_
_struct_conn.id 
_struct_conn.conn_type_id 
_struct_conn.pdbx_leaving_atom_flag 
_struct_conn.pdbx_PDB_id 
_struct_conn.ptnr1_label_asym_id 
_struct_conn.ptnr1_label_comp_id 
_struct_conn.ptnr1_label_seq_id 
_struct_conn.ptnr1_label_atom_id 
_struct_conn.pdbx_ptnr1_label_alt_id 
_struct_conn.pdbx_ptnr1_PDB_ins_code 
_struct_conn.pdbx_ptnr1_standard_comp_id 
_struct_conn.ptnr1_symmetry 
_struct_conn.ptnr2_label_asym_id 
_struct_conn.ptnr2_label_comp_id 
_struct_conn.ptnr2_label_seq_id 
_struct_conn.ptnr2_label_atom_id 
_struct_conn.pdbx_ptnr2_label_alt_id 
_struct_conn.pdbx_ptnr2_PDB_ins_code 
_struct_conn.ptnr1_auth_asym_id 
_struct_conn.ptnr1_auth_comp_id 
_struct_conn.ptnr1_auth_seq_id 
_struct_conn.ptnr2_auth_asym_id 
_struct_conn.ptnr2_auth_comp_id 
_struct_conn.ptnr2_auth_seq_id 
_struct_conn.ptnr2_symmetry 
_struct_conn.pdbx_ptnr3_label_atom_id 
_struct_conn.pdbx_ptnr3_label_seq_id 
_struct_conn.pdbx_ptnr3_label_comp_id 
_struct_conn.pdbx_ptnr3_label_asym_id 
_struct_conn.pdbx_ptnr3_label_alt_id 
_struct_conn.pdbx_ptnr3_PDB_ins_code 
_struct_conn.details 
_struct_conn.pdbx_dist_value 
_struct_conn.pdbx_value_order 
_struct_conn.pdbx_role 
metalc1  metalc ? ? A HIS 51  ND1 ? ? ? 1_555 B FE2 . FE ? ? A HIS 51  A FE2 201 1_555 ? ? ? ? ? ? ? 2.280 ? ? 
metalc2  metalc ? ? A GLU 57  OE2 ? ? ? 1_555 B FE2 . FE ? ? A GLU 57  A FE2 201 1_555 ? ? ? ? ? ? ? 2.229 ? ? 
metalc3  metalc ? ? A GLU 57  OE1 ? ? ? 1_555 B FE2 . FE ? ? A GLU 57  A FE2 201 1_555 ? ? ? ? ? ? ? 2.423 ? ? 
metalc4  metalc ? ? A HIS 95  NE2 ? ? ? 1_555 B FE2 . FE ? ? A HIS 95  A FE2 201 1_555 ? ? ? ? ? ? ? 2.269 ? ? 
metalc5  metalc ? ? A CYS 125 SG  ? ? ? 1_555 C FE2 . FE ? ? A CYS 125 A FE2 202 1_555 ? ? ? ? ? ? ? 2.579 ? ? 
metalc6  metalc ? ? A CYS 128 SG  ? ? ? 1_555 C FE2 . FE ? ? A CYS 128 A FE2 202 1_555 ? ? ? ? ? ? ? 2.570 ? ? 
metalc7  metalc ? ? A CYS 162 SG  ? ? ? 1_555 C FE2 . FE ? ? A CYS 162 A FE2 202 1_555 ? ? ? ? ? ? ? 2.498 ? ? 
metalc8  metalc ? ? A CYS 165 SG  ? ? ? 1_555 C FE2 . FE ? ? A CYS 165 A FE2 202 1_555 ? ? ? ? ? ? ? 2.409 ? ? 
metalc9  metalc ? ? B FE2 .   FE  ? ? ? 1_555 E HOH . O  ? ? A FE2 201 A HOH 301 1_555 ? ? ? ? ? ? ? 2.130 ? ? 
metalc10 metalc ? ? B FE2 .   FE  ? ? ? 1_555 E HOH . O  ? ? A FE2 201 A HOH 325 1_555 ? ? ? ? ? ? ? 2.027 ? ? 
# 
_struct_conn_type.id          metalc 
_struct_conn_type.criteria    ? 
_struct_conn_type.reference   ? 
# 
loop_
_struct_mon_prot_cis.pdbx_id 
_struct_mon_prot_cis.label_comp_id 
_struct_mon_prot_cis.label_seq_id 
_struct_mon_prot_cis.label_asym_id 
_struct_mon_prot_cis.label_alt_id 
_struct_mon_prot_cis.pdbx_PDB_ins_code 
_struct_mon_prot_cis.auth_comp_id 
_struct_mon_prot_cis.auth_seq_id 
_struct_mon_prot_cis.auth_asym_id 
_struct_mon_prot_cis.pdbx_label_comp_id_2 
_struct_mon_prot_cis.pdbx_label_seq_id_2 
_struct_mon_prot_cis.pdbx_label_asym_id_2 
_struct_mon_prot_cis.pdbx_PDB_ins_code_2 
_struct_mon_prot_cis.pdbx_auth_comp_id_2 
_struct_mon_prot_cis.pdbx_auth_seq_id_2 
_struct_mon_prot_cis.pdbx_auth_asym_id_2 
_struct_mon_prot_cis.pdbx_PDB_model_num 
_struct_mon_prot_cis.pdbx_omega_angle 
1 PRO 23 A . ? PRO 23 A PRO 24 A ? PRO 24 A 1 4.98 
2 GLY 43 A . ? GLY 43 A PRO 44 A ? PRO 44 A 1 2.72 
# 
loop_
_struct_sheet.id 
_struct_sheet.type 
_struct_sheet.number_strands 
_struct_sheet.details 
A ? 5 ? 
B ? 3 ? 
C ? 3 ? 
# 
loop_
_struct_sheet_order.sheet_id 
_struct_sheet_order.range_id_1 
_struct_sheet_order.range_id_2 
_struct_sheet_order.offset 
_struct_sheet_order.sense 
A 1 2 ? anti-parallel 
A 2 3 ? anti-parallel 
A 3 4 ? anti-parallel 
A 4 5 ? anti-parallel 
B 1 2 ? anti-parallel 
B 2 3 ? anti-parallel 
C 1 2 ? anti-parallel 
C 2 3 ? anti-parallel 
# 
loop_
_struct_sheet_range.sheet_id 
_struct_sheet_range.id 
_struct_sheet_range.beg_label_comp_id 
_struct_sheet_range.beg_label_asym_id 
_struct_sheet_range.beg_label_seq_id 
_struct_sheet_range.pdbx_beg_PDB_ins_code 
_struct_sheet_range.end_label_comp_id 
_struct_sheet_range.end_label_asym_id 
_struct_sheet_range.end_label_seq_id 
_struct_sheet_range.pdbx_end_PDB_ins_code 
_struct_sheet_range.beg_auth_comp_id 
_struct_sheet_range.beg_auth_asym_id 
_struct_sheet_range.beg_auth_seq_id 
_struct_sheet_range.end_auth_comp_id 
_struct_sheet_range.end_auth_asym_id 
_struct_sheet_range.end_auth_seq_id 
A 1 ASN A 27  ? GLN A 29  ? ASN A 27  GLN A 29  
A 2 PHE A 36  ? VAL A 41  ? PHE A 36  VAL A 41  
A 3 ALA A 105 ? ARG A 111 ? ALA A 105 ARG A 111 
A 4 GLU A 57  ? ARG A 63  ? GLU A 57  ARG A 63  
A 5 ILE A 86  ? LEU A 89  ? ILE A 86  LEU A 89  
B 1 TYR A 50  ? ASP A 52  ? TYR A 50  ASP A 52  
B 2 ASP A 119 ? TYR A 124 ? ASP A 119 TYR A 124 
B 3 LEU A 131 ? VAL A 137 ? LEU A 131 VAL A 137 
C 1 ARG A 75  ? LEU A 81  ? ARG A 75  LEU A 81  
C 2 ALA A 66  ? VAL A 72  ? ALA A 66  VAL A 72  
C 3 HIS A 95  ? GLN A 98  ? HIS A 95  GLN A 98  
# 
loop_
_pdbx_struct_sheet_hbond.sheet_id 
_pdbx_struct_sheet_hbond.range_id_1 
_pdbx_struct_sheet_hbond.range_id_2 
_pdbx_struct_sheet_hbond.range_1_label_atom_id 
_pdbx_struct_sheet_hbond.range_1_label_comp_id 
_pdbx_struct_sheet_hbond.range_1_label_asym_id 
_pdbx_struct_sheet_hbond.range_1_label_seq_id 
_pdbx_struct_sheet_hbond.range_1_PDB_ins_code 
_pdbx_struct_sheet_hbond.range_1_auth_atom_id 
_pdbx_struct_sheet_hbond.range_1_auth_comp_id 
_pdbx_struct_sheet_hbond.range_1_auth_asym_id 
_pdbx_struct_sheet_hbond.range_1_auth_seq_id 
_pdbx_struct_sheet_hbond.range_2_label_atom_id 
_pdbx_struct_sheet_hbond.range_2_label_comp_id 
_pdbx_struct_sheet_hbond.range_2_label_asym_id 
_pdbx_struct_sheet_hbond.range_2_label_seq_id 
_pdbx_struct_sheet_hbond.range_2_PDB_ins_code 
_pdbx_struct_sheet_hbond.range_2_auth_atom_id 
_pdbx_struct_sheet_hbond.range_2_auth_comp_id 
_pdbx_struct_sheet_hbond.range_2_auth_asym_id 
_pdbx_struct_sheet_hbond.range_2_auth_seq_id 
A 1 2 N ARG A 28  ? N ARG A 28  O VAL A 40  ? O VAL A 40  
A 2 3 N THR A 39  ? N THR A 39  O VAL A 108 ? O VAL A 108 
A 3 4 O LEU A 107 ? O LEU A 107 N TYR A 60  ? N TYR A 60  
A 4 5 N GLU A 57  ? N GLU A 57  O LEU A 89  ? O LEU A 89  
B 1 2 N TYR A 50  ? N TYR A 50  O GLU A 122 ? O GLU A 122 
B 2 3 N TRP A 123 ? N TRP A 123 O VAL A 132 ? O VAL A 132 
C 1 2 O GLU A 77  ? O GLU A 77  N LEU A 70  ? N LEU A 70  
C 2 3 N TYR A 67  ? N TYR A 67  O GLN A 98  ? O GLN A 98  
# 
loop_
_struct_site.id 
_struct_site.pdbx_evidence_code 
_struct_site.pdbx_auth_asym_id 
_struct_site.pdbx_auth_comp_id 
_struct_site.pdbx_auth_seq_id 
_struct_site.pdbx_auth_ins_code 
_struct_site.pdbx_num_residues 
_struct_site.details 
AC1 Software A FE2 201 ? 5 'BINDING SITE FOR RESIDUE FE2 A 201' 
AC2 Software A FE2 202 ? 4 'BINDING SITE FOR RESIDUE FE2 A 202' 
AC3 Software A TRS 203 ? 7 'BINDING SITE FOR RESIDUE TRS A 203' 
# 
loop_
_struct_site_gen.id 
_struct_site_gen.site_id 
_struct_site_gen.pdbx_num_res 
_struct_site_gen.label_comp_id 
_struct_site_gen.label_asym_id 
_struct_site_gen.label_seq_id 
_struct_site_gen.pdbx_auth_ins_code 
_struct_site_gen.auth_comp_id 
_struct_site_gen.auth_asym_id 
_struct_site_gen.auth_seq_id 
_struct_site_gen.label_atom_id 
_struct_site_gen.label_alt_id 
_struct_site_gen.symmetry 
_struct_site_gen.details 
1  AC1 5 HIS A 51  ? HIS A 51  . ? 1_555 ? 
2  AC1 5 GLU A 57  ? GLU A 57  . ? 1_555 ? 
3  AC1 5 HIS A 95  ? HIS A 95  . ? 1_555 ? 
4  AC1 5 HOH E .   ? HOH A 301 . ? 1_555 ? 
5  AC1 5 HOH E .   ? HOH A 325 . ? 1_555 ? 
6  AC2 4 CYS A 125 ? CYS A 125 . ? 1_555 ? 
7  AC2 4 CYS A 128 ? CYS A 128 . ? 1_555 ? 
8  AC2 4 CYS A 162 ? CYS A 162 . ? 1_555 ? 
9  AC2 4 CYS A 165 ? CYS A 165 . ? 1_555 ? 
10 AC3 7 VAL A 132 ? VAL A 132 . ? 1_555 ? 
11 AC3 7 HIS A 133 ? HIS A 133 . ? 1_555 ? 
12 AC3 7 ASP A 158 ? ASP A 158 . ? 1_555 ? 
13 AC3 7 LYS A 159 ? LYS A 159 . ? 1_555 ? 
14 AC3 7 ARG A 161 ? ARG A 161 . ? 1_555 ? 
15 AC3 7 HOH E .   ? HOH A 388 . ? 1_555 ? 
16 AC3 7 HOH E .   ? HOH A 433 . ? 1_555 ? 
# 
_atom_sites.entry_id                    4R52 
_atom_sites.fract_transf_matrix[1][1]   0.00726775 
_atom_sites.fract_transf_matrix[1][2]   0.01201901 
_atom_sites.fract_transf_matrix[1][3]   -0.01395539 
_atom_sites.fract_transf_matrix[2][1]   -0.00227506 
_atom_sites.fract_transf_matrix[2][2]   -0.00453667 
_atom_sites.fract_transf_matrix[2][3]   -0.01913748 
_atom_sites.fract_transf_matrix[3][1]   -0.00372646 
_atom_sites.fract_transf_matrix[3][2]   0.00217034 
_atom_sites.fract_transf_matrix[3][3]   -0.00007149 
_atom_sites.fract_transf_vector[1]      -0.395941 
_atom_sites.fract_transf_vector[2]      -0.468509 
_atom_sites.fract_transf_vector[3]      0.017685 
# 
loop_
_atom_type.symbol 
C  
FE 
N  
O  
S  
# 
loop_
_atom_site.group_PDB 
_atom_site.id 
_atom_site.type_symbol 
_atom_site.label_atom_id 
_atom_site.label_alt_id 
_atom_site.label_comp_id 
_atom_site.label_asym_id 
_atom_site.label_entity_id 
_atom_site.label_seq_id 
_atom_site.pdbx_PDB_ins_code 
_atom_site.Cartn_x 
_atom_site.Cartn_y 
_atom_site.Cartn_z 
_atom_site.occupancy 
_atom_site.B_iso_or_equiv 
_atom_site.pdbx_formal_charge 
_atom_site.auth_seq_id 
_atom_site.auth_comp_id 
_atom_site.auth_asym_id 
_atom_site.auth_atom_id 
_atom_site.pdbx_PDB_model_num 
ATOM   1    N  N   . MET A 1 1   ? -24.799 0.865   20.459  1.00 45.09 ? 1   MET A N   1 
ATOM   2    C  CA  . MET A 1 1   ? -23.983 1.928   21.038  1.00 43.28 ? 1   MET A CA  1 
ATOM   3    C  C   . MET A 1 1   ? -22.884 2.374   20.084  1.00 38.32 ? 1   MET A C   1 
ATOM   4    O  O   . MET A 1 1   ? -22.811 1.912   18.940  1.00 32.52 ? 1   MET A O   1 
ATOM   5    C  CB  . MET A 1 1   ? -23.373 1.491   22.374  1.00 46.46 ? 1   MET A CB  1 
ATOM   6    C  CG  . MET A 1 1   ? -23.637 0.041   22.754  1.00 51.80 ? 1   MET A CG  1 
ATOM   7    S  SD  . MET A 1 1   ? -22.323 -1.073  22.212  1.00 67.97 ? 1   MET A SD  1 
ATOM   8    C  CE  . MET A 1 1   ? -20.906 -0.385  23.076  1.00 50.13 ? 1   MET A CE  1 
ATOM   9    N  N   . LEU A 1 2   ? -22.040 3.283   20.564  1.00 36.82 ? 2   LEU A N   1 
ATOM   10   C  CA  . LEU A 1 2   ? -20.917 3.773   19.776  1.00 30.45 ? 2   LEU A CA  1 
ATOM   11   C  C   . LEU A 1 2   ? -19.768 2.776   19.859  1.00 28.74 ? 2   LEU A C   1 
ATOM   12   O  O   . LEU A 1 2   ? -18.819 2.943   20.635  1.00 29.44 ? 2   LEU A O   1 
ATOM   13   C  CB  . LEU A 1 2   ? -20.505 5.172   20.226  1.00 28.89 ? 2   LEU A CB  1 
ATOM   14   C  CG  . LEU A 1 2   ? -21.655 6.172   20.075  1.00 28.17 ? 2   LEU A CG  1 
ATOM   15   C  CD1 . LEU A 1 2   ? -21.204 7.612   20.284  1.00 30.91 ? 2   LEU A CD1 1 
ATOM   16   C  CD2 . LEU A 1 2   ? -22.318 6.012   18.711  1.00 29.25 ? 2   LEU A CD2 1 
ATOM   17   N  N   . THR A 1 3   ? -19.899 1.729   19.049  1.00 29.26 ? 3   THR A N   1 
ATOM   18   C  CA  . THR A 1 3   ? -18.941 0.636   18.937  1.00 28.37 ? 3   THR A CA  1 
ATOM   19   C  C   . THR A 1 3   ? -17.515 1.135   18.736  1.00 26.31 ? 3   THR A C   1 
ATOM   20   O  O   . THR A 1 3   ? -16.563 0.540   19.255  1.00 28.72 ? 3   THR A O   1 
ATOM   21   C  CB  . THR A 1 3   ? -19.322 -0.278  17.757  1.00 29.61 ? 3   THR A CB  1 
ATOM   22   O  OG1 . THR A 1 3   ? -20.726 -0.569  17.811  1.00 32.71 ? 3   THR A OG1 1 
ATOM   23   C  CG2 . THR A 1 3   ? -18.535 -1.572  17.798  1.00 32.07 ? 3   THR A CG2 1 
ATOM   24   N  N   . TYR A 1 4   ? -17.371 2.232   18.000  1.00 26.26 ? 4   TYR A N   1 
ATOM   25   C  CA  . TYR A 1 4   ? -16.048 2.741   17.657  1.00 23.26 ? 4   TYR A CA  1 
ATOM   26   C  C   . TYR A 1 4   ? -15.680 3.968   18.491  1.00 25.98 ? 4   TYR A C   1 
ATOM   27   O  O   . TYR A 1 4   ? -14.758 4.708   18.151  1.00 28.03 ? 4   TYR A O   1 
ATOM   28   C  CB  . TYR A 1 4   ? -15.965 3.056   16.157  1.00 23.67 ? 4   TYR A CB  1 
ATOM   29   C  CG  . TYR A 1 4   ? -16.449 1.922   15.286  1.00 25.09 ? 4   TYR A CG  1 
ATOM   30   C  CD1 . TYR A 1 4   ? -15.834 0.684   15.333  1.00 24.62 ? 4   TYR A CD1 1 
ATOM   31   C  CD2 . TYR A 1 4   ? -17.529 2.085   14.428  1.00 20.92 ? 4   TYR A CD2 1 
ATOM   32   C  CE1 . TYR A 1 4   ? -16.271 -0.360  14.551  1.00 26.07 ? 4   TYR A CE1 1 
ATOM   33   C  CE2 . TYR A 1 4   ? -17.974 1.043   13.638  1.00 22.30 ? 4   TYR A CE2 1 
ATOM   34   C  CZ  . TYR A 1 4   ? -17.341 -0.177  13.706  1.00 27.78 ? 4   TYR A CZ  1 
ATOM   35   O  OH  . TYR A 1 4   ? -17.788 -1.216  12.920  1.00 29.99 ? 4   TYR A OH  1 
ATOM   36   N  N   . GLY A 1 5   ? -16.400 4.173   19.588  1.00 25.56 ? 5   GLY A N   1 
ATOM   37   C  CA  . GLY A 1 5   ? -16.095 5.265   20.493  1.00 25.90 ? 5   GLY A CA  1 
ATOM   38   C  C   . GLY A 1 5   ? -16.530 6.645   20.029  1.00 25.13 ? 5   GLY A C   1 
ATOM   39   O  O   . GLY A 1 5   ? -17.135 6.808   18.962  1.00 24.82 ? 5   GLY A O   1 
ATOM   40   N  N   . ALA A 1 6   ? -16.212 7.645   20.844  1.00 26.37 ? 6   ALA A N   1 
ATOM   41   C  CA  . ALA A 1 6   ? -16.614 9.021   20.599  1.00 26.52 ? 6   ALA A CA  1 
ATOM   42   C  C   . ALA A 1 6   ? -15.686 9.696   19.579  1.00 22.79 ? 6   ALA A C   1 
ATOM   43   O  O   . ALA A 1 6   ? -14.584 9.190   19.312  1.00 24.19 ? 6   ALA A O   1 
ATOM   44   C  CB  . ALA A 1 6   ? -16.627 9.801   21.919  1.00 30.52 ? 6   ALA A CB  1 
ATOM   45   N  N   . PRO A 1 7   ? -16.121 10.839  19.009  1.00 22.34 ? 7   PRO A N   1 
ATOM   46   C  CA  . PRO A 1 7   ? -15.216 11.614  18.145  1.00 21.23 ? 7   PRO A CA  1 
ATOM   47   C  C   . PRO A 1 7   ? -13.957 12.028  18.912  1.00 23.91 ? 7   PRO A C   1 
ATOM   48   O  O   . PRO A 1 7   ? -13.998 12.168  20.140  1.00 24.63 ? 7   PRO A O   1 
ATOM   49   C  CB  . PRO A 1 7   ? -16.042 12.851  17.789  1.00 22.09 ? 7   PRO A CB  1 
ATOM   50   C  CG  . PRO A 1 7   ? -17.484 12.386  17.909  1.00 23.93 ? 7   PRO A CG  1 
ATOM   51   C  CD  . PRO A 1 7   ? -17.472 11.434  19.068  1.00 23.01 ? 7   PRO A CD  1 
ATOM   52   N  N   . PHE A 1 8   ? -12.845 12.213  18.206  1.00 20.49 ? 8   PHE A N   1 
ATOM   53   C  CA  . PHE A 1 8   ? -11.625 12.676  18.854  1.00 22.46 ? 8   PHE A CA  1 
ATOM   54   C  C   . PHE A 1 8   ? -10.800 13.488  17.869  1.00 21.88 ? 8   PHE A C   1 
ATOM   55   O  O   . PHE A 1 8   ? -10.952 13.340  16.652  1.00 20.43 ? 8   PHE A O   1 
ATOM   56   C  CB  . PHE A 1 8   ? -10.797 11.494  19.373  1.00 22.11 ? 8   PHE A CB  1 
ATOM   57   C  CG  . PHE A 1 8   ? -10.444 10.503  18.312  1.00 21.75 ? 8   PHE A CG  1 
ATOM   58   C  CD1 . PHE A 1 8   ? -9.280  10.643  17.582  1.00 20.99 ? 8   PHE A CD1 1 
ATOM   59   C  CD2 . PHE A 1 8   ? -11.291 9.443   18.024  1.00 22.18 ? 8   PHE A CD2 1 
ATOM   60   C  CE1 . PHE A 1 8   ? -8.953  9.732   16.591  1.00 21.93 ? 8   PHE A CE1 1 
ATOM   61   C  CE2 . PHE A 1 8   ? -10.971 8.531   17.029  1.00 24.68 ? 8   PHE A CE2 1 
ATOM   62   C  CZ  . PHE A 1 8   ? -9.794  8.677   16.316  1.00 24.82 ? 8   PHE A CZ  1 
ATOM   63   N  N   . ASN A 1 9   ? -9.901  14.317  18.391  1.00 22.57 ? 9   ASN A N   1 
ATOM   64   C  CA  . ASN A 1 9   ? -9.109  15.207  17.551  1.00 22.23 ? 9   ASN A CA  1 
ATOM   65   C  C   . ASN A 1 9   ? -8.059  14.424  16.752  1.00 20.39 ? 9   ASN A C   1 
ATOM   66   O  O   . ASN A 1 9   ? -7.200  13.740  17.321  1.00 21.92 ? 9   ASN A O   1 
ATOM   67   C  CB  . ASN A 1 9   ? -8.447  16.296  18.405  1.00 23.67 ? 9   ASN A CB  1 
ATOM   68   C  CG  . ASN A 1 9   ? -7.663  17.291  17.578  1.00 26.48 ? 9   ASN A CG  1 
ATOM   69   O  OD1 . ASN A 1 9   ? -6.471  17.100  17.324  1.00 24.65 ? 9   ASN A OD1 1 
ATOM   70   N  ND2 . ASN A 1 9   ? -8.323  18.359  17.148  1.00 25.24 ? 9   ASN A ND2 1 
ATOM   71   N  N   . PHE A 1 10  ? -8.138  14.529  15.428  1.00 19.79 ? 10  PHE A N   1 
ATOM   72   C  CA  . PHE A 1 10  ? -7.280  13.735  14.539  1.00 19.53 ? 10  PHE A CA  1 
ATOM   73   C  C   . PHE A 1 10  ? -5.816  14.200  14.545  1.00 21.45 ? 10  PHE A C   1 
ATOM   74   O  O   . PHE A 1 10  ? -4.928  13.358  14.651  1.00 21.07 ? 10  PHE A O   1 
ATOM   75   C  CB  . PHE A 1 10  ? -7.876  13.718  13.118  1.00 20.52 ? 10  PHE A CB  1 
ATOM   76   C  CG  . PHE A 1 10  ? -7.386  12.588  12.238  1.00 20.85 ? 10  PHE A CG  1 
ATOM   77   C  CD1 . PHE A 1 10  ? -6.811  11.443  12.772  1.00 21.42 ? 10  PHE A CD1 1 
ATOM   78   C  CD2 . PHE A 1 10  ? -7.521  12.686  10.860  1.00 23.04 ? 10  PHE A CD2 1 
ATOM   79   C  CE1 . PHE A 1 10  ? -6.380  10.404  11.934  1.00 20.95 ? 10  PHE A CE1 1 
ATOM   80   C  CE2 . PHE A 1 10  ? -7.085  11.660  10.028  1.00 23.53 ? 10  PHE A CE2 1 
ATOM   81   C  CZ  . PHE A 1 10  ? -6.528  10.524  10.568  1.00 21.99 ? 10  PHE A CZ  1 
ATOM   82   N  N   . PRO A 1 11  ? -5.552  15.522  14.424  1.00 22.22 ? 11  PRO A N   1 
ATOM   83   C  CA  . PRO A 1 11  ? -4.125  15.899  14.458  1.00 22.18 ? 11  PRO A CA  1 
ATOM   84   C  C   . PRO A 1 11  ? -3.420  15.464  15.741  1.00 24.16 ? 11  PRO A C   1 
ATOM   85   O  O   . PRO A 1 11  ? -2.266  15.028  15.703  1.00 24.32 ? 11  PRO A O   1 
ATOM   86   C  CB  . PRO A 1 11  ? -4.166  17.430  14.372  1.00 23.89 ? 11  PRO A CB  1 
ATOM   87   C  CG  . PRO A 1 11  ? -5.447  17.723  13.633  1.00 24.63 ? 11  PRO A CG  1 
ATOM   88   C  CD  . PRO A 1 11  ? -6.417  16.681  14.124  1.00 25.18 ? 11  PRO A CD  1 
ATOM   89   N  N   . ARG A 1 12  ? -4.109  15.564  16.873  1.00 24.26 ? 12  ARG A N   1 
ATOM   90   C  CA  . ARG A 1 12  ? -3.551  15.096  18.135  1.00 27.13 ? 12  ARG A CA  1 
ATOM   91   C  C   . ARG A 1 12  ? -3.292  13.584  18.135  1.00 26.94 ? 12  ARG A C   1 
ATOM   92   O  O   . ARG A 1 12  ? -2.241  13.133  18.592  1.00 25.67 ? 12  ARG A O   1 
ATOM   93   C  CB  . ARG A 1 12  ? -4.451  15.509  19.305  1.00 29.53 ? 12  ARG A CB  1 
ATOM   94   C  CG  . ARG A 1 12  ? -3.931  15.099  20.673  1.00 34.21 ? 12  ARG A CG  1 
ATOM   95   C  CD  . ARG A 1 12  ? -4.511  15.978  21.790  1.00 39.63 ? 12  ARG A CD  1 
ATOM   96   N  NE  . ARG A 1 12  ? -5.697  16.723  21.372  1.00 45.26 ? 12  ARG A NE  1 
ATOM   97   C  CZ  . ARG A 1 12  ? -5.729  18.041  21.185  1.00 44.86 ? 12  ARG A CZ  1 
ATOM   98   N  NH1 . ARG A 1 12  ? -4.634  18.768  21.390  1.00 48.02 ? 12  ARG A NH1 1 
ATOM   99   N  NH2 . ARG A 1 12  ? -6.852  18.635  20.799  1.00 41.88 ? 12  ARG A NH2 1 
ATOM   100  N  N   . TRP A 1 13  ? -4.230  12.805  17.599  1.00 24.32 ? 13  TRP A N   1 
ATOM   101  C  CA  . TRP A 1 13  ? -4.052  11.360  17.445  1.00 22.35 ? 13  TRP A CA  1 
ATOM   102  C  C   . TRP A 1 13  ? -2.826  11.051  16.589  1.00 22.39 ? 13  TRP A C   1 
ATOM   103  O  O   . TRP A 1 13  ? -2.039  10.152  16.916  1.00 23.35 ? 13  TRP A O   1 
ATOM   104  C  CB  . TRP A 1 13  ? -5.301  10.741  16.796  1.00 22.58 ? 13  TRP A CB  1 
ATOM   105  C  CG  . TRP A 1 13  ? -5.293  9.229   16.695  1.00 22.66 ? 13  TRP A CG  1 
ATOM   106  C  CD1 . TRP A 1 13  ? -5.871  8.348   17.569  1.00 24.28 ? 13  TRP A CD1 1 
ATOM   107  C  CD2 . TRP A 1 13  ? -4.714  8.425   15.647  1.00 22.18 ? 13  TRP A CD2 1 
ATOM   108  N  NE1 . TRP A 1 13  ? -5.680  7.057   17.141  1.00 25.37 ? 13  TRP A NE1 1 
ATOM   109  C  CE2 . TRP A 1 13  ? -4.971  7.074   15.969  1.00 23.62 ? 13  TRP A CE2 1 
ATOM   110  C  CE3 . TRP A 1 13  ? -4.004  8.719   14.479  1.00 23.20 ? 13  TRP A CE3 1 
ATOM   111  C  CZ2 . TRP A 1 13  ? -4.547  6.019   15.159  1.00 25.22 ? 13  TRP A CZ2 1 
ATOM   112  C  CZ3 . TRP A 1 13  ? -3.568  7.662   13.677  1.00 22.69 ? 13  TRP A CZ3 1 
ATOM   113  C  CH2 . TRP A 1 13  ? -3.845  6.331   14.021  1.00 23.66 ? 13  TRP A CH2 1 
ATOM   114  N  N   . ILE A 1 14  ? -2.657  11.795  15.500  1.00 20.84 ? 14  ILE A N   1 
ATOM   115  C  CA  . ILE A 1 14  ? -1.526  11.562  14.601  1.00 21.27 ? 14  ILE A CA  1 
ATOM   116  C  C   . ILE A 1 14  ? -0.216  11.856  15.334  1.00 25.34 ? 14  ILE A C   1 
ATOM   117  O  O   . ILE A 1 14  ? 0.738   11.059  15.268  1.00 24.49 ? 14  ILE A O   1 
ATOM   118  C  CB  . ILE A 1 14  ? -1.623  12.402  13.313  1.00 20.54 ? 14  ILE A CB  1 
ATOM   119  C  CG1 . ILE A 1 14  ? -2.792  11.913  12.458  1.00 21.71 ? 14  ILE A CG1 1 
ATOM   120  C  CG2 . ILE A 1 14  ? -0.328  12.271  12.497  1.00 21.32 ? 14  ILE A CG2 1 
ATOM   121  C  CD1 . ILE A 1 14  ? -3.100  12.788  11.235  1.00 21.73 ? 14  ILE A CD1 1 
ATOM   122  N  N   . ASP A 1 15  ? -0.185  12.980  16.050  1.00 24.00 ? 15  ASP A N   1 
ATOM   123  C  CA  . ASP A 1 15  ? 0.991   13.366  16.840  1.00 27.60 ? 15  ASP A CA  1 
ATOM   124  C  C   . ASP A 1 15  ? 1.352   12.296  17.861  1.00 28.72 ? 15  ASP A C   1 
ATOM   125  O  O   . ASP A 1 15  ? 2.528   11.940  18.009  1.00 29.48 ? 15  ASP A O   1 
ATOM   126  C  CB  . ASP A 1 15  ? 0.749   14.697  17.564  1.00 27.65 ? 15  ASP A CB  1 
ATOM   127  C  CG  . ASP A 1 15  ? 0.676   15.879  16.616  1.00 30.45 ? 15  ASP A CG  1 
ATOM   128  O  OD1 . ASP A 1 15  ? 1.078   15.731  15.443  1.00 33.31 ? 15  ASP A OD1 1 
ATOM   129  O  OD2 . ASP A 1 15  ? 0.231   16.965  17.047  1.00 34.33 ? 15  ASP A OD2 1 
ATOM   130  N  N   . GLU A 1 16  ? 0.341   11.777  18.555  1.00 27.23 ? 16  GLU A N   1 
ATOM   131  C  CA  . GLU A 1 16  ? 0.547   10.775  19.598  1.00 29.60 ? 16  GLU A CA  1 
ATOM   132  C  C   . GLU A 1 16  ? 1.019   9.431   19.051  1.00 30.06 ? 16  GLU A C   1 
ATOM   133  O  O   . GLU A 1 16  ? 1.631   8.637   19.772  1.00 29.63 ? 16  GLU A O   1 
ATOM   134  C  CB  . GLU A 1 16  ? -0.729  10.602  20.427  1.00 32.02 ? 16  GLU A CB  1 
ATOM   135  C  CG  . GLU A 1 16  ? -1.054  11.816  21.284  1.00 34.12 ? 16  GLU A CG  1 
ATOM   136  C  CD  . GLU A 1 16  ? -2.375  11.688  22.016  1.00 41.17 ? 16  GLU A CD  1 
ATOM   137  O  OE1 . GLU A 1 16  ? -3.103  10.702  21.766  1.00 42.66 ? 16  GLU A OE1 1 
ATOM   138  O  OE2 . GLU A 1 16  ? -2.688  12.580  22.836  1.00 44.44 ? 16  GLU A OE2 1 
ATOM   139  N  N   . HIS A 1 17  ? 0.751   9.183   17.772  1.00 27.45 ? 17  HIS A N   1 
ATOM   140  C  CA  . HIS A 1 17  ? 1.177   7.938   17.134  1.00 27.29 ? 17  HIS A CA  1 
ATOM   141  C  C   . HIS A 1 17  ? 2.371   8.119   16.189  1.00 27.66 ? 17  HIS A C   1 
ATOM   142  O  O   . HIS A 1 17  ? 2.668   7.234   15.391  1.00 27.29 ? 17  HIS A O   1 
ATOM   143  C  CB  . HIS A 1 17  ? 0.006   7.291   16.386  1.00 27.74 ? 17  HIS A CB  1 
ATOM   144  C  CG  . HIS A 1 17  ? -1.079  6.786   17.284  1.00 29.15 ? 17  HIS A CG  1 
ATOM   145  N  ND1 . HIS A 1 17  ? -2.033  7.610   17.844  1.00 26.79 ? 17  HIS A ND1 1 
ATOM   146  C  CD2 . HIS A 1 17  ? -1.360  5.536   17.724  1.00 32.78 ? 17  HIS A CD2 1 
ATOM   147  C  CE1 . HIS A 1 17  ? -2.854  6.888   18.589  1.00 29.41 ? 17  HIS A CE1 1 
ATOM   148  N  NE2 . HIS A 1 17  ? -2.468  5.627   18.529  1.00 32.94 ? 17  HIS A NE2 1 
ATOM   149  N  N   . ALA A 1 18  ? 3.048   9.257   16.293  1.00 26.79 ? 18  ALA A N   1 
ATOM   150  C  CA  . ALA A 1 18  ? 4.185   9.566   15.423  1.00 28.98 ? 18  ALA A CA  1 
ATOM   151  C  C   . ALA A 1 18  ? 5.251   8.473   15.430  1.00 28.16 ? 18  ALA A C   1 
ATOM   152  O  O   . ALA A 1 18  ? 5.874   8.205   14.405  1.00 28.60 ? 18  ALA A O   1 
ATOM   153  C  CB  . ALA A 1 18  ? 4.795   10.910  15.792  1.00 31.67 ? 18  ALA A CB  1 
ATOM   154  N  N   . HIS A 1 19  ? 5.449   7.834   16.579  1.00 30.72 ? 19  HIS A N   1 
ATOM   155  C  CA  . HIS A 1 19  ? 6.466   6.787   16.698  1.00 30.63 ? 19  HIS A CA  1 
ATOM   156  C  C   . HIS A 1 19  ? 6.120   5.535   15.891  1.00 30.40 ? 19  HIS A C   1 
ATOM   157  O  O   . HIS A 1 19  ? 6.985   4.710   15.605  1.00 31.44 ? 19  HIS A O   1 
ATOM   158  C  CB  . HIS A 1 19  ? 6.699   6.422   18.171  1.00 34.23 ? 19  HIS A CB  1 
ATOM   159  C  CG  . HIS A 1 19  ? 5.448   6.043   18.902  1.00 36.10 ? 19  HIS A CG  1 
ATOM   160  N  ND1 . HIS A 1 19  ? 5.124   4.734   19.192  1.00 39.15 ? 19  HIS A ND1 1 
ATOM   161  C  CD2 . HIS A 1 19  ? 4.435   6.798   19.383  1.00 31.53 ? 19  HIS A CD2 1 
ATOM   162  C  CE1 . HIS A 1 19  ? 3.968   4.703   19.830  1.00 36.25 ? 19  HIS A CE1 1 
ATOM   163  N  NE2 . HIS A 1 19  ? 3.530   5.941   19.964  1.00 38.30 ? 19  HIS A NE2 1 
ATOM   164  N  N   . LEU A 1 20  ? 4.849   5.397   15.528  1.00 29.37 ? 20  LEU A N   1 
ATOM   165  C  CA  . LEU A 1 20  ? 4.389   4.258   14.744  1.00 26.48 ? 20  LEU A CA  1 
ATOM   166  C  C   . LEU A 1 20  ? 4.305   4.599   13.260  1.00 27.89 ? 20  LEU A C   1 
ATOM   167  O  O   . LEU A 1 20  ? 4.186   3.709   12.417  1.00 30.42 ? 20  LEU A O   1 
ATOM   168  C  CB  . LEU A 1 20  ? 3.023   3.790   15.253  1.00 29.84 ? 20  LEU A CB  1 
ATOM   169  C  CG  . LEU A 1 20  ? 2.984   3.284   16.696  1.00 31.87 ? 20  LEU A CG  1 
ATOM   170  C  CD1 . LEU A 1 20  ? 1.557   3.027   17.140  1.00 36.22 ? 20  LEU A CD1 1 
ATOM   171  C  CD2 . LEU A 1 20  ? 3.813   2.019   16.832  1.00 34.89 ? 20  LEU A CD2 1 
ATOM   172  N  N   . LEU A 1 21  ? 4.370   5.891   12.948  1.00 24.94 ? 21  LEU A N   1 
ATOM   173  C  CA  . LEU A 1 21  ? 4.209   6.361   11.572  1.00 25.41 ? 21  LEU A CA  1 
ATOM   174  C  C   . LEU A 1 21  ? 5.564   6.574   10.897  1.00 24.72 ? 21  LEU A C   1 
ATOM   175  O  O   . LEU A 1 21  ? 5.787   7.555   10.182  1.00 23.84 ? 21  LEU A O   1 
ATOM   176  C  CB  . LEU A 1 21  ? 3.380   7.644   11.552  1.00 24.69 ? 21  LEU A CB  1 
ATOM   177  C  CG  . LEU A 1 21  ? 1.984   7.484   12.169  1.00 25.33 ? 21  LEU A CG  1 
ATOM   178  C  CD1 . LEU A 1 21  ? 1.233   8.810   12.201  1.00 23.45 ? 21  LEU A CD1 1 
ATOM   179  C  CD2 . LEU A 1 21  ? 1.205   6.444   11.397  1.00 23.26 ? 21  LEU A CD2 1 
ATOM   180  N  N   . LYS A 1 22  ? 6.461   5.628   11.142  1.00 25.53 ? 22  LYS A N   1 
ATOM   181  C  CA  . LYS A 1 22  ? 7.823   5.656   10.618  1.00 26.31 ? 22  LYS A CA  1 
ATOM   182  C  C   . LYS A 1 22  ? 8.302   4.215   10.700  1.00 27.48 ? 22  LYS A C   1 
ATOM   183  O  O   . LYS A 1 22  ? 7.643   3.390   11.335  1.00 27.41 ? 22  LYS A O   1 
ATOM   184  C  CB  . LYS A 1 22  ? 8.701   6.586   11.465  1.00 27.74 ? 22  LYS A CB  1 
ATOM   185  C  CG  . LYS A 1 22  ? 8.933   6.098   12.894  1.00 30.15 ? 22  LYS A CG  1 
ATOM   186  C  CD  . LYS A 1 22  ? 9.730   7.115   13.715  1.00 33.05 ? 22  LYS A CD  1 
ATOM   187  C  CE  . LYS A 1 22  ? 10.401  6.445   14.909  1.00 41.15 ? 22  LYS A CE  1 
ATOM   188  N  NZ  . LYS A 1 22  ? 9.503   5.487   15.618  1.00 43.51 ? 22  LYS A NZ  1 
ATOM   189  N  N   . PRO A 1 23  ? 9.428   3.889   10.039  1.00 25.54 ? 23  PRO A N   1 
ATOM   190  C  CA  . PRO A 1 23  ? 9.936   2.513   10.105  1.00 29.66 ? 23  PRO A CA  1 
ATOM   191  C  C   . PRO A 1 23  ? 10.212  2.084   11.547  1.00 26.05 ? 23  PRO A C   1 
ATOM   192  O  O   . PRO A 1 23  ? 10.611  2.912   12.364  1.00 28.38 ? 23  PRO A O   1 
ATOM   193  C  CB  . PRO A 1 23  ? 11.244  2.588   9.310   1.00 28.75 ? 23  PRO A CB  1 
ATOM   194  C  CG  . PRO A 1 23  ? 11.009  3.695   8.323   1.00 26.40 ? 23  PRO A CG  1 
ATOM   195  C  CD  . PRO A 1 23  ? 10.150  4.703   9.044   1.00 26.23 ? 23  PRO A CD  1 
ATOM   196  N  N   . PRO A 1 24  ? 10.003  0.795   11.856  1.00 26.47 ? 24  PRO A N   1 
ATOM   197  C  CA  . PRO A 1 24  ? 9.630   -0.263  10.908  1.00 27.86 ? 24  PRO A CA  1 
ATOM   198  C  C   . PRO A 1 24  ? 8.122   -0.473  10.701  1.00 31.19 ? 24  PRO A C   1 
ATOM   199  O  O   . PRO A 1 24  ? 7.746   -1.212  9.786   1.00 33.33 ? 24  PRO A O   1 
ATOM   200  C  CB  . PRO A 1 24  ? 10.243  -1.515  11.548  1.00 28.01 ? 24  PRO A CB  1 
ATOM   201  C  CG  . PRO A 1 24  ? 10.145  -1.237  13.015  1.00 28.93 ? 24  PRO A CG  1 
ATOM   202  C  CD  . PRO A 1 24  ? 10.370  0.245   13.176  1.00 29.70 ? 24  PRO A CD  1 
ATOM   203  N  N   . VAL A 1 25  ? 7.280   0.162   11.514  1.00 28.14 ? 25  VAL A N   1 
ATOM   204  C  CA  . VAL A 1 25  ? 5.834   -0.077  11.458  1.00 29.27 ? 25  VAL A CA  1 
ATOM   205  C  C   . VAL A 1 25  ? 5.184   0.669   10.285  1.00 32.15 ? 25  VAL A C   1 
ATOM   206  O  O   . VAL A 1 25  ? 4.558   0.055   9.413   1.00 35.09 ? 25  VAL A O   1 
ATOM   207  C  CB  . VAL A 1 25  ? 5.163   0.306   12.788  1.00 31.03 ? 25  VAL A CB  1 
ATOM   208  C  CG1 . VAL A 1 25  ? 3.683   -0.050  12.767  1.00 34.22 ? 25  VAL A CG1 1 
ATOM   209  C  CG2 . VAL A 1 25  ? 5.858   -0.394  13.957  1.00 33.98 ? 25  VAL A CG2 1 
ATOM   210  N  N   . GLY A 1 26  ? 5.323   1.991   10.276  1.00 27.38 ? 26  GLY A N   1 
ATOM   211  C  CA  . GLY A 1 26  ? 4.975   2.779   9.108   1.00 26.48 ? 26  GLY A CA  1 
ATOM   212  C  C   . GLY A 1 26  ? 3.536   3.257   9.037   1.00 26.22 ? 26  GLY A C   1 
ATOM   213  O  O   . GLY A 1 26  ? 3.256   4.293   8.442   1.00 26.49 ? 26  GLY A O   1 
ATOM   214  N  N   . ASN A 1 27  ? 2.623   2.501   9.631   1.00 23.30 ? 27  ASN A N   1 
ATOM   215  C  CA  . ASN A 1 27  ? 1.210   2.850   9.537   1.00 24.95 ? 27  ASN A CA  1 
ATOM   216  C  C   . ASN A 1 27  ? 0.443   2.428   10.779  1.00 25.60 ? 27  ASN A C   1 
ATOM   217  O  O   . ASN A 1 27  ? 0.928   1.660   11.604  1.00 27.20 ? 27  ASN A O   1 
ATOM   218  C  CB  . ASN A 1 27  ? 0.599   2.214   8.291   1.00 23.72 ? 27  ASN A CB  1 
ATOM   219  C  CG  . ASN A 1 27  ? 0.469   0.715   8.409   1.00 30.74 ? 27  ASN A CG  1 
ATOM   220  O  OD1 . ASN A 1 27  ? -0.478  0.210   9.019   1.00 36.00 ? 27  ASN A OD1 1 
ATOM   221  N  ND2 . ASN A 1 27  ? 1.419   -0.010  7.832   1.00 34.06 ? 27  ASN A ND2 1 
ATOM   222  N  N   . ARG A 1 28  ? -0.775  2.929   10.912  1.00 23.03 ? 28  ARG A N   1 
ATOM   223  C  CA  . ARG A 1 28  ? -1.573  2.592   12.073  1.00 22.69 ? 28  ARG A CA  1 
ATOM   224  C  C   . ARG A 1 28  ? -3.031  2.693   11.682  1.00 22.75 ? 28  ARG A C   1 
ATOM   225  O  O   . ARG A 1 28  ? -3.478  3.731   11.190  1.00 21.87 ? 28  ARG A O   1 
ATOM   226  C  CB  . ARG A 1 28  ? -1.250  3.551   13.218  1.00 27.31 ? 28  ARG A CB  1 
ATOM   227  C  CG  . ARG A 1 28  ? -2.081  3.360   14.475  1.00 31.21 ? 28  ARG A CG  1 
ATOM   228  C  CD  . ARG A 1 28  ? -1.733  2.074   15.187  1.00 36.21 ? 28  ARG A CD  1 
ATOM   229  N  NE  . ARG A 1 28  ? -2.334  2.033   16.517  1.00 42.37 ? 28  ARG A NE  1 
ATOM   230  C  CZ  . ARG A 1 28  ? -1.937  1.218   17.491  1.00 44.37 ? 28  ARG A CZ  1 
ATOM   231  N  NH1 . ARG A 1 28  ? -0.936  0.375   17.284  1.00 49.53 ? 28  ARG A NH1 1 
ATOM   232  N  NH2 . ARG A 1 28  ? -2.542  1.252   18.671  1.00 51.38 ? 28  ARG A NH2 1 
ATOM   233  N  N   . GLN A 1 29  ? -3.762  1.602   11.877  1.00 21.45 ? 29  GLN A N   1 
ATOM   234  C  CA  . GLN A 1 29  ? -5.202  1.599   11.625  1.00 21.99 ? 29  GLN A CA  1 
ATOM   235  C  C   . GLN A 1 29  ? -5.910  2.303   12.779  1.00 21.95 ? 29  GLN A C   1 
ATOM   236  O  O   . GLN A 1 29  ? -5.573  2.092   13.945  1.00 23.15 ? 29  GLN A O   1 
ATOM   237  C  CB  . GLN A 1 29  ? -5.682  0.156   11.488  1.00 23.80 ? 29  GLN A CB  1 
ATOM   238  C  CG  . GLN A 1 29  ? -7.115  0.002   11.029  1.00 25.87 ? 29  GLN A CG  1 
ATOM   239  C  CD  . GLN A 1 29  ? -7.431  -1.428  10.624  1.00 28.99 ? 29  GLN A CD  1 
ATOM   240  O  OE1 . GLN A 1 29  ? -6.609  -2.105  9.995   1.00 30.69 ? 29  GLN A OE1 1 
ATOM   241  N  NE2 . GLN A 1 29  ? -8.624  -1.898  10.984  1.00 30.49 ? 29  GLN A NE2 1 
ATOM   242  N  N   . VAL A 1 30  ? -6.896  3.146   12.467  1.00 19.18 ? 30  VAL A N   1 
ATOM   243  C  CA  . VAL A 1 30  ? -7.540  3.946   13.503  1.00 21.24 ? 30  VAL A CA  1 
ATOM   244  C  C   . VAL A 1 30  ? -8.551  3.160   14.344  1.00 23.08 ? 30  VAL A C   1 
ATOM   245  O  O   . VAL A 1 30  ? -8.517  3.215   15.575  1.00 24.36 ? 30  VAL A O   1 
ATOM   246  C  CB  . VAL A 1 30  ? -8.233  5.176   12.906  1.00 18.85 ? 30  VAL A CB  1 
ATOM   247  C  CG1 . VAL A 1 30  ? -8.899  6.005   13.996  1.00 21.58 ? 30  VAL A CG1 1 
ATOM   248  C  CG2 . VAL A 1 30  ? -7.218  6.033   12.149  1.00 22.09 ? 30  VAL A CG2 1 
ATOM   249  N  N   . TRP A 1 31  ? -9.465  2.454   13.681  1.00 22.06 ? 31  TRP A N   1 
ATOM   250  C  CA  . TRP A 1 31  ? -10.468 1.659   14.387  1.00 24.45 ? 31  TRP A CA  1 
ATOM   251  C  C   . TRP A 1 31  ? -10.353 0.197   14.008  1.00 24.91 ? 31  TRP A C   1 
ATOM   252  O  O   . TRP A 1 31  ? -10.035 -0.123  12.862  1.00 26.26 ? 31  TRP A O   1 
ATOM   253  C  CB  . TRP A 1 31  ? -11.879 2.136   14.047  1.00 23.78 ? 31  TRP A CB  1 
ATOM   254  C  CG  . TRP A 1 31  ? -12.193 3.504   14.522  1.00 21.36 ? 31  TRP A CG  1 
ATOM   255  C  CD1 . TRP A 1 31  ? -12.482 3.883   15.800  1.00 23.01 ? 31  TRP A CD1 1 
ATOM   256  C  CD2 . TRP A 1 31  ? -12.273 4.692   13.723  1.00 20.62 ? 31  TRP A CD2 1 
ATOM   257  N  NE1 . TRP A 1 31  ? -12.728 5.233   15.850  1.00 22.73 ? 31  TRP A NE1 1 
ATOM   258  C  CE2 . TRP A 1 31  ? -12.614 5.752   14.588  1.00 20.27 ? 31  TRP A CE2 1 
ATOM   259  C  CE3 . TRP A 1 31  ? -12.102 4.957   12.362  1.00 21.59 ? 31  TRP A CE3 1 
ATOM   260  C  CZ2 . TRP A 1 31  ? -12.774 7.066   14.134  1.00 19.84 ? 31  TRP A CZ2 1 
ATOM   261  C  CZ3 . TRP A 1 31  ? -12.258 6.254   11.913  1.00 18.26 ? 31  TRP A CZ3 1 
ATOM   262  C  CH2 . TRP A 1 31  ? -12.601 7.295   12.795  1.00 20.83 ? 31  TRP A CH2 1 
ATOM   263  N  N   . GLN A 1 32  ? -10.639 -0.694  14.957  1.00 28.55 ? 32  GLN A N   1 
ATOM   264  C  CA  . GLN A 1 32  ? -10.579 -2.130  14.678  1.00 30.51 ? 32  GLN A CA  1 
ATOM   265  C  C   . GLN A 1 32  ? -11.965 -2.722  14.415  1.00 28.12 ? 32  GLN A C   1 
ATOM   266  O  O   . GLN A 1 32  ? -12.965 -2.228  14.936  1.00 31.56 ? 32  GLN A O   1 
ATOM   267  C  CB  . GLN A 1 32  ? -9.915  -2.883  15.836  1.00 31.62 ? 32  GLN A CB  1 
ATOM   268  C  CG  . GLN A 1 32  ? -8.439  -2.562  16.025  1.00 32.62 ? 32  GLN A CG  1 
ATOM   269  C  CD  . GLN A 1 32  ? -7.578  -3.066  14.881  1.00 37.08 ? 32  GLN A CD  1 
ATOM   270  O  OE1 . GLN A 1 32  ? -7.730  -4.202  14.424  1.00 39.50 ? 32  GLN A OE1 1 
ATOM   271  N  NE2 . GLN A 1 32  ? -6.668  -2.220  14.409  1.00 38.08 ? 32  GLN A NE2 1 
ATOM   272  N  N   . ASP A 1 33  ? -11.999 -3.772  13.597  1.00 29.88 ? 33  ASP A N   1 
ATOM   273  C  CA  . ASP A 1 33  ? -13.199 -4.574  13.360  1.00 32.45 ? 33  ASP A CA  1 
ATOM   274  C  C   . ASP A 1 33  ? -14.344 -3.753  12.774  1.00 30.81 ? 33  ASP A C   1 
ATOM   275  O  O   . ASP A 1 33  ? -15.516 -4.008  13.050  1.00 33.06 ? 33  ASP A O   1 
ATOM   276  C  CB  . ASP A 1 33  ? -13.640 -5.280  14.643  1.00 35.19 ? 33  ASP A CB  1 
ATOM   277  C  CG  . ASP A 1 33  ? -12.556 -6.185  15.214  1.00 40.85 ? 33  ASP A CG  1 
ATOM   278  O  OD1 . ASP A 1 33  ? -11.928 -6.937  14.436  1.00 46.43 ? 33  ASP A OD1 1 
ATOM   279  O  OD2 . ASP A 1 33  ? -12.323 -6.131  16.440  1.00 44.93 ? 33  ASP A OD2 1 
ATOM   280  N  N   . SER A 1 34  ? -13.986 -2.764  11.967  1.00 27.99 ? 34  SER A N   1 
ATOM   281  C  CA  . SER A 1 34  ? -14.975 -1.943  11.282  1.00 24.13 ? 34  SER A CA  1 
ATOM   282  C  C   . SER A 1 34  ? -14.982 -2.338  9.815   1.00 25.23 ? 34  SER A C   1 
ATOM   283  O  O   . SER A 1 34  ? -14.012 -2.930  9.318   1.00 25.62 ? 34  SER A O   1 
ATOM   284  C  CB  . SER A 1 34  ? -14.610 -0.471  11.423  1.00 24.19 ? 34  SER A CB  1 
ATOM   285  O  OG  . SER A 1 34  ? -13.280 -0.244  11.007  1.00 25.46 ? 34  SER A OG  1 
ATOM   286  N  N   . ASP A 1 35  ? -16.072 -2.021  9.124   1.00 21.10 ? 35  ASP A N   1 
ATOM   287  C  CA  . ASP A 1 35  ? -16.174 -2.279  7.698   1.00 19.96 ? 35  ASP A CA  1 
ATOM   288  C  C   . ASP A 1 35  ? -15.253 -1.337  6.945   1.00 22.90 ? 35  ASP A C   1 
ATOM   289  O  O   . ASP A 1 35  ? -14.552 -1.744  6.018   1.00 23.42 ? 35  ASP A O   1 
ATOM   290  C  CB  . ASP A 1 35  ? -17.615 -2.058  7.227   1.00 22.25 ? 35  ASP A CB  1 
ATOM   291  C  CG  . ASP A 1 35  ? -17.798 -2.369  5.755   1.00 25.56 ? 35  ASP A CG  1 
ATOM   292  O  OD1 . ASP A 1 35  ? -17.372 -3.463  5.328   1.00 28.13 ? 35  ASP A OD1 1 
ATOM   293  O  OD2 . ASP A 1 35  ? -18.355 -1.525  5.024   1.00 27.34 ? 35  ASP A OD2 1 
ATOM   294  N  N   . PHE A 1 36  ? -15.244 -0.070  7.349   1.00 19.46 ? 36  PHE A N   1 
ATOM   295  C  CA  . PHE A 1 36  ? -14.305 0.896   6.774   1.00 19.44 ? 36  PHE A CA  1 
ATOM   296  C  C   . PHE A 1 36  ? -12.958 0.722   7.452   1.00 21.63 ? 36  PHE A C   1 
ATOM   297  O  O   . PHE A 1 36  ? -12.853 0.817   8.677   1.00 21.89 ? 36  PHE A O   1 
ATOM   298  C  CB  . PHE A 1 36  ? -14.782 2.343   6.985   1.00 20.62 ? 36  PHE A CB  1 
ATOM   299  C  CG  . PHE A 1 36  ? -16.009 2.707   6.213   1.00 25.66 ? 36  PHE A CG  1 
ATOM   300  C  CD1 . PHE A 1 36  ? -16.735 1.754   5.512   1.00 26.38 ? 36  PHE A CD1 1 
ATOM   301  C  CD2 . PHE A 1 36  ? -16.463 4.013   6.214   1.00 26.11 ? 36  PHE A CD2 1 
ATOM   302  C  CE1 . PHE A 1 36  ? -17.871 2.107   4.829   1.00 29.00 ? 36  PHE A CE1 1 
ATOM   303  C  CE2 . PHE A 1 36  ? -17.577 4.362   5.523   1.00 25.42 ? 36  PHE A CE2 1 
ATOM   304  C  CZ  . PHE A 1 36  ? -18.284 3.416   4.829   1.00 28.93 ? 36  PHE A CZ  1 
ATOM   305  N  N   . ILE A 1 37  ? -11.932 0.455   6.653   1.00 18.06 ? 37  ILE A N   1 
ATOM   306  C  CA  . ILE A 1 37  ? -10.583 0.321   7.172   1.00 19.70 ? 37  ILE A CA  1 
ATOM   307  C  C   . ILE A 1 37  ? -9.948  1.680   7.031   1.00 20.65 ? 37  ILE A C   1 
ATOM   308  O  O   . ILE A 1 37  ? -9.708  2.136   5.917   1.00 21.92 ? 37  ILE A O   1 
ATOM   309  C  CB  . ILE A 1 37  ? -9.770  -0.676  6.347   1.00 20.63 ? 37  ILE A CB  1 
ATOM   310  C  CG1 . ILE A 1 37  ? -10.512 -2.005  6.275   1.00 25.01 ? 37  ILE A CG1 1 
ATOM   311  C  CG2 . ILE A 1 37  ? -8.388  -0.858  6.957   1.00 22.10 ? 37  ILE A CG2 1 
ATOM   312  C  CD1 . ILE A 1 37  ? -10.806 -2.575  7.623   1.00 28.86 ? 37  ILE A CD1 1 
ATOM   313  N  N   . VAL A 1 38  ? -9.699  2.336   8.160   1.00 18.68 ? 38  VAL A N   1 
ATOM   314  C  CA  . VAL A 1 38  ? -9.213  3.706   8.149   1.00 18.71 ? 38  VAL A CA  1 
ATOM   315  C  C   . VAL A 1 38  ? -7.798  3.676   8.706   1.00 18.41 ? 38  VAL A C   1 
ATOM   316  O  O   . VAL A 1 38  ? -7.588  3.273   9.846   1.00 20.09 ? 38  VAL A O   1 
ATOM   317  C  CB  . VAL A 1 38  ? -10.117 4.623   8.999   1.00 18.51 ? 38  VAL A CB  1 
ATOM   318  C  CG1 . VAL A 1 38  ? -9.593  6.043   8.991   1.00 19.24 ? 38  VAL A CG1 1 
ATOM   319  C  CG2 . VAL A 1 38  ? -11.561 4.610   8.465   1.00 18.42 ? 38  VAL A CG2 1 
ATOM   320  N  N   . THR A 1 39  ? -6.833  4.093   7.894   1.00 17.68 ? 39  THR A N   1 
ATOM   321  C  CA  . THR A 1 39  ? -5.415  3.941   8.239   1.00 20.12 ? 39  THR A CA  1 
ATOM   322  C  C   . THR A 1 39  ? -4.693  5.258   8.027   1.00 18.92 ? 39  THR A C   1 
ATOM   323  O  O   . THR A 1 39  ? -5.023  6.003   7.111   1.00 20.35 ? 39  THR A O   1 
ATOM   324  C  CB  . THR A 1 39  ? -4.745  2.865   7.346   1.00 19.06 ? 39  THR A CB  1 
ATOM   325  O  OG1 . THR A 1 39  ? -5.506  1.653   7.398   1.00 21.80 ? 39  THR A OG1 1 
ATOM   326  C  CG2 . THR A 1 39  ? -3.293  2.570   7.793   1.00 22.48 ? 39  THR A CG2 1 
ATOM   327  N  N   . VAL A 1 40  ? -3.709  5.551   8.877   1.00 19.29 ? 40  VAL A N   1 
ATOM   328  C  CA  . VAL A 1 40  ? -2.802  6.666   8.629   1.00 17.57 ? 40  VAL A CA  1 
ATOM   329  C  C   . VAL A 1 40  ? -1.447  6.059   8.293   1.00 17.40 ? 40  VAL A C   1 
ATOM   330  O  O   . VAL A 1 40  ? -0.947  5.211   9.024   1.00 20.53 ? 40  VAL A O   1 
ATOM   331  C  CB  . VAL A 1 40  ? -2.705  7.616   9.826   1.00 17.98 ? 40  VAL A CB  1 
ATOM   332  C  CG1 . VAL A 1 40  ? -1.722  8.735   9.528   1.00 19.96 ? 40  VAL A CG1 1 
ATOM   333  C  CG2 . VAL A 1 40  ? -4.086  8.208   10.133  1.00 18.33 ? 40  VAL A CG2 1 
ATOM   334  N  N   . VAL A 1 41  ? -0.896  6.475   7.159   1.00 16.74 ? 41  VAL A N   1 
ATOM   335  C  CA  . VAL A 1 41  ? 0.361   5.922   6.673   1.00 18.31 ? 41  VAL A CA  1 
ATOM   336  C  C   . VAL A 1 41  ? 1.421   7.011   6.686   1.00 18.85 ? 41  VAL A C   1 
ATOM   337  O  O   . VAL A 1 41  ? 1.228   8.089   6.125   1.00 18.58 ? 41  VAL A O   1 
ATOM   338  C  CB  . VAL A 1 41  ? 0.209   5.361   5.249   1.00 19.81 ? 41  VAL A CB  1 
ATOM   339  C  CG1 . VAL A 1 41  ? 1.497   4.675   4.829   1.00 21.78 ? 41  VAL A CG1 1 
ATOM   340  C  CG2 . VAL A 1 41  ? -0.944  4.371   5.179   1.00 22.73 ? 41  VAL A CG2 1 
ATOM   341  N  N   . GLY A 1 42  ? 2.556   6.715   7.312   1.00 20.77 ? 42  GLY A N   1 
ATOM   342  C  CA  . GLY A 1 42  ? 3.610   7.698   7.444   1.00 20.33 ? 42  GLY A CA  1 
ATOM   343  C  C   . GLY A 1 42  ? 4.743   7.410   6.483   1.00 21.68 ? 42  GLY A C   1 
ATOM   344  O  O   . GLY A 1 42  ? 4.518   6.964   5.357   1.00 23.34 ? 42  GLY A O   1 
ATOM   345  N  N   . GLY A 1 43  ? 5.961   7.675   6.931   1.00 22.08 ? 43  GLY A N   1 
ATOM   346  C  CA  . GLY A 1 43  ? 7.130   7.468   6.093   1.00 22.90 ? 43  GLY A CA  1 
ATOM   347  C  C   . GLY A 1 43  ? 8.371   7.675   6.917   1.00 22.62 ? 43  GLY A C   1 
ATOM   348  O  O   . GLY A 1 43  ? 8.284   8.011   8.091   1.00 23.22 ? 43  GLY A O   1 
ATOM   349  N  N   . PRO A 1 44  ? 9.545   7.476   6.308   1.00 21.65 ? 44  PRO A N   1 
ATOM   350  C  CA  . PRO A 1 44  ? 9.684   7.132   4.892   1.00 20.64 ? 44  PRO A CA  1 
ATOM   351  C  C   . PRO A 1 44  ? 9.437   5.651   4.599   1.00 22.00 ? 44  PRO A C   1 
ATOM   352  O  O   . PRO A 1 44  ? 9.649   4.795   5.461   1.00 24.08 ? 44  PRO A O   1 
ATOM   353  C  CB  . PRO A 1 44  ? 11.159  7.471   4.596   1.00 22.24 ? 44  PRO A CB  1 
ATOM   354  C  CG  . PRO A 1 44  ? 11.613  8.307   5.762   1.00 23.39 ? 44  PRO A CG  1 
ATOM   355  C  CD  . PRO A 1 44  ? 10.853  7.751   6.920   1.00 24.79 ? 44  PRO A CD  1 
ATOM   356  N  N   . ASN A 1 45  ? 9.001   5.371   3.379   1.00 21.22 ? 45  ASN A N   1 
ATOM   357  C  CA  . ASN A 1 45  ? 8.913   4.005   2.871   1.00 21.43 ? 45  ASN A CA  1 
ATOM   358  C  C   . ASN A 1 45  ? 8.905   4.001   1.356   1.00 22.37 ? 45  ASN A C   1 
ATOM   359  O  O   . ASN A 1 45  ? 8.102   4.694   0.729   1.00 24.48 ? 45  ASN A O   1 
ATOM   360  C  CB  . ASN A 1 45  ? 7.648   3.296   3.366   1.00 24.64 ? 45  ASN A CB  1 
ATOM   361  C  CG  . ASN A 1 45  ? 7.637   1.816   2.998   1.00 29.10 ? 45  ASN A CG  1 
ATOM   362  O  OD1 . ASN A 1 45  ? 8.353   1.015   3.598   1.00 31.87 ? 45  ASN A OD1 1 
ATOM   363  N  ND2 . ASN A 1 45  ? 6.829   1.453   2.006   1.00 33.07 ? 45  ASN A ND2 1 
ATOM   364  N  N   . HIS A 1 46  ? 9.799   3.217   0.771   1.00 22.43 ? 46  HIS A N   1 
ATOM   365  C  CA  . HIS A 1 46  ? 9.782   2.958   -0.654  1.00 22.27 ? 46  HIS A CA  1 
ATOM   366  C  C   . HIS A 1 46  ? 9.538   1.468   -0.827  1.00 22.84 ? 46  HIS A C   1 
ATOM   367  O  O   . HIS A 1 46  ? 9.932   0.669   0.031   1.00 26.68 ? 46  HIS A O   1 
ATOM   368  C  CB  . HIS A 1 46  ? 11.129  3.333   -1.276  1.00 23.75 ? 46  HIS A CB  1 
ATOM   369  C  CG  . HIS A 1 46  ? 11.359  4.809   -1.366  1.00 23.65 ? 46  HIS A CG  1 
ATOM   370  N  ND1 . HIS A 1 46  ? 12.084  5.511   -0.426  1.00 25.29 ? 46  HIS A ND1 1 
ATOM   371  C  CD2 . HIS A 1 46  ? 10.946  5.718   -2.278  1.00 21.69 ? 46  HIS A CD2 1 
ATOM   372  C  CE1 . HIS A 1 46  ? 12.117  6.788   -0.763  1.00 20.03 ? 46  HIS A CE1 1 
ATOM   373  N  NE2 . HIS A 1 46  ? 11.432  6.941   -1.882  1.00 25.38 ? 46  HIS A NE2 1 
ATOM   374  N  N   . ARG A 1 47  ? 8.900   1.088   -1.929  1.00 22.30 ? 47  ARG A N   1 
ATOM   375  C  CA  . ARG A 1 47  ? 8.608   -0.324  -2.167  1.00 23.78 ? 47  ARG A CA  1 
ATOM   376  C  C   . ARG A 1 47  ? 8.527   -0.641  -3.650  1.00 25.24 ? 47  ARG A C   1 
ATOM   377  O  O   . ARG A 1 47  ? 8.384   0.261   -4.476  1.00 24.40 ? 47  ARG A O   1 
ATOM   378  C  CB  . ARG A 1 47  ? 7.303   -0.722  -1.477  1.00 23.78 ? 47  ARG A CB  1 
ATOM   379  C  CG  . ARG A 1 47  ? 6.095   0.024   -2.018  1.00 22.63 ? 47  ARG A CG  1 
ATOM   380  C  CD  . ARG A 1 47  ? 4.941   0.042   -1.005  1.00 25.61 ? 47  ARG A CD  1 
ATOM   381  N  NE  . ARG A 1 47  ? 4.405   -1.292  -0.742  1.00 30.55 ? 47  ARG A NE  1 
ATOM   382  C  CZ  . ARG A 1 47  ? 3.539   -1.578  0.226   1.00 32.36 ? 47  ARG A CZ  1 
ATOM   383  N  NH1 . ARG A 1 47  ? 3.100   -0.623  1.036   1.00 32.21 ? 47  ARG A NH1 1 
ATOM   384  N  NH2 . ARG A 1 47  ? 3.107   -2.821  0.384   1.00 31.54 ? 47  ARG A NH2 1 
ATOM   385  N  N   . THR A 1 48  ? 8.615   -1.928  -3.986  1.00 22.49 ? 48  THR A N   1 
ATOM   386  C  CA  . THR A 1 48  ? 8.581   -2.342  -5.386  1.00 22.21 ? 48  THR A CA  1 
ATOM   387  C  C   . THR A 1 48  ? 7.325   -3.099  -5.790  1.00 22.06 ? 48  THR A C   1 
ATOM   388  O  O   . THR A 1 48  ? 7.113   -3.355  -6.975  1.00 23.99 ? 48  THR A O   1 
ATOM   389  C  CB  . THR A 1 48  ? 9.784   -3.237  -5.716  1.00 20.64 ? 48  THR A CB  1 
ATOM   390  O  OG1 . THR A 1 48  ? 9.854   -4.274  -4.734  1.00 25.38 ? 48  THR A OG1 1 
ATOM   391  C  CG2 . THR A 1 48  ? 11.050  -2.420  -5.675  1.00 27.37 ? 48  THR A CG2 1 
ATOM   392  N  N   . ASP A 1 49  ? 6.489   -3.461  -4.818  1.00 21.68 ? 49  ASP A N   1 
ATOM   393  C  CA  . ASP A 1 49  ? 5.299   -4.241  -5.122  1.00 21.41 ? 49  ASP A CA  1 
ATOM   394  C  C   . ASP A 1 49  ? 4.163   -3.332  -5.582  1.00 19.78 ? 49  ASP A C   1 
ATOM   395  O  O   . ASP A 1 49  ? 4.062   -2.179  -5.130  1.00 21.79 ? 49  ASP A O   1 
ATOM   396  C  CB  . ASP A 1 49  ? 4.837   -5.030  -3.896  1.00 23.54 ? 49  ASP A CB  1 
ATOM   397  C  CG  . ASP A 1 49  ? 4.543   -4.136  -2.706  1.00 23.81 ? 49  ASP A CG  1 
ATOM   398  O  OD1 . ASP A 1 49  ? 3.354   -3.974  -2.376  1.00 26.98 ? 49  ASP A OD1 1 
ATOM   399  O  OD2 . ASP A 1 49  ? 5.503   -3.619  -2.094  1.00 27.19 ? 49  ASP A OD2 1 
ATOM   400  N  N   . TYR A 1 50  ? 3.339   -3.842  -6.492  1.00 19.15 ? 50  TYR A N   1 
ATOM   401  C  CA  . TYR A 1 50  ? 2.109   -3.169  -6.887  1.00 20.50 ? 50  TYR A CA  1 
ATOM   402  C  C   . TYR A 1 50  ? 0.916   -3.881  -6.271  1.00 21.70 ? 50  TYR A C   1 
ATOM   403  O  O   . TYR A 1 50  ? 0.844   -5.107  -6.258  1.00 22.06 ? 50  TYR A O   1 
ATOM   404  C  CB  . TYR A 1 50  ? 1.958   -3.170  -8.407  1.00 21.04 ? 50  TYR A CB  1 
ATOM   405  C  CG  . TYR A 1 50  ? 2.913   -2.244  -9.114  1.00 21.00 ? 50  TYR A CG  1 
ATOM   406  C  CD1 . TYR A 1 50  ? 2.477   -1.027  -9.610  1.00 22.75 ? 50  TYR A CD1 1 
ATOM   407  C  CD2 . TYR A 1 50  ? 4.250   -2.582  -9.283  1.00 23.92 ? 50  TYR A CD2 1 
ATOM   408  C  CE1 . TYR A 1 50  ? 3.332   -0.172  -10.252 1.00 24.09 ? 50  TYR A CE1 1 
ATOM   409  C  CE2 . TYR A 1 50  ? 5.123   -1.725  -9.929  1.00 25.00 ? 50  TYR A CE2 1 
ATOM   410  C  CZ  . TYR A 1 50  ? 4.651   -0.525  -10.416 1.00 26.26 ? 50  TYR A CZ  1 
ATOM   411  O  OH  . TYR A 1 50  ? 5.494   0.344   -11.065 1.00 31.68 ? 50  TYR A OH  1 
ATOM   412  N  N   . HIS A 1 51  ? -0.026  -3.099  -5.758  1.00 17.67 ? 51  HIS A N   1 
ATOM   413  C  CA  . HIS A 1 51  ? -1.261  -3.626  -5.183  1.00 20.10 ? 51  HIS A CA  1 
ATOM   414  C  C   . HIS A 1 51  ? -2.398  -3.589  -6.199  1.00 19.12 ? 51  HIS A C   1 
ATOM   415  O  O   . HIS A 1 51  ? -2.596  -2.598  -6.901  1.00 20.51 ? 51  HIS A O   1 
ATOM   416  C  CB  . HIS A 1 51  ? -1.656  -2.797  -3.952  1.00 19.82 ? 51  HIS A CB  1 
ATOM   417  C  CG  . HIS A 1 51  ? -2.828  -3.342  -3.191  1.00 18.62 ? 51  HIS A CG  1 
ATOM   418  N  ND1 . HIS A 1 51  ? -3.602  -2.556  -2.362  1.00 19.57 ? 51  HIS A ND1 1 
ATOM   419  C  CD2 . HIS A 1 51  ? -3.363  -4.586  -3.125  1.00 20.30 ? 51  HIS A CD2 1 
ATOM   420  C  CE1 . HIS A 1 51  ? -4.554  -3.287  -1.818  1.00 19.64 ? 51  HIS A CE1 1 
ATOM   421  N  NE2 . HIS A 1 51  ? -4.428  -4.526  -2.255  1.00 19.44 ? 51  HIS A NE2 1 
ATOM   422  N  N   . ASP A 1 52  ? -3.123  -4.699  -6.277  1.00 19.13 ? 52  ASP A N   1 
ATOM   423  C  CA  . ASP A 1 52  ? -4.338  -4.844  -7.060  1.00 20.80 ? 52  ASP A CA  1 
ATOM   424  C  C   . ASP A 1 52  ? -5.481  -4.993  -6.057  1.00 20.85 ? 52  ASP A C   1 
ATOM   425  O  O   . ASP A 1 52  ? -5.760  -6.090  -5.577  1.00 18.84 ? 52  ASP A O   1 
ATOM   426  C  CB  . ASP A 1 52  ? -4.221  -6.111  -7.919  1.00 21.47 ? 52  ASP A CB  1 
ATOM   427  C  CG  . ASP A 1 52  ? -5.478  -6.417  -8.725  1.00 24.26 ? 52  ASP A CG  1 
ATOM   428  O  OD1 . ASP A 1 52  ? -6.516  -5.725  -8.594  1.00 22.41 ? 52  ASP A OD1 1 
ATOM   429  O  OD2 . ASP A 1 52  ? -5.451  -7.398  -9.496  1.00 22.52 ? 52  ASP A OD2 1 
ATOM   430  N  N   . ASP A 1 53  ? -6.149  -3.885  -5.737  1.00 18.64 ? 53  ASP A N   1 
ATOM   431  C  CA  . ASP A 1 53  ? -7.240  -3.884  -4.764  1.00 20.76 ? 53  ASP A CA  1 
ATOM   432  C  C   . ASP A 1 53  ? -8.555  -4.063  -5.510  1.00 19.33 ? 53  ASP A C   1 
ATOM   433  O  O   . ASP A 1 53  ? -8.833  -3.329  -6.458  1.00 20.65 ? 53  ASP A O   1 
ATOM   434  C  CB  . ASP A 1 53  ? -7.239  -2.537  -4.021  1.00 21.14 ? 53  ASP A CB  1 
ATOM   435  C  CG  . ASP A 1 53  ? -8.160  -2.511  -2.803  1.00 20.96 ? 53  ASP A CG  1 
ATOM   436  O  OD1 . ASP A 1 53  ? -9.133  -3.283  -2.729  1.00 20.85 ? 53  ASP A OD1 1 
ATOM   437  O  OD2 . ASP A 1 53  ? -7.901  -1.686  -1.899  1.00 20.90 ? 53  ASP A OD2 1 
ATOM   438  N  N   . PRO A 1 54  ? -9.366  -5.052  -5.105  1.00 19.87 ? 54  PRO A N   1 
ATOM   439  C  CA  . PRO A 1 54  ? -10.641 -5.306  -5.794  1.00 20.03 ? 54  PRO A CA  1 
ATOM   440  C  C   . PRO A 1 54  ? -11.710 -4.259  -5.500  1.00 21.79 ? 54  PRO A C   1 
ATOM   441  O  O   . PRO A 1 54  ? -12.761 -4.286  -6.120  1.00 21.64 ? 54  PRO A O   1 
ATOM   442  C  CB  . PRO A 1 54  ? -11.066 -6.672  -5.251  1.00 21.22 ? 54  PRO A CB  1 
ATOM   443  C  CG  . PRO A 1 54  ? -10.422 -6.751  -3.900  1.00 20.62 ? 54  PRO A CG  1 
ATOM   444  C  CD  . PRO A 1 54  ? -9.111  -6.022  -4.022  1.00 19.59 ? 54  PRO A CD  1 
ATOM   445  N  N   . LEU A 1 55  ? -11.422 -3.369  -4.559  1.00 18.02 ? 55  LEU A N   1 
ATOM   446  C  CA  . LEU A 1 55  ? -12.323 -2.281  -4.190  1.00 19.09 ? 55  LEU A CA  1 
ATOM   447  C  C   . LEU A 1 55  ? -11.580 -0.946  -4.279  1.00 19.13 ? 55  LEU A C   1 
ATOM   448  O  O   . LEU A 1 55  ? -10.374 -0.912  -4.508  1.00 19.82 ? 55  LEU A O   1 
ATOM   449  C  CB  . LEU A 1 55  ? -12.868 -2.527  -2.780  1.00 20.99 ? 55  LEU A CB  1 
ATOM   450  C  CG  . LEU A 1 55  ? -13.728 -3.788  -2.609  1.00 21.69 ? 55  LEU A CG  1 
ATOM   451  C  CD1 . LEU A 1 55  ? -14.055 -4.043  -1.142  1.00 25.57 ? 55  LEU A CD1 1 
ATOM   452  C  CD2 . LEU A 1 55  ? -15.023 -3.715  -3.430  1.00 24.05 ? 55  LEU A CD2 1 
ATOM   453  N  N   . GLU A 1 56  ? -12.300 0.160   -4.111  1.00 17.99 ? 56  GLU A N   1 
ATOM   454  C  CA  . GLU A 1 56  ? -11.713 1.492   -4.223  1.00 18.11 ? 56  GLU A CA  1 
ATOM   455  C  C   . GLU A 1 56  ? -10.812 1.833   -3.041  1.00 17.57 ? 56  GLU A C   1 
ATOM   456  O  O   . GLU A 1 56  ? -10.947 1.265   -1.950  1.00 19.31 ? 56  GLU A O   1 
ATOM   457  C  CB  . GLU A 1 56  ? -12.831 2.548   -4.338  1.00 17.90 ? 56  GLU A CB  1 
ATOM   458  C  CG  . GLU A 1 56  ? -13.608 2.458   -5.644  1.00 19.28 ? 56  GLU A CG  1 
ATOM   459  C  CD  . GLU A 1 56  ? -14.857 3.328   -5.670  1.00 21.46 ? 56  GLU A CD  1 
ATOM   460  O  OE1 . GLU A 1 56  ? -15.083 4.109   -4.713  1.00 21.38 ? 56  GLU A OE1 1 
ATOM   461  O  OE2 . GLU A 1 56  ? -15.615 3.229   -6.660  1.00 21.56 ? 56  GLU A OE2 1 
ATOM   462  N  N   . GLU A 1 57  ? -9.895  2.770   -3.265  1.00 18.25 ? 57  GLU A N   1 
ATOM   463  C  CA  . GLU A 1 57  ? -9.055  3.311   -2.200  1.00 18.10 ? 57  GLU A CA  1 
ATOM   464  C  C   . GLU A 1 57  ? -9.081  4.829   -2.200  1.00 19.75 ? 57  GLU A C   1 
ATOM   465  O  O   . GLU A 1 57  ? -8.797  5.460   -3.224  1.00 20.53 ? 57  GLU A O   1 
ATOM   466  C  CB  . GLU A 1 57  ? -7.603  2.828   -2.330  1.00 21.21 ? 57  GLU A CB  1 
ATOM   467  C  CG  . GLU A 1 57  ? -7.444  1.381   -2.014  1.00 22.28 ? 57  GLU A CG  1 
ATOM   468  C  CD  . GLU A 1 57  ? -5.999  0.893   -1.979  1.00 23.66 ? 57  GLU A CD  1 
ATOM   469  O  OE1 . GLU A 1 57  ? -5.036  1.645   -1.696  1.00 24.77 ? 57  GLU A OE1 1 
ATOM   470  O  OE2 . GLU A 1 57  ? -5.843  -0.303  -2.224  1.00 23.19 ? 57  GLU A OE2 1 
ATOM   471  N  N   . PHE A 1 58  ? -9.411  5.405   -1.044  1.00 18.87 ? 58  PHE A N   1 
ATOM   472  C  CA  . PHE A 1 58  ? -9.451  6.854   -0.877  1.00 18.50 ? 58  PHE A CA  1 
ATOM   473  C  C   . PHE A 1 58  ? -8.190  7.329   -0.171  1.00 17.66 ? 58  PHE A C   1 
ATOM   474  O  O   . PHE A 1 58  ? -7.759  6.726   0.814   1.00 19.12 ? 58  PHE A O   1 
ATOM   475  C  CB  . PHE A 1 58  ? -10.686 7.257   -0.056  1.00 18.90 ? 58  PHE A CB  1 
ATOM   476  C  CG  . PHE A 1 58  ? -10.694 8.711   0.372   1.00 18.40 ? 58  PHE A CG  1 
ATOM   477  C  CD1 . PHE A 1 58  ? -11.131 9.702   -0.490  1.00 16.97 ? 58  PHE A CD1 1 
ATOM   478  C  CD2 . PHE A 1 58  ? -10.264 9.078   1.643   1.00 20.28 ? 58  PHE A CD2 1 
ATOM   479  C  CE1 . PHE A 1 58  ? -11.139 11.042  -0.087  1.00 19.39 ? 58  PHE A CE1 1 
ATOM   480  C  CE2 . PHE A 1 58  ? -10.274 10.401  2.046   1.00 19.45 ? 58  PHE A CE2 1 
ATOM   481  C  CZ  . PHE A 1 58  ? -10.716 11.384  1.178   1.00 17.98 ? 58  PHE A CZ  1 
ATOM   482  N  N   . PHE A 1 59  ? -7.603  8.413   -0.670  1.00 18.36 ? 59  PHE A N   1 
ATOM   483  C  CA  . PHE A 1 59  ? -6.384  8.977   -0.089  1.00 17.10 ? 59  PHE A CA  1 
ATOM   484  C  C   . PHE A 1 59  ? -6.598  10.449  0.223   1.00 17.52 ? 59  PHE A C   1 
ATOM   485  O  O   . PHE A 1 59  ? -7.160  11.178  -0.584  1.00 18.14 ? 59  PHE A O   1 
ATOM   486  C  CB  . PHE A 1 59  ? -5.225  8.920   -1.086  1.00 18.85 ? 59  PHE A CB  1 
ATOM   487  C  CG  . PHE A 1 59  ? -4.795  7.532   -1.473  1.00 18.16 ? 59  PHE A CG  1 
ATOM   488  C  CD1 . PHE A 1 59  ? -3.680  6.946   -0.890  1.00 18.01 ? 59  PHE A CD1 1 
ATOM   489  C  CD2 . PHE A 1 59  ? -5.484  6.832   -2.452  1.00 20.70 ? 59  PHE A CD2 1 
ATOM   490  C  CE1 . PHE A 1 59  ? -3.282  5.671   -1.263  1.00 18.83 ? 59  PHE A CE1 1 
ATOM   491  C  CE2 . PHE A 1 59  ? -5.086  5.564   -2.833  1.00 20.11 ? 59  PHE A CE2 1 
ATOM   492  C  CZ  . PHE A 1 59  ? -3.986  4.981   -2.239  1.00 20.62 ? 59  PHE A CZ  1 
ATOM   493  N  N   . TYR A 1 60  ? -6.113  10.890  1.373   1.00 17.65 ? 60  TYR A N   1 
ATOM   494  C  CA  . TYR A 1 60  ? -6.049  12.313  1.702   1.00 17.17 ? 60  TYR A CA  1 
ATOM   495  C  C   . TYR A 1 60  ? -4.674  12.547  2.331   1.00 18.83 ? 60  TYR A C   1 
ATOM   496  O  O   . TYR A 1 60  ? -4.406  12.138  3.464   1.00 18.24 ? 60  TYR A O   1 
ATOM   497  C  CB  . TYR A 1 60  ? -7.205  12.713  2.644   1.00 16.90 ? 60  TYR A CB  1 
ATOM   498  C  CG  . TYR A 1 60  ? -7.323  14.194  2.993   1.00 20.69 ? 60  TYR A CG  1 
ATOM   499  C  CD1 . TYR A 1 60  ? -6.501  15.160  2.416   1.00 21.13 ? 60  TYR A CD1 1 
ATOM   500  C  CD2 . TYR A 1 60  ? -8.262  14.615  3.919   1.00 21.46 ? 60  TYR A CD2 1 
ATOM   501  C  CE1 . TYR A 1 60  ? -6.628  16.514  2.750   1.00 22.02 ? 60  TYR A CE1 1 
ATOM   502  C  CE2 . TYR A 1 60  ? -8.394  15.959  4.256   1.00 22.84 ? 60  TYR A CE2 1 
ATOM   503  C  CZ  . TYR A 1 60  ? -7.575  16.897  3.672   1.00 24.37 ? 60  TYR A CZ  1 
ATOM   504  O  OH  . TYR A 1 60  ? -7.693  18.229  4.007   1.00 26.08 ? 60  TYR A OH  1 
ATOM   505  N  N   . GLN A 1 61  ? -3.790  13.191  1.577   1.00 16.78 ? 61  GLN A N   1 
ATOM   506  C  CA  . GLN A 1 61  ? -2.423  13.391  2.047   1.00 17.27 ? 61  GLN A CA  1 
ATOM   507  C  C   . GLN A 1 61  ? -2.417  14.594  2.990   1.00 19.59 ? 61  GLN A C   1 
ATOM   508  O  O   . GLN A 1 61  ? -2.380  15.744  2.554   1.00 23.13 ? 61  GLN A O   1 
ATOM   509  C  CB  . GLN A 1 61  ? -1.459  13.604  0.874   1.00 19.12 ? 61  GLN A CB  1 
ATOM   510  C  CG  . GLN A 1 61  ? 0.020   13.635  1.280   1.00 18.47 ? 61  GLN A CG  1 
ATOM   511  C  CD  . GLN A 1 61  ? 0.534   12.272  1.691   1.00 19.21 ? 61  GLN A CD  1 
ATOM   512  O  OE1 . GLN A 1 61  ? 0.203   11.258  1.069   1.00 18.95 ? 61  GLN A OE1 1 
ATOM   513  N  NE2 . GLN A 1 61  ? 1.377   12.236  2.727   1.00 20.69 ? 61  GLN A NE2 1 
ATOM   514  N  N   . LEU A 1 62  ? -2.448  14.304  4.283   1.00 18.60 ? 62  LEU A N   1 
ATOM   515  C  CA  . LEU A 1 62  ? -2.629  15.315  5.319   1.00 21.67 ? 62  LEU A CA  1 
ATOM   516  C  C   . LEU A 1 62  ? -1.379  16.132  5.564   1.00 21.96 ? 62  LEU A C   1 
ATOM   517  O  O   . LEU A 1 62  ? -1.441  17.352  5.723   1.00 22.15 ? 62  LEU A O   1 
ATOM   518  C  CB  . LEU A 1 62  ? -3.018  14.627  6.632   1.00 22.51 ? 62  LEU A CB  1 
ATOM   519  C  CG  . LEU A 1 62  ? -4.291  13.780  6.551   1.00 25.79 ? 62  LEU A CG  1 
ATOM   520  C  CD1 . LEU A 1 62  ? -4.492  12.989  7.840   1.00 26.17 ? 62  LEU A CD1 1 
ATOM   521  C  CD2 . LEU A 1 62  ? -5.508  14.633  6.256   1.00 23.91 ? 62  LEU A CD2 1 
ATOM   522  N  N   . ARG A 1 63  ? -0.248  15.438  5.625   1.00 19.32 ? 63  ARG A N   1 
ATOM   523  C  CA  . ARG A 1 63  ? 1.040   16.059  5.923   1.00 18.91 ? 63  ARG A CA  1 
ATOM   524  C  C   . ARG A 1 63  ? 2.091   15.504  4.971   1.00 19.22 ? 63  ARG A C   1 
ATOM   525  O  O   . ARG A 1 63  ? 2.164   14.293  4.752   1.00 20.66 ? 63  ARG A O   1 
ATOM   526  C  CB  . ARG A 1 63  ? 1.481   15.734  7.352   1.00 20.59 ? 63  ARG A CB  1 
ATOM   527  C  CG  . ARG A 1 63  ? 0.469   16.102  8.434   1.00 22.03 ? 63  ARG A CG  1 
ATOM   528  C  CD  . ARG A 1 63  ? 1.000   15.735  9.814   1.00 23.81 ? 63  ARG A CD  1 
ATOM   529  N  NE  . ARG A 1 63  ? 0.008   16.018  10.856  1.00 25.11 ? 63  ARG A NE  1 
ATOM   530  C  CZ  . ARG A 1 63  ? 0.222   15.882  12.160  1.00 27.01 ? 63  ARG A CZ  1 
ATOM   531  N  NH1 . ARG A 1 63  ? 1.400   15.482  12.610  1.00 28.57 ? 63  ARG A NH1 1 
ATOM   532  N  NH2 . ARG A 1 63  ? -0.752  16.170  13.017  1.00 28.20 ? 63  ARG A NH2 1 
ATOM   533  N  N   . GLY A 1 64  ? 2.924   16.387  4.436   1.00 20.03 ? 64  GLY A N   1 
ATOM   534  C  CA  . GLY A 1 64  ? 3.999   15.945  3.567   1.00 20.36 ? 64  GLY A CA  1 
ATOM   535  C  C   . GLY A 1 64  ? 3.494   15.518  2.205   1.00 20.27 ? 64  GLY A C   1 
ATOM   536  O  O   . GLY A 1 64  ? 2.320   15.690  1.881   1.00 20.60 ? 64  GLY A O   1 
ATOM   537  N  N   . ASN A 1 65  ? 4.395   14.943  1.408   1.00 20.92 ? 65  ASN A N   1 
ATOM   538  C  CA  . ASN A 1 65  ? 4.094   14.548  0.036   1.00 20.85 ? 65  ASN A CA  1 
ATOM   539  C  C   . ASN A 1 65  ? 4.440   13.088  -0.194  1.00 19.51 ? 65  ASN A C   1 
ATOM   540  O  O   . ASN A 1 65  ? 5.357   12.566  0.423   1.00 20.76 ? 65  ASN A O   1 
ATOM   541  C  CB  . ASN A 1 65  ? 4.907   15.390  -0.958  1.00 19.59 ? 65  ASN A CB  1 
ATOM   542  C  CG  . ASN A 1 65  ? 4.782   16.873  -0.696  1.00 21.77 ? 65  ASN A CG  1 
ATOM   543  O  OD1 . ASN A 1 65  ? 3.780   17.488  -1.060  1.00 22.56 ? 65  ASN A OD1 1 
ATOM   544  N  ND2 . ASN A 1 65  ? 5.799   17.458  -0.061  1.00 22.48 ? 65  ASN A ND2 1 
ATOM   545  N  N   . ALA A 1 66  ? 3.702   12.457  -1.096  1.00 18.30 ? 66  ALA A N   1 
ATOM   546  C  CA  . ALA A 1 66  ? 3.962   11.083  -1.513  1.00 19.38 ? 66  ALA A CA  1 
ATOM   547  C  C   . ALA A 1 66  ? 3.579   10.927  -2.981  1.00 19.55 ? 66  ALA A C   1 
ATOM   548  O  O   . ALA A 1 66  ? 3.129   11.872  -3.623  1.00 19.87 ? 66  ALA A O   1 
ATOM   549  C  CB  . ALA A 1 66  ? 3.163   10.105  -0.640  1.00 20.01 ? 66  ALA A CB  1 
ATOM   550  N  N   . TYR A 1 67  ? 3.781   9.737   -3.533  1.00 18.95 ? 67  TYR A N   1 
ATOM   551  C  CA  . TYR A 1 67  ? 3.314   9.494   -4.889  1.00 21.92 ? 67  TYR A CA  1 
ATOM   552  C  C   . TYR A 1 67  ? 3.014   8.020   -5.092  1.00 19.17 ? 67  TYR A C   1 
ATOM   553  O  O   . TYR A 1 67  ? 3.524   7.172   -4.364  1.00 21.85 ? 67  TYR A O   1 
ATOM   554  C  CB  . TYR A 1 67  ? 4.315   10.020  -5.941  1.00 23.04 ? 67  TYR A CB  1 
ATOM   555  C  CG  . TYR A 1 67  ? 5.716   9.448   -5.858  1.00 24.51 ? 67  TYR A CG  1 
ATOM   556  C  CD1 . TYR A 1 67  ? 6.654   9.986   -4.986  1.00 20.97 ? 67  TYR A CD1 1 
ATOM   557  C  CD2 . TYR A 1 67  ? 6.099   8.378   -6.653  1.00 23.59 ? 67  TYR A CD2 1 
ATOM   558  C  CE1 . TYR A 1 67  ? 7.938   9.477   -4.906  1.00 24.60 ? 67  TYR A CE1 1 
ATOM   559  C  CE2 . TYR A 1 67  ? 7.395   7.855   -6.581  1.00 21.96 ? 67  TYR A CE2 1 
ATOM   560  C  CZ  . TYR A 1 67  ? 8.296   8.408   -5.697  1.00 22.25 ? 67  TYR A CZ  1 
ATOM   561  O  OH  . TYR A 1 67  ? 9.575   7.915   -5.600  1.00 26.65 ? 67  TYR A OH  1 
ATOM   562  N  N   . LEU A 1 68  ? 2.144   7.736   -6.052  1.00 20.07 ? 68  LEU A N   1 
ATOM   563  C  CA  . LEU A 1 68  ? 1.804   6.369   -6.394  1.00 22.55 ? 68  LEU A CA  1 
ATOM   564  C  C   . LEU A 1 68  ? 2.356   6.054   -7.776  1.00 21.77 ? 68  LEU A C   1 
ATOM   565  O  O   . LEU A 1 68  ? 1.995   6.720   -8.756  1.00 24.09 ? 68  LEU A O   1 
ATOM   566  C  CB  . LEU A 1 68  ? 0.283   6.197   -6.418  1.00 20.32 ? 68  LEU A CB  1 
ATOM   567  C  CG  . LEU A 1 68  ? -0.494  6.668   -5.192  1.00 23.71 ? 68  LEU A CG  1 
ATOM   568  C  CD1 . LEU A 1 68  ? -1.981  6.496   -5.412  1.00 24.53 ? 68  LEU A CD1 1 
ATOM   569  C  CD2 . LEU A 1 68  ? -0.045  5.887   -3.978  1.00 24.69 ? 68  LEU A CD2 1 
ATOM   570  N  N   . ASN A 1 69  ? 3.208   5.038   -7.869  1.00 19.81 ? 69  ASN A N   1 
ATOM   571  C  CA  . ASN A 1 69  ? 3.547   4.505   -9.172  1.00 21.77 ? 69  ASN A CA  1 
ATOM   572  C  C   . ASN A 1 69  ? 2.394   3.626   -9.621  1.00 22.63 ? 69  ASN A C   1 
ATOM   573  O  O   . ASN A 1 69  ? 1.936   2.771   -8.861  1.00 22.86 ? 69  ASN A O   1 
ATOM   574  C  CB  . ASN A 1 69  ? 4.855   3.713   -9.100  1.00 21.13 ? 69  ASN A CB  1 
ATOM   575  C  CG  . ASN A 1 69  ? 6.066   4.600   -8.854  1.00 23.13 ? 69  ASN A CG  1 
ATOM   576  O  OD1 . ASN A 1 69  ? 6.095   5.766   -9.266  1.00 25.04 ? 69  ASN A OD1 1 
ATOM   577  N  ND2 . ASN A 1 69  ? 7.071   4.052   -8.180  1.00 23.43 ? 69  ASN A ND2 1 
ATOM   578  N  N   . LEU A 1 70  ? 1.912   3.856   -10.839 1.00 20.30 ? 70  LEU A N   1 
ATOM   579  C  CA  . LEU A 1 70  ? 0.729   3.184   -11.356 1.00 21.92 ? 70  LEU A CA  1 
ATOM   580  C  C   . LEU A 1 70  ? 1.000   2.480   -12.682 1.00 24.13 ? 70  LEU A C   1 
ATOM   581  O  O   . LEU A 1 70  ? 1.972   2.788   -13.372 1.00 27.54 ? 70  LEU A O   1 
ATOM   582  C  CB  . LEU A 1 70  ? -0.383  4.205   -11.614 1.00 24.79 ? 70  LEU A CB  1 
ATOM   583  C  CG  . LEU A 1 70  ? -0.789  5.138   -10.479 1.00 21.74 ? 70  LEU A CG  1 
ATOM   584  C  CD1 . LEU A 1 70  ? -1.786  6.179   -11.001 1.00 24.60 ? 70  LEU A CD1 1 
ATOM   585  C  CD2 . LEU A 1 70  ? -1.397  4.354   -9.323  1.00 24.26 ? 70  LEU A CD2 1 
ATOM   586  N  N   . TRP A 1 71  ? 0.117   1.546   -13.021 1.00 27.88 ? 71  TRP A N   1 
ATOM   587  C  CA  . TRP A 1 71  ? -0.077  1.127   -14.406 1.00 32.45 ? 71  TRP A CA  1 
ATOM   588  C  C   . TRP A 1 71  ? -1.433  1.658   -14.870 1.00 32.24 ? 71  TRP A C   1 
ATOM   589  O  O   . TRP A 1 71  ? -2.478  1.275   -14.332 1.00 30.80 ? 71  TRP A O   1 
ATOM   590  C  CB  . TRP A 1 71  ? -0.056  -0.394  -14.536 1.00 32.32 ? 71  TRP A CB  1 
ATOM   591  C  CG  . TRP A 1 71  ? 1.322   -1.002  -14.408 1.00 29.42 ? 71  TRP A CG  1 
ATOM   592  C  CD1 . TRP A 1 71  ? 1.867   -1.562  -13.293 1.00 26.90 ? 71  TRP A CD1 1 
ATOM   593  C  CD2 . TRP A 1 71  ? 2.320   -1.120  -15.443 1.00 31.82 ? 71  TRP A CD2 1 
ATOM   594  N  NE1 . TRP A 1 71  ? 3.145   -2.017  -13.562 1.00 31.68 ? 71  TRP A NE1 1 
ATOM   595  C  CE2 . TRP A 1 71  ? 3.442   -1.752  -14.871 1.00 33.18 ? 71  TRP A CE2 1 
ATOM   596  C  CE3 . TRP A 1 71  ? 2.371   -0.739  -16.789 1.00 34.02 ? 71  TRP A CE3 1 
ATOM   597  C  CZ2 . TRP A 1 71  ? 4.599   -2.020  -15.601 1.00 33.27 ? 71  TRP A CZ2 1 
ATOM   598  C  CZ3 . TRP A 1 71  ? 3.526   -1.006  -17.513 1.00 36.13 ? 71  TRP A CZ3 1 
ATOM   599  C  CH2 . TRP A 1 71  ? 4.621   -1.643  -16.917 1.00 36.16 ? 71  TRP A CH2 1 
ATOM   600  N  N   . VAL A 1 72  ? -1.414  2.549   -15.857 1.00 32.63 ? 72  VAL A N   1 
ATOM   601  C  CA  . VAL A 1 72  ? -2.640  3.094   -16.426 1.00 37.23 ? 72  VAL A CA  1 
ATOM   602  C  C   . VAL A 1 72  ? -2.610  2.916   -17.932 1.00 38.78 ? 72  VAL A C   1 
ATOM   603  O  O   . VAL A 1 72  ? -1.648  3.332   -18.584 1.00 38.44 ? 72  VAL A O   1 
ATOM   604  C  CB  . VAL A 1 72  ? -2.800  4.594   -16.116 1.00 39.08 ? 72  VAL A CB  1 
ATOM   605  C  CG1 . VAL A 1 72  ? -4.006  5.165   -16.862 1.00 39.80 ? 72  VAL A CG1 1 
ATOM   606  C  CG2 . VAL A 1 72  ? -2.956  4.819   -14.624 1.00 35.26 ? 72  VAL A CG2 1 
ATOM   607  N  N   . ASP A 1 73  ? -3.649  2.280   -18.471 1.00 39.81 ? 73  ASP A N   1 
ATOM   608  C  CA  . ASP A 1 73  ? -3.798  2.115   -19.914 1.00 44.25 ? 73  ASP A CA  1 
ATOM   609  C  C   . ASP A 1 73  ? -2.603  1.364   -20.511 1.00 44.68 ? 73  ASP A C   1 
ATOM   610  O  O   . ASP A 1 73  ? -2.251  1.559   -21.676 1.00 47.99 ? 73  ASP A O   1 
ATOM   611  C  CB  . ASP A 1 73  ? -3.974  3.485   -20.583 1.00 44.22 ? 73  ASP A CB  1 
ATOM   612  C  CG  . ASP A 1 73  ? -4.731  3.410   -21.895 1.00 52.97 ? 73  ASP A CG  1 
ATOM   613  O  OD1 . ASP A 1 73  ? -4.634  4.375   -22.684 1.00 54.78 ? 73  ASP A OD1 1 
ATOM   614  O  OD2 . ASP A 1 73  ? -5.427  2.397   -22.133 1.00 53.21 ? 73  ASP A OD2 1 
ATOM   615  N  N   . GLY A 1 74  ? -1.982  0.514   -19.697 1.00 41.56 ? 74  GLY A N   1 
ATOM   616  C  CA  . GLY A 1 74  ? -0.869  -0.302  -20.143 1.00 41.09 ? 74  GLY A CA  1 
ATOM   617  C  C   . GLY A 1 74  ? 0.484   0.383   -20.096 1.00 42.67 ? 74  GLY A C   1 
ATOM   618  O  O   . GLY A 1 74  ? 1.447   -0.109  -20.691 1.00 42.92 ? 74  GLY A O   1 
ATOM   619  N  N   . ARG A 1 75  ? 0.565   1.512   -19.401 1.00 41.36 ? 75  ARG A N   1 
ATOM   620  C  CA  . ARG A 1 75  ? 1.815   2.255   -19.310 1.00 41.93 ? 75  ARG A CA  1 
ATOM   621  C  C   . ARG A 1 75  ? 2.117   2.688   -17.881 1.00 37.63 ? 75  ARG A C   1 
ATOM   622  O  O   . ARG A 1 75  ? 1.212   2.865   -17.071 1.00 37.23 ? 75  ARG A O   1 
ATOM   623  C  CB  . ARG A 1 75  ? 1.780   3.478   -20.227 1.00 20.00 ? 75  ARG A CB  1 
ATOM   624  C  CG  . ARG A 1 75  ? 1.208   3.203   -21.607 1.00 20.00 ? 75  ARG A CG  1 
ATOM   625  C  CD  . ARG A 1 75  ? 1.269   4.440   -22.487 1.00 20.00 ? 75  ARG A CD  1 
ATOM   626  N  NE  . ARG A 1 75  ? 0.142   5.336   -22.248 1.00 20.00 ? 75  ARG A NE  1 
ATOM   627  C  CZ  . ARG A 1 75  ? -1.080  5.144   -22.730 1.00 20.00 ? 75  ARG A CZ  1 
ATOM   628  N  NH1 . ARG A 1 75  ? -1.339  4.083   -23.481 1.00 20.00 ? 75  ARG A NH1 1 
ATOM   629  N  NH2 . ARG A 1 75  ? -2.046  6.012   -22.461 1.00 20.00 ? 75  ARG A NH2 1 
ATOM   630  N  N   . ARG A 1 76  ? 3.400   2.861   -17.583 1.00 36.61 ? 76  ARG A N   1 
ATOM   631  C  CA  . ARG A 1 76  ? 3.826   3.310   -16.266 1.00 34.59 ? 76  ARG A CA  1 
ATOM   632  C  C   . ARG A 1 76  ? 3.514   4.786   -16.080 1.00 35.97 ? 76  ARG A C   1 
ATOM   633  O  O   . ARG A 1 76  ? 3.922   5.619   -16.881 1.00 37.49 ? 76  ARG A O   1 
ATOM   634  C  CB  . ARG A 1 76  ? 5.321   3.080   -16.083 1.00 36.17 ? 76  ARG A CB  1 
ATOM   635  C  CG  . ARG A 1 76  ? 5.705   1.643   -15.784 1.00 37.29 ? 76  ARG A CG  1 
ATOM   636  C  CD  . ARG A 1 76  ? 7.097   1.582   -15.185 1.00 39.64 ? 76  ARG A CD  1 
ATOM   637  N  NE  . ARG A 1 76  ? 7.792   0.349   -15.534 1.00 43.39 ? 76  ARG A NE  1 
ATOM   638  C  CZ  . ARG A 1 76  ? 7.845   -0.723  -14.753 1.00 42.32 ? 76  ARG A CZ  1 
ATOM   639  N  NH1 . ARG A 1 76  ? 8.503   -1.800  -15.153 1.00 38.32 ? 76  ARG A NH1 1 
ATOM   640  N  NH2 . ARG A 1 76  ? 7.241   -0.719  -13.572 1.00 39.75 ? 76  ARG A NH2 1 
ATOM   641  N  N   . GLU A 1 77  ? 2.790   5.105   -15.016 1.00 32.48 ? 77  GLU A N   1 
ATOM   642  C  CA  . GLU A 1 77  ? 2.424   6.483   -14.733 1.00 32.92 ? 77  GLU A CA  1 
ATOM   643  C  C   . GLU A 1 77  ? 2.635   6.788   -13.257 1.00 29.59 ? 77  GLU A C   1 
ATOM   644  O  O   . GLU A 1 77  ? 2.828   5.883   -12.454 1.00 30.98 ? 77  GLU A O   1 
ATOM   645  C  CB  . GLU A 1 77  ? 0.969   6.741   -15.125 1.00 35.70 ? 77  GLU A CB  1 
ATOM   646  C  CG  . GLU A 1 77  ? 0.652   6.422   -16.576 1.00 41.24 ? 77  GLU A CG  1 
ATOM   647  C  CD  . GLU A 1 77  ? 1.267   7.418   -17.542 1.00 48.34 ? 77  GLU A CD  1 
ATOM   648  O  OE1 . GLU A 1 77  ? 1.682   8.503   -17.094 1.00 47.12 ? 77  GLU A OE1 1 
ATOM   649  O  OE2 . GLU A 1 77  ? 1.332   7.114   -18.751 1.00 50.69 ? 77  GLU A OE2 1 
ATOM   650  N  N   . ARG A 1 78  ? 2.606   8.066   -12.906 1.00 30.57 ? 78  ARG A N   1 
ATOM   651  C  CA  . ARG A 1 78  ? 2.799   8.461   -11.520 1.00 27.88 ? 78  ARG A CA  1 
ATOM   652  C  C   . ARG A 1 78  ? 1.697   9.423   -11.114 1.00 28.39 ? 78  ARG A C   1 
ATOM   653  O  O   . ARG A 1 78  ? 1.412   10.396  -11.824 1.00 29.74 ? 78  ARG A O   1 
ATOM   654  C  CB  . ARG A 1 78  ? 4.154   9.135   -11.331 1.00 28.79 ? 78  ARG A CB  1 
ATOM   655  C  CG  . ARG A 1 78  ? 4.545   9.328   -9.870  1.00 30.23 ? 78  ARG A CG  1 
ATOM   656  C  CD  . ARG A 1 78  ? 5.800   10.182  -9.730  1.00 31.95 ? 78  ARG A CD  1 
ATOM   657  N  NE  . ARG A 1 78  ? 5.515   11.573  -10.060 1.00 32.87 ? 78  ARG A NE  1 
ATOM   658  C  CZ  . ARG A 1 78  ? 6.034   12.232  -11.091 1.00 37.72 ? 78  ARG A CZ  1 
ATOM   659  N  NH1 . ARG A 1 78  ? 6.903   11.639  -11.899 1.00 36.16 ? 78  ARG A NH1 1 
ATOM   660  N  NH2 . ARG A 1 78  ? 5.697   13.497  -11.301 1.00 35.60 ? 78  ARG A NH2 1 
ATOM   661  N  N   . ALA A 1 79  ? 1.063   9.143   -9.980  1.00 24.33 ? 79  ALA A N   1 
ATOM   662  C  CA  . ALA A 1 79  ? 0.079   10.073  -9.429  1.00 25.17 ? 79  ALA A CA  1 
ATOM   663  C  C   . ALA A 1 79  ? 0.699   10.696  -8.189  1.00 24.22 ? 79  ALA A C   1 
ATOM   664  O  O   . ALA A 1 79  ? 0.984   10.002  -7.219  1.00 22.97 ? 79  ALA A O   1 
ATOM   665  C  CB  . ALA A 1 79  ? -1.216  9.355   -9.082  1.00 25.05 ? 79  ALA A CB  1 
ATOM   666  N  N   . ASP A 1 80  ? 0.925   12.006  -8.219  1.00 24.08 ? 80  ASP A N   1 
ATOM   667  C  CA  . ASP A 1 80  ? 1.498   12.692  -7.073  1.00 23.70 ? 80  ASP A CA  1 
ATOM   668  C  C   . ASP A 1 80  ? 0.439   12.974  -6.004  1.00 21.75 ? 80  ASP A C   1 
ATOM   669  O  O   . ASP A 1 80  ? -0.643  13.486  -6.301  1.00 23.79 ? 80  ASP A O   1 
ATOM   670  C  CB  . ASP A 1 80  ? 2.158   13.997  -7.514  1.00 26.35 ? 80  ASP A CB  1 
ATOM   671  C  CG  . ASP A 1 80  ? 3.437   13.764  -8.296  1.00 32.02 ? 80  ASP A CG  1 
ATOM   672  O  OD1 . ASP A 1 80  ? 4.273   12.967  -7.832  1.00 33.34 ? 80  ASP A OD1 1 
ATOM   673  O  OD2 . ASP A 1 80  ? 3.591   14.370  -9.378  1.00 39.14 ? 80  ASP A OD2 1 
ATOM   674  N  N   . LEU A 1 81  ? 0.764   12.626  -4.763  1.00 19.95 ? 81  LEU A N   1 
ATOM   675  C  CA  . LEU A 1 81  ? -0.064  12.980  -3.620  1.00 20.21 ? 81  LEU A CA  1 
ATOM   676  C  C   . LEU A 1 81  ? 0.637   14.094  -2.854  1.00 17.48 ? 81  LEU A C   1 
ATOM   677  O  O   . LEU A 1 81  ? 1.337   13.859  -1.867  1.00 19.06 ? 81  LEU A O   1 
ATOM   678  C  CB  . LEU A 1 81  ? -0.324  11.765  -2.720  1.00 21.29 ? 81  LEU A CB  1 
ATOM   679  C  CG  . LEU A 1 81  ? -1.161  10.642  -3.332  1.00 22.16 ? 81  LEU A CG  1 
ATOM   680  C  CD1 . LEU A 1 81  ? -1.249  9.448   -2.377  1.00 23.06 ? 81  LEU A CD1 1 
ATOM   681  C  CD2 . LEU A 1 81  ? -2.565  11.125  -3.719  1.00 24.06 ? 81  LEU A CD2 1 
ATOM   682  N  N   . LYS A 1 82  ? 0.455   15.314  -3.340  1.00 19.87 ? 82  LYS A N   1 
ATOM   683  C  CA  . LYS A 1 82  ? 1.027   16.476  -2.689  1.00 22.85 ? 82  LYS A CA  1 
ATOM   684  C  C   . LYS A 1 82  ? 0.233   16.777  -1.435  1.00 21.54 ? 82  LYS A C   1 
ATOM   685  O  O   . LYS A 1 82  ? -0.937  16.420  -1.337  1.00 20.68 ? 82  LYS A O   1 
ATOM   686  C  CB  . LYS A 1 82  ? 1.036   17.673  -3.642  1.00 24.00 ? 82  LYS A CB  1 
ATOM   687  C  CG  . LYS A 1 82  ? 1.888   17.421  -4.882  1.00 27.01 ? 82  LYS A CG  1 
ATOM   688  C  CD  . LYS A 1 82  ? 2.007   18.663  -5.754  1.00 35.09 ? 82  LYS A CD  1 
ATOM   689  C  CE  . LYS A 1 82  ? 2.734   18.334  -7.053  1.00 40.14 ? 82  LYS A CE  1 
ATOM   690  N  NZ  . LYS A 1 82  ? 3.994   17.595  -6.804  1.00 42.08 ? 82  LYS A NZ  1 
ATOM   691  N  N   . GLU A 1 83  ? 0.880   17.412  -0.467  1.00 21.79 ? 83  GLU A N   1 
ATOM   692  C  CA  . GLU A 1 83  ? 0.196   17.764  0.774   1.00 20.63 ? 83  GLU A CA  1 
ATOM   693  C  C   . GLU A 1 83  ? -1.100  18.506  0.479   1.00 22.78 ? 83  GLU A C   1 
ATOM   694  O  O   . GLU A 1 83  ? -1.106  19.497  -0.264  1.00 23.26 ? 83  GLU A O   1 
ATOM   695  C  CB  . GLU A 1 83  ? 1.087   18.624  1.658   1.00 22.04 ? 83  GLU A CB  1 
ATOM   696  C  CG  . GLU A 1 83  ? 0.497   18.851  3.024   1.00 24.72 ? 83  GLU A CG  1 
ATOM   697  C  CD  . GLU A 1 83  ? 1.384   19.689  3.903   1.00 28.61 ? 83  GLU A CD  1 
ATOM   698  O  OE1 . GLU A 1 83  ? 1.147   20.914  3.994   1.00 32.86 ? 83  GLU A OE1 1 
ATOM   699  O  OE2 . GLU A 1 83  ? 2.310   19.121  4.511   1.00 24.30 ? 83  GLU A OE2 1 
ATOM   700  N  N   . GLY A 1 84  ? -2.197  17.996  1.031   1.00 19.80 ? 84  GLY A N   1 
ATOM   701  C  CA  . GLY A 1 84  ? -3.508  18.583  0.816   1.00 21.94 ? 84  GLY A CA  1 
ATOM   702  C  C   . GLY A 1 84  ? -4.320  17.899  -0.269  1.00 21.60 ? 84  GLY A C   1 
ATOM   703  O  O   . GLY A 1 84  ? -5.505  18.162  -0.406  1.00 21.26 ? 84  GLY A O   1 
ATOM   704  N  N   . ASP A 1 85  ? -3.697  17.016  -1.047  1.00 20.02 ? 85  ASP A N   1 
ATOM   705  C  CA  . ASP A 1 85  ? -4.412  16.352  -2.136  1.00 18.83 ? 85  ASP A CA  1 
ATOM   706  C  C   . ASP A 1 85  ? -5.330  15.241  -1.646  1.00 19.98 ? 85  ASP A C   1 
ATOM   707  O  O   . ASP A 1 85  ? -4.996  14.521  -0.709  1.00 19.95 ? 85  ASP A O   1 
ATOM   708  C  CB  . ASP A 1 85  ? -3.435  15.712  -3.130  1.00 19.79 ? 85  ASP A CB  1 
ATOM   709  C  CG  . ASP A 1 85  ? -2.811  16.708  -4.102  1.00 23.63 ? 85  ASP A CG  1 
ATOM   710  O  OD1 . ASP A 1 85  ? -3.270  17.863  -4.199  1.00 24.52 ? 85  ASP A OD1 1 
ATOM   711  O  OD2 . ASP A 1 85  ? -1.841  16.302  -4.791  1.00 23.66 ? 85  ASP A OD2 1 
ATOM   712  N  N   . ILE A 1 86  ? -6.473  15.097  -2.311  1.00 18.68 ? 86  ILE A N   1 
ATOM   713  C  CA  . ILE A 1 86  ? -7.299  13.896  -2.182  1.00 19.76 ? 86  ILE A CA  1 
ATOM   714  C  C   . ILE A 1 86  ? -7.366  13.164  -3.516  1.00 20.86 ? 86  ILE A C   1 
ATOM   715  O  O   . ILE A 1 86  ? -7.131  13.747  -4.578  1.00 19.79 ? 86  ILE A O   1 
ATOM   716  C  CB  . ILE A 1 86  ? -8.725  14.172  -1.647  1.00 18.80 ? 86  ILE A CB  1 
ATOM   717  C  CG1 . ILE A 1 86  ? -9.503  15.121  -2.572  1.00 18.90 ? 86  ILE A CG1 1 
ATOM   718  C  CG2 . ILE A 1 86  ? -8.629  14.700  -0.227  1.00 21.75 ? 86  ILE A CG2 1 
ATOM   719  C  CD1 . ILE A 1 86  ? -10.981 15.216  -2.188  1.00 22.45 ? 86  ILE A CD1 1 
ATOM   720  N  N   . PHE A 1 87  ? -7.698  11.883  -3.459  1.00 18.63 ? 87  PHE A N   1 
ATOM   721  C  CA  . PHE A 1 87  ? -7.632  11.041  -4.644  1.00 18.89 ? 87  PHE A CA  1 
ATOM   722  C  C   . PHE A 1 87  ? -8.469  9.815   -4.370  1.00 19.36 ? 87  PHE A C   1 
ATOM   723  O  O   . PHE A 1 87  ? -8.440  9.284   -3.256  1.00 19.64 ? 87  PHE A O   1 
ATOM   724  C  CB  . PHE A 1 87  ? -6.167  10.651  -4.886  1.00 18.72 ? 87  PHE A CB  1 
ATOM   725  C  CG  . PHE A 1 87  ? -5.944  9.713   -6.049  1.00 19.52 ? 87  PHE A CG  1 
ATOM   726  C  CD1 . PHE A 1 87  ? -6.358  10.049  -7.325  1.00 21.79 ? 87  PHE A CD1 1 
ATOM   727  C  CD2 . PHE A 1 87  ? -5.260  8.516   -5.870  1.00 20.96 ? 87  PHE A CD2 1 
ATOM   728  C  CE1 . PHE A 1 87  ? -6.132  9.205   -8.401  1.00 22.40 ? 87  PHE A CE1 1 
ATOM   729  C  CE2 . PHE A 1 87  ? -5.037  7.665   -6.941  1.00 21.32 ? 87  PHE A CE2 1 
ATOM   730  C  CZ  . PHE A 1 87  ? -5.471  8.007   -8.209  1.00 21.68 ? 87  PHE A CZ  1 
ATOM   731  N  N   . LEU A 1 88  ? -9.203  9.365   -5.382  1.00 17.09 ? 88  LEU A N   1 
ATOM   732  C  CA  . LEU A 1 88  ? -9.973  8.128   -5.292  1.00 17.58 ? 88  LEU A CA  1 
ATOM   733  C  C   . LEU A 1 88  ? -9.488  7.174   -6.376  1.00 20.52 ? 88  LEU A C   1 
ATOM   734  O  O   . LEU A 1 88  ? -9.566  7.482   -7.562  1.00 20.25 ? 88  LEU A O   1 
ATOM   735  C  CB  . LEU A 1 88  ? -11.473 8.400   -5.451  1.00 19.32 ? 88  LEU A CB  1 
ATOM   736  C  CG  . LEU A 1 88  ? -12.381 7.199   -5.175  1.00 17.34 ? 88  LEU A CG  1 
ATOM   737  C  CD1 . LEU A 1 88  ? -12.224 6.735   -3.739  1.00 21.81 ? 88  LEU A CD1 1 
ATOM   738  C  CD2 . LEU A 1 88  ? -13.835 7.556   -5.463  1.00 19.77 ? 88  LEU A CD2 1 
ATOM   739  N  N   . LEU A 1 89  ? -8.948  6.031   -5.962  1.00 18.74 ? 89  LEU A N   1 
ATOM   740  C  CA  . LEU A 1 89  ? -8.392  5.061   -6.904  1.00 18.12 ? 89  LEU A CA  1 
ATOM   741  C  C   . LEU A 1 89  ? -9.464  4.033   -7.255  1.00 19.26 ? 89  LEU A C   1 
ATOM   742  O  O   . LEU A 1 89  ? -10.048 3.424   -6.362  1.00 20.35 ? 89  LEU A O   1 
ATOM   743  C  CB  . LEU A 1 89  ? -7.199  4.366   -6.252  1.00 21.35 ? 89  LEU A CB  1 
ATOM   744  C  CG  . LEU A 1 89  ? -6.349  3.460   -7.141  1.00 22.23 ? 89  LEU A CG  1 
ATOM   745  C  CD1 . LEU A 1 89  ? -5.566  4.265   -8.179  1.00 23.95 ? 89  LEU A CD1 1 
ATOM   746  C  CD2 . LEU A 1 89  ? -5.414  2.682   -6.258  1.00 22.61 ? 89  LEU A CD2 1 
ATOM   747  N  N   . PRO A 1 90  ? -9.754  3.840   -8.554  1.00 20.90 ? 90  PRO A N   1 
ATOM   748  C  CA  . PRO A 1 90  ? -10.744 2.824   -8.937  1.00 22.31 ? 90  PRO A CA  1 
ATOM   749  C  C   . PRO A 1 90  ? -10.234 1.408   -8.627  1.00 18.50 ? 90  PRO A C   1 
ATOM   750  O  O   . PRO A 1 90  ? -9.023  1.214   -8.485  1.00 20.62 ? 90  PRO A O   1 
ATOM   751  C  CB  . PRO A 1 90  ? -10.857 2.983   -10.463 1.00 24.84 ? 90  PRO A CB  1 
ATOM   752  C  CG  . PRO A 1 90  ? -10.149 4.243   -10.800 1.00 25.95 ? 90  PRO A CG  1 
ATOM   753  C  CD  . PRO A 1 90  ? -9.165  4.523   -9.719  1.00 22.44 ? 90  PRO A CD  1 
ATOM   754  N  N   . PRO A 1 91  ? -11.150 0.429   -8.546  1.00 20.02 ? 91  PRO A N   1 
ATOM   755  C  CA  . PRO A 1 91  ? -10.735 -0.960  -8.319  1.00 20.37 ? 91  PRO A CA  1 
ATOM   756  C  C   . PRO A 1 91  ? -9.743  -1.426  -9.372  1.00 22.06 ? 91  PRO A C   1 
ATOM   757  O  O   . PRO A 1 91  ? -9.812  -0.994  -10.532 1.00 21.76 ? 91  PRO A O   1 
ATOM   758  C  CB  . PRO A 1 91  ? -12.036 -1.740  -8.478  1.00 22.48 ? 91  PRO A CB  1 
ATOM   759  C  CG  . PRO A 1 91  ? -13.104 -0.754  -8.081  1.00 22.70 ? 91  PRO A CG  1 
ATOM   760  C  CD  . PRO A 1 91  ? -12.617 0.564   -8.607  1.00 23.08 ? 91  PRO A CD  1 
ATOM   761  N  N   . HIS A 1 92  ? -8.807  -2.269  -8.935  1.00 20.16 ? 92  HIS A N   1 
ATOM   762  C  CA  . HIS A 1 92  ? -7.874  -2.997  -9.813  1.00 20.83 ? 92  HIS A CA  1 
ATOM   763  C  C   . HIS A 1 92  ? -6.760  -2.195  -10.490 1.00 23.79 ? 92  HIS A C   1 
ATOM   764  O  O   . HIS A 1 92  ? -5.904  -2.781  -11.156 1.00 23.89 ? 92  HIS A O   1 
ATOM   765  C  CB  . HIS A 1 92  ? -8.631  -3.845  -10.850 1.00 22.57 ? 92  HIS A CB  1 
ATOM   766  C  CG  . HIS A 1 92  ? -9.573  -4.842  -10.244 1.00 23.63 ? 92  HIS A CG  1 
ATOM   767  N  ND1 . HIS A 1 92  ? -9.142  -5.863  -9.418  1.00 23.48 ? 92  HIS A ND1 1 
ATOM   768  C  CD2 . HIS A 1 92  ? -10.914 -4.983  -10.349 1.00 26.31 ? 92  HIS A CD2 1 
ATOM   769  C  CE1 . HIS A 1 92  ? -10.184 -6.584  -9.042  1.00 24.33 ? 92  HIS A CE1 1 
ATOM   770  N  NE2 . HIS A 1 92  ? -11.270 -6.071  -9.588  1.00 26.77 ? 92  HIS A NE2 1 
ATOM   771  N  N   . VAL A 1 93  ? -6.728  -0.880  -10.313 1.00 20.89 ? 93  VAL A N   1 
ATOM   772  C  CA  . VAL A 1 93  ? -5.617  -0.113  -10.854 1.00 19.26 ? 93  VAL A CA  1 
ATOM   773  C  C   . VAL A 1 93  ? -4.377  -0.431  -10.029 1.00 21.32 ? 93  VAL A C   1 
ATOM   774  O  O   . VAL A 1 93  ? -4.363  -0.191  -8.818  1.00 21.61 ? 93  VAL A O   1 
ATOM   775  C  CB  . VAL A 1 93  ? -5.878  1.411   -10.837 1.00 21.41 ? 93  VAL A CB  1 
ATOM   776  C  CG1 . VAL A 1 93  ? -4.651  2.150   -11.385 1.00 20.97 ? 93  VAL A CG1 1 
ATOM   777  C  CG2 . VAL A 1 93  ? -7.124  1.750   -11.637 1.00 22.21 ? 93  VAL A CG2 1 
ATOM   778  N  N   . ARG A 1 94  ? -3.341  -0.964  -10.674 1.00 20.13 ? 94  ARG A N   1 
ATOM   779  C  CA  . ARG A 1 94  ? -2.159  -1.411  -9.959  1.00 18.74 ? 94  ARG A CA  1 
ATOM   780  C  C   . ARG A 1 94  ? -1.405  -0.199  -9.424  1.00 20.47 ? 94  ARG A C   1 
ATOM   781  O  O   . ARG A 1 94  ? -1.130  0.747   -10.164 1.00 22.25 ? 94  ARG A O   1 
ATOM   782  C  CB  . ARG A 1 94  ? -1.243  -2.202  -10.897 1.00 21.47 ? 94  ARG A CB  1 
ATOM   783  C  CG  . ARG A 1 94  ? -1.953  -3.316  -11.674 1.00 28.03 ? 94  ARG A CG  1 
ATOM   784  C  CD  . ARG A 1 94  ? -2.736  -4.262  -10.791 1.00 28.50 ? 94  ARG A CD  1 
ATOM   785  N  NE  . ARG A 1 94  ? -2.909  -5.578  -11.411 1.00 22.23 ? 94  ARG A NE  1 
ATOM   786  C  CZ  . ARG A 1 94  ? -4.005  -5.987  -12.039 1.00 24.56 ? 94  ARG A CZ  1 
ATOM   787  N  NH1 . ARG A 1 94  ? -5.062  -5.193  -12.137 1.00 24.68 ? 94  ARG A NH1 1 
ATOM   788  N  NH2 . ARG A 1 94  ? -4.044  -7.207  -12.574 1.00 26.92 ? 94  ARG A NH2 1 
ATOM   789  N  N   . HIS A 1 95  ? -1.056  -0.219  -8.142  1.00 19.75 ? 95  HIS A N   1 
ATOM   790  C  CA  . HIS A 1 95  ? -0.425  0.955   -7.533  1.00 19.60 ? 95  HIS A CA  1 
ATOM   791  C  C   . HIS A 1 95  ? 0.647   0.582   -6.528  1.00 20.35 ? 95  HIS A C   1 
ATOM   792  O  O   . HIS A 1 95  ? 0.485   -0.351  -5.738  1.00 19.15 ? 95  HIS A O   1 
ATOM   793  C  CB  . HIS A 1 95  ? -1.467  1.856   -6.851  1.00 19.40 ? 95  HIS A CB  1 
ATOM   794  C  CG  . HIS A 1 95  ? -2.296  1.147   -5.829  1.00 18.61 ? 95  HIS A CG  1 
ATOM   795  N  ND1 . HIS A 1 95  ? -3.283  0.245   -6.168  1.00 18.46 ? 95  HIS A ND1 1 
ATOM   796  C  CD2 . HIS A 1 95  ? -2.272  1.187   -4.475  1.00 18.68 ? 95  HIS A CD2 1 
ATOM   797  C  CE1 . HIS A 1 95  ? -3.840  -0.230  -5.069  1.00 18.89 ? 95  HIS A CE1 1 
ATOM   798  N  NE2 . HIS A 1 95  ? -3.242  0.324   -4.032  1.00 19.64 ? 95  HIS A NE2 1 
ATOM   799  N  N   . SER A 1 96  ? 1.744   1.335   -6.561  1.00 18.86 ? 96  SER A N   1 
ATOM   800  C  CA  . SER A 1 96  ? 2.870   1.118   -5.666  1.00 18.41 ? 96  SER A CA  1 
ATOM   801  C  C   . SER A 1 96  ? 3.183   2.430   -4.959  1.00 19.90 ? 96  SER A C   1 
ATOM   802  O  O   . SER A 1 96  ? 3.866   3.295   -5.516  1.00 19.54 ? 96  SER A O   1 
ATOM   803  C  CB  . SER A 1 96  ? 4.089   0.652   -6.474  1.00 20.31 ? 96  SER A CB  1 
ATOM   804  O  OG  . SER A 1 96  ? 5.173   0.242   -5.648  1.00 21.77 ? 96  SER A OG  1 
ATOM   805  N  N   . PRO A 1 97  ? 2.669   2.595   -3.728  1.00 20.78 ? 97  PRO A N   1 
ATOM   806  C  CA  . PRO A 1 97  ? 2.845   3.874   -3.033  1.00 19.81 ? 97  PRO A CA  1 
ATOM   807  C  C   . PRO A 1 97  ? 4.272   4.090   -2.566  1.00 21.06 ? 97  PRO A C   1 
ATOM   808  O  O   . PRO A 1 97  ? 4.896   3.177   -2.019  1.00 20.62 ? 97  PRO A O   1 
ATOM   809  C  CB  . PRO A 1 97  ? 1.905   3.754   -1.823  1.00 22.16 ? 97  PRO A CB  1 
ATOM   810  C  CG  . PRO A 1 97  ? 0.913   2.686   -2.227  1.00 26.19 ? 97  PRO A CG  1 
ATOM   811  C  CD  . PRO A 1 97  ? 1.724   1.709   -3.028  1.00 22.57 ? 97  PRO A CD  1 
ATOM   812  N  N   . GLN A 1 98  ? 4.785   5.297   -2.797  1.00 19.63 ? 98  GLN A N   1 
ATOM   813  C  CA  . GLN A 1 98  ? 6.115   5.688   -2.359  1.00 18.57 ? 98  GLN A CA  1 
ATOM   814  C  C   . GLN A 1 98  ? 5.996   6.882   -1.438  1.00 20.71 ? 98  GLN A C   1 
ATOM   815  O  O   . GLN A 1 98  ? 5.347   7.869   -1.767  1.00 20.12 ? 98  GLN A O   1 
ATOM   816  C  CB  . GLN A 1 98  ? 6.999   6.059   -3.556  1.00 21.98 ? 98  GLN A CB  1 
ATOM   817  C  CG  . GLN A 1 98  ? 6.967   5.066   -4.714  1.00 20.13 ? 98  GLN A CG  1 
ATOM   818  C  CD  . GLN A 1 98  ? 7.427   3.674   -4.319  1.00 20.50 ? 98  GLN A CD  1 
ATOM   819  O  OE1 . GLN A 1 98  ? 8.378   3.515   -3.553  1.00 21.46 ? 98  GLN A OE1 1 
ATOM   820  N  NE2 . GLN A 1 98  ? 6.736   2.663   -4.836  1.00 21.16 ? 98  GLN A NE2 1 
ATOM   821  N  N   . ARG A 1 99  ? 6.633   6.791   -0.285  1.00 19.71 ? 99  ARG A N   1 
ATOM   822  C  CA  . ARG A 1 99  ? 6.470   7.810   0.730   1.00 20.98 ? 99  ARG A CA  1 
ATOM   823  C  C   . ARG A 1 99  ? 7.829   8.273   1.220   1.00 19.37 ? 99  ARG A C   1 
ATOM   824  O  O   . ARG A 1 99  ? 8.323   7.814   2.248   1.00 20.06 ? 99  ARG A O   1 
ATOM   825  C  CB  . ARG A 1 99  ? 5.579   7.270   1.850   1.00 20.30 ? 99  ARG A CB  1 
ATOM   826  C  CG  . ARG A 1 99  ? 4.205   6.863   1.311   1.00 23.05 ? 99  ARG A CG  1 
ATOM   827  C  CD  . ARG A 1 99  ? 3.203   6.476   2.373   1.00 21.99 ? 99  ARG A CD  1 
ATOM   828  N  NE  . ARG A 1 99  ? 1.889   6.246   1.775   1.00 21.40 ? 99  ARG A NE  1 
ATOM   829  C  CZ  . ARG A 1 99  ? 1.038   7.212   1.445   1.00 21.16 ? 99  ARG A CZ  1 
ATOM   830  N  NH1 . ARG A 1 99  ? 1.349   8.485   1.664   1.00 20.74 ? 99  ARG A NH1 1 
ATOM   831  N  NH2 . ARG A 1 99  ? -0.123  6.904   0.889   1.00 23.23 ? 99  ARG A NH2 1 
ATOM   832  N  N   . PRO A 1 100 ? 8.448   9.186   0.465   1.00 19.57 ? 100 PRO A N   1 
ATOM   833  C  CA  . PRO A 1 100 ? 9.851   9.508   0.753   1.00 21.45 ? 100 PRO A CA  1 
ATOM   834  C  C   . PRO A 1 100 ? 10.061  10.294  2.040   1.00 19.75 ? 100 PRO A C   1 
ATOM   835  O  O   . PRO A 1 100 ? 11.166  10.260  2.579   1.00 21.75 ? 100 PRO A O   1 
ATOM   836  C  CB  . PRO A 1 100 ? 10.266  10.380  -0.442  1.00 25.43 ? 100 PRO A CB  1 
ATOM   837  C  CG  . PRO A 1 100 ? 9.236   10.143  -1.494  1.00 25.44 ? 100 PRO A CG  1 
ATOM   838  C  CD  . PRO A 1 100 ? 7.958   9.858   -0.751  1.00 20.76 ? 100 PRO A CD  1 
ATOM   839  N  N   . GLU A 1 101 ? 9.034   10.992  2.529   1.00 19.49 ? 101 GLU A N   1 
ATOM   840  C  CA  . GLU A 1 101 ? 9.258   11.954  3.606   1.00 20.24 ? 101 GLU A CA  1 
ATOM   841  C  C   . GLU A 1 101 ? 8.971   11.453  5.018   1.00 22.22 ? 101 GLU A C   1 
ATOM   842  O  O   . GLU A 1 101 ? 7.904   10.899  5.289   1.00 24.67 ? 101 GLU A O   1 
ATOM   843  C  CB  . GLU A 1 101 ? 8.431   13.225  3.355   1.00 19.71 ? 101 GLU A CB  1 
ATOM   844  C  CG  . GLU A 1 101 ? 8.719   13.899  2.020   1.00 21.93 ? 101 GLU A CG  1 
ATOM   845  C  CD  . GLU A 1 101 ? 7.894   15.152  1.787   1.00 23.82 ? 101 GLU A CD  1 
ATOM   846  O  OE1 . GLU A 1 101 ? 7.962   15.706  0.667   1.00 23.16 ? 101 GLU A OE1 1 
ATOM   847  O  OE2 . GLU A 1 101 ? 7.165   15.583  2.716   1.00 23.53 ? 101 GLU A OE2 1 
ATOM   848  N  N   . ALA A 1 102 ? 9.900   11.704  5.935   1.00 19.29 ? 102 ALA A N   1 
ATOM   849  C  CA  . ALA A 1 102 ? 9.634   11.497  7.353   1.00 21.94 ? 102 ALA A CA  1 
ATOM   850  C  C   . ALA A 1 102 ? 8.593   12.522  7.802   1.00 21.01 ? 102 ALA A C   1 
ATOM   851  O  O   . ALA A 1 102 ? 8.522   13.616  7.246   1.00 21.91 ? 102 ALA A O   1 
ATOM   852  C  CB  . ALA A 1 102 ? 10.905  11.661  8.162   1.00 23.51 ? 102 ALA A CB  1 
ATOM   853  N  N   . GLY A 1 103 ? 7.785   12.165  8.797   1.00 21.88 ? 103 GLY A N   1 
ATOM   854  C  CA  . GLY A 1 103 ? 6.772   13.080  9.304   1.00 23.17 ? 103 GLY A CA  1 
ATOM   855  C  C   . GLY A 1 103 ? 5.565   13.236  8.400   1.00 23.91 ? 103 GLY A C   1 
ATOM   856  O  O   . GLY A 1 103 ? 4.653   14.005  8.710   1.00 23.56 ? 103 GLY A O   1 
ATOM   857  N  N   . SER A 1 104 ? 5.527   12.518  7.284   1.00 20.44 ? 104 SER A N   1 
ATOM   858  C  CA  . SER A 1 104 ? 4.351   12.608  6.423   1.00 21.05 ? 104 SER A CA  1 
ATOM   859  C  C   . SER A 1 104 ? 3.219   11.775  7.012   1.00 19.03 ? 104 SER A C   1 
ATOM   860  O  O   . SER A 1 104 ? 3.446   10.906  7.848   1.00 20.28 ? 104 SER A O   1 
ATOM   861  C  CB  . SER A 1 104 ? 4.661   12.186  4.980   1.00 21.12 ? 104 SER A CB  1 
ATOM   862  O  OG  . SER A 1 104 ? 5.087   10.834  4.919   1.00 20.66 ? 104 SER A OG  1 
ATOM   863  N  N   . ALA A 1 105 ? 1.995   12.070  6.592   1.00 18.63 ? 105 ALA A N   1 
ATOM   864  C  CA  . ALA A 1 105 ? 0.842   11.333  7.076   1.00 19.61 ? 105 ALA A CA  1 
ATOM   865  C  C   . ALA A 1 105 ? -0.236  11.370  6.021   1.00 18.10 ? 105 ALA A C   1 
ATOM   866  O  O   . ALA A 1 105 ? -0.651  12.449  5.559   1.00 19.12 ? 105 ALA A O   1 
ATOM   867  C  CB  . ALA A 1 105 ? 0.327   11.928  8.371   1.00 19.23 ? 105 ALA A CB  1 
ATOM   868  N  N   . CYS A 1 106 ? -0.715  10.194  5.653   1.00 18.14 ? 106 CYS A N   1 
ATOM   869  C  CA  . CYS A 1 106 ? -1.785  10.101  4.669   1.00 18.47 ? 106 CYS A CA  1 
ATOM   870  C  C   . CYS A 1 106 ? -2.946  9.305   5.228   1.00 17.56 ? 106 CYS A C   1 
ATOM   871  O  O   . CYS A 1 106 ? -2.761  8.215   5.755   1.00 18.68 ? 106 CYS A O   1 
ATOM   872  C  CB  . CYS A 1 106 ? -1.269  9.410   3.408   1.00 18.90 ? 106 CYS A CB  1 
ATOM   873  S  SG  . CYS A 1 106 ? -2.394  9.434   2.011   1.00 20.21 ? 106 CYS A SG  1 
ATOM   874  N  N   . LEU A 1 107 ? -4.145  9.860   5.114   1.00 17.44 ? 107 LEU A N   1 
ATOM   875  C  CA  . LEU A 1 107 ? -5.346  9.137   5.481   1.00 17.85 ? 107 LEU A CA  1 
ATOM   876  C  C   . LEU A 1 107 ? -5.699  8.231   4.309   1.00 17.95 ? 107 LEU A C   1 
ATOM   877  O  O   . LEU A 1 107 ? -5.839  8.699   3.178   1.00 20.03 ? 107 LEU A O   1 
ATOM   878  C  CB  . LEU A 1 107 ? -6.487  10.132  5.761   1.00 17.97 ? 107 LEU A CB  1 
ATOM   879  C  CG  . LEU A 1 107 ? -7.901  9.593   5.947   1.00 19.17 ? 107 LEU A CG  1 
ATOM   880  C  CD1 . LEU A 1 107 ? -7.978  8.686   7.167   1.00 21.75 ? 107 LEU A CD1 1 
ATOM   881  C  CD2 . LEU A 1 107 ? -8.914  10.762  6.056   1.00 18.18 ? 107 LEU A CD2 1 
ATOM   882  N  N   . VAL A 1 108 ? -5.784  6.929   4.564   1.00 18.64 ? 108 VAL A N   1 
ATOM   883  C  CA  . VAL A 1 108 ? -6.189  5.984   3.537   1.00 17.82 ? 108 VAL A CA  1 
ATOM   884  C  C   . VAL A 1 108 ? -7.435  5.248   4.030   1.00 21.09 ? 108 VAL A C   1 
ATOM   885  O  O   . VAL A 1 108 ? -7.459  4.734   5.157   1.00 22.26 ? 108 VAL A O   1 
ATOM   886  C  CB  . VAL A 1 108 ? -5.081  4.989   3.171   1.00 19.70 ? 108 VAL A CB  1 
ATOM   887  C  CG1 . VAL A 1 108 ? -5.555  4.101   2.021   1.00 22.27 ? 108 VAL A CG1 1 
ATOM   888  C  CG2 . VAL A 1 108 ? -3.819  5.738   2.769   1.00 19.97 ? 108 VAL A CG2 1 
ATOM   889  N  N   . ILE A 1 109 ? -8.473  5.232   3.201   1.00 17.92 ? 109 ILE A N   1 
ATOM   890  C  CA  . ILE A 1 109 ? -9.699  4.546   3.566   1.00 18.96 ? 109 ILE A CA  1 
ATOM   891  C  C   . ILE A 1 109 ? -10.041 3.481   2.532   1.00 20.36 ? 109 ILE A C   1 
ATOM   892  O  O   . ILE A 1 109 ? -10.067 3.748   1.322   1.00 19.21 ? 109 ILE A O   1 
ATOM   893  C  CB  . ILE A 1 109 ? -10.862 5.543   3.753   1.00 17.72 ? 109 ILE A CB  1 
ATOM   894  C  CG1 . ILE A 1 109 ? -10.526 6.450   4.932   1.00 18.43 ? 109 ILE A CG1 1 
ATOM   895  C  CG2 . ILE A 1 109 ? -12.170 4.807   4.015   1.00 19.13 ? 109 ILE A CG2 1 
ATOM   896  C  CD1 . ILE A 1 109 ? -11.487 7.602   5.132   1.00 20.02 ? 109 ILE A CD1 1 
ATOM   897  N  N   . GLU A 1 110 ? -10.275 2.270   3.032   1.00 19.98 ? 110 GLU A N   1 
ATOM   898  C  CA  . GLU A 1 110 ? -10.625 1.120   2.212   1.00 19.90 ? 110 GLU A CA  1 
ATOM   899  C  C   . GLU A 1 110 ? -11.786 0.396   2.869   1.00 20.13 ? 110 GLU A C   1 
ATOM   900  O  O   . GLU A 1 110 ? -12.245 0.810   3.940   1.00 21.16 ? 110 GLU A O   1 
ATOM   901  C  CB  . GLU A 1 110 ? -9.422  0.167   2.098   1.00 21.80 ? 110 GLU A CB  1 
ATOM   902  C  CG  . GLU A 1 110 ? -8.202  0.779   1.422   1.00 24.07 ? 110 GLU A CG  1 
ATOM   903  C  CD  . GLU A 1 110 ? -6.977  -0.125  1.437   1.00 27.01 ? 110 GLU A CD  1 
ATOM   904  O  OE1 . GLU A 1 110 ? -5.871  0.414   1.221   1.00 30.32 ? 110 GLU A OE1 1 
ATOM   905  O  OE2 . GLU A 1 110 ? -7.104  -1.357  1.650   1.00 24.40 ? 110 GLU A OE2 1 
ATOM   906  N  N   . ARG A 1 111 ? -12.265 -0.658  2.216   1.00 21.32 ? 111 ARG A N   1 
ATOM   907  C  CA  . ARG A 1 111 ? -13.358 -1.486  2.729   1.00 22.46 ? 111 ARG A CA  1 
ATOM   908  C  C   . ARG A 1 111 ? -12.855 -2.865  3.049   1.00 21.26 ? 111 ARG A C   1 
ATOM   909  O  O   . ARG A 1 111 ? -11.975 -3.353  2.351   1.00 21.29 ? 111 ARG A O   1 
ATOM   910  C  CB  . ARG A 1 111 ? -14.471 -1.670  1.670   1.00 27.91 ? 111 ARG A CB  1 
ATOM   911  C  CG  . ARG A 1 111 ? -15.355 -0.491  1.393   1.00 28.05 ? 111 ARG A CG  1 
ATOM   912  C  CD  . ARG A 1 111 ? -16.400 -0.808  0.308   1.00 29.53 ? 111 ARG A CD  1 
ATOM   913  N  NE  . ARG A 1 111 ? -16.947 -2.144  0.490   1.00 26.17 ? 111 ARG A NE  1 
ATOM   914  C  CZ  . ARG A 1 111 ? -17.660 -2.816  -0.405  1.00 21.95 ? 111 ARG A CZ  1 
ATOM   915  N  NH1 . ARG A 1 111 ? -17.947 -2.295  -1.590  1.00 22.04 ? 111 ARG A NH1 1 
ATOM   916  N  NH2 . ARG A 1 111 ? -18.077 -4.034  -0.101  1.00 26.03 ? 111 ARG A NH2 1 
ATOM   917  N  N   . GLN A 1 112 ? -13.424 -3.512  4.066   1.00 21.12 ? 112 GLN A N   1 
ATOM   918  C  CA  . GLN A 1 112 ? -13.139 -4.934  4.294   1.00 21.82 ? 112 GLN A CA  1 
ATOM   919  C  C   . GLN A 1 112 ? -13.579 -5.727  3.073   1.00 21.80 ? 112 GLN A C   1 
ATOM   920  O  O   . GLN A 1 112 ? -14.648 -5.486  2.520   1.00 24.39 ? 112 GLN A O   1 
ATOM   921  C  CB  . GLN A 1 112 ? -13.918 -5.458  5.506   1.00 23.87 ? 112 GLN A CB  1 
ATOM   922  C  CG  . GLN A 1 112 ? -13.552 -4.827  6.822   1.00 30.98 ? 112 GLN A CG  1 
ATOM   923  C  CD  . GLN A 1 112 ? -12.437 -5.547  7.523   1.00 39.45 ? 112 GLN A CD  1 
ATOM   924  O  OE1 . GLN A 1 112 ? -11.789 -6.431  6.948   1.00 35.38 ? 112 GLN A OE1 1 
ATOM   925  N  NE2 . GLN A 1 112 ? -12.204 -5.185  8.787   1.00 39.12 ? 112 GLN A NE2 1 
ATOM   926  N  N   . ARG A 1 113 ? -12.765 -6.697  2.650   1.00 21.87 ? 113 ARG A N   1 
ATOM   927  C  CA  . ARG A 1 113 ? -13.140 -7.493  1.490   1.00 22.19 ? 113 ARG A CA  1 
ATOM   928  C  C   . ARG A 1 113 ? -13.957 -8.693  1.934   1.00 22.53 ? 113 ARG A C   1 
ATOM   929  O  O   . ARG A 1 113 ? -13.568 -9.395  2.875   1.00 25.50 ? 113 ARG A O   1 
ATOM   930  C  CB  . ARG A 1 113 ? -11.894 -8.005  0.745   1.00 21.35 ? 113 ARG A CB  1 
ATOM   931  C  CG  . ARG A 1 113 ? -11.206 -6.985  -0.150  1.00 23.82 ? 113 ARG A CG  1 
ATOM   932  C  CD  . ARG A 1 113 ? -10.628 -5.846  0.664   1.00 28.44 ? 113 ARG A CD  1 
ATOM   933  N  NE  . ARG A 1 113 ? -9.289  -5.455  0.260   1.00 20.03 ? 113 ARG A NE  1 
ATOM   934  C  CZ  . ARG A 1 113 ? -8.688  -4.333  0.639   1.00 21.31 ? 113 ARG A CZ  1 
ATOM   935  N  NH1 . ARG A 1 113 ? -9.325  -3.463  1.415   1.00 23.41 ? 113 ARG A NH1 1 
ATOM   936  N  NH2 . ARG A 1 113 ? -7.454  -4.072  0.225   1.00 20.39 ? 113 ARG A NH2 1 
ATOM   937  N  N   . PRO A 1 114 ? -15.076 -8.950  1.243   1.00 25.42 ? 114 PRO A N   1 
ATOM   938  C  CA  . PRO A 1 114 ? -15.878 -10.140 1.536   1.00 29.61 ? 114 PRO A CA  1 
ATOM   939  C  C   . PRO A 1 114 ? -15.111 -11.399 1.162   1.00 28.31 ? 114 PRO A C   1 
ATOM   940  O  O   . PRO A 1 114 ? -14.160 -11.333 0.369   1.00 26.10 ? 114 PRO A O   1 
ATOM   941  C  CB  . PRO A 1 114 ? -17.103 -9.979  0.633   1.00 30.34 ? 114 PRO A CB  1 
ATOM   942  C  CG  . PRO A 1 114 ? -16.671 -9.044  -0.444  1.00 33.03 ? 114 PRO A CG  1 
ATOM   943  C  CD  . PRO A 1 114 ? -15.686 -8.108  0.200   1.00 26.06 ? 114 PRO A CD  1 
ATOM   944  N  N   . ALA A 1 115 ? -15.499 -12.525 1.748   1.00 29.24 ? 115 ALA A N   1 
ATOM   945  C  CA  . ALA A 1 115 ? -14.860 -13.795 1.437   1.00 32.21 ? 115 ALA A CA  1 
ATOM   946  C  C   . ALA A 1 115 ? -14.983 -14.054 -0.058  1.00 30.90 ? 115 ALA A C   1 
ATOM   947  O  O   . ALA A 1 115 ? -16.054 -13.883 -0.637  1.00 33.63 ? 115 ALA A O   1 
ATOM   948  C  CB  . ALA A 1 115 ? -15.502 -14.917 2.228   1.00 34.32 ? 115 ALA A CB  1 
ATOM   949  N  N   . GLY A 1 116 ? -13.883 -14.448 -0.687  1.00 26.57 ? 116 GLY A N   1 
ATOM   950  C  CA  . GLY A 1 116 ? -13.900 -14.725 -2.110  1.00 27.79 ? 116 GLY A CA  1 
ATOM   951  C  C   . GLY A 1 116 ? -13.394 -13.571 -2.945  1.00 27.93 ? 116 GLY A C   1 
ATOM   952  O  O   . GLY A 1 116 ? -13.048 -13.740 -4.116  1.00 31.93 ? 116 GLY A O   1 
ATOM   953  N  N   . MET A 1 117 ? -13.359 -12.382 -2.351  1.00 23.98 ? 117 MET A N   1 
ATOM   954  C  CA  . MET A 1 117 ? -12.838 -11.223 -3.058  1.00 24.74 ? 117 MET A CA  1 
ATOM   955  C  C   . MET A 1 117 ? -11.373 -11.042 -2.685  1.00 23.82 ? 117 MET A C   1 
ATOM   956  O  O   . MET A 1 117 ? -11.069 -10.626 -1.568  1.00 23.80 ? 117 MET A O   1 
ATOM   957  C  CB  . MET A 1 117 ? -13.619 -9.969  -2.685  1.00 24.82 ? 117 MET A CB  1 
ATOM   958  C  CG  . MET A 1 117 ? -13.139 -8.782  -3.452  1.00 25.25 ? 117 MET A CG  1 
ATOM   959  S  SD  . MET A 1 117 ? -14.196 -7.339  -3.214  1.00 30.45 ? 117 MET A SD  1 
ATOM   960  C  CE  . MET A 1 117 ? -15.779 -8.001  -3.717  1.00 24.73 ? 117 MET A CE  1 
ATOM   961  N  N   . LEU A 1 118 ? -10.467 -11.372 -3.606  1.00 22.61 ? 118 LEU A N   1 
ATOM   962  C  CA  . LEU A 1 118 ? -9.042  -11.411 -3.281  1.00 22.11 ? 118 LEU A CA  1 
ATOM   963  C  C   . LEU A 1 118 ? -8.265  -10.175 -3.718  1.00 21.31 ? 118 LEU A C   1 
ATOM   964  O  O   . LEU A 1 118 ? -8.597  -9.539  -4.727  1.00 23.79 ? 118 LEU A O   1 
ATOM   965  C  CB  . LEU A 1 118 ? -8.385  -12.643 -3.918  1.00 21.95 ? 118 LEU A CB  1 
ATOM   966  C  CG  . LEU A 1 118 ? -9.102  -13.966 -3.684  1.00 23.43 ? 118 LEU A CG  1 
ATOM   967  C  CD1 . LEU A 1 118 ? -8.253  -15.108 -4.259  1.00 25.19 ? 118 LEU A CD1 1 
ATOM   968  C  CD2 . LEU A 1 118 ? -9.331  -14.162 -2.212  1.00 24.54 ? 118 LEU A CD2 1 
ATOM   969  N  N   . ASP A 1 119 ? -7.244  -9.843  -2.936  1.00 19.93 ? 119 ASP A N   1 
ATOM   970  C  CA  . ASP A 1 119 ? -6.275  -8.811  -3.284  1.00 20.77 ? 119 ASP A CA  1 
ATOM   971  C  C   . ASP A 1 119 ? -5.117  -9.432  -4.028  1.00 23.23 ? 119 ASP A C   1 
ATOM   972  O  O   . ASP A 1 119 ? -4.786  -10.588 -3.797  1.00 21.87 ? 119 ASP A O   1 
ATOM   973  C  CB  . ASP A 1 119 ? -5.739  -8.144  -2.018  1.00 19.23 ? 119 ASP A CB  1 
ATOM   974  C  CG  . ASP A 1 119 ? -6.713  -7.139  -1.444  1.00 20.18 ? 119 ASP A CG  1 
ATOM   975  O  OD1 . ASP A 1 119 ? -6.437  -5.925  -1.567  1.00 22.98 ? 119 ASP A OD1 1 
ATOM   976  O  OD2 . ASP A 1 119 ? -7.764  -7.567  -0.918  1.00 21.43 ? 119 ASP A OD2 1 
ATOM   977  N  N   . GLY A 1 120 ? -4.500  -8.660  -4.910  1.00 19.57 ? 120 GLY A N   1 
ATOM   978  C  CA  . GLY A 1 120 ? -3.312  -9.113  -5.605  1.00 20.94 ? 120 GLY A CA  1 
ATOM   979  C  C   . GLY A 1 120 ? -2.109  -8.268  -5.243  1.00 21.97 ? 120 GLY A C   1 
ATOM   980  O  O   . GLY A 1 120 ? -2.219  -7.064  -5.034  1.00 21.14 ? 120 GLY A O   1 
ATOM   981  N  N   . PHE A 1 121 ? -0.948  -8.900  -5.153  1.00 19.72 ? 121 PHE A N   1 
ATOM   982  C  CA  . PHE A 1 121 ? 0.292   -8.165  -4.990  1.00 19.88 ? 121 PHE A CA  1 
ATOM   983  C  C   . PHE A 1 121 ? 1.254   -8.688  -6.022  1.00 21.68 ? 121 PHE A C   1 
ATOM   984  O  O   . PHE A 1 121 ? 1.370   -9.894  -6.206  1.00 22.45 ? 121 PHE A O   1 
ATOM   985  C  CB  . PHE A 1 121 ? 0.841   -8.322  -3.571  1.00 21.99 ? 121 PHE A CB  1 
ATOM   986  C  CG  . PHE A 1 121 ? 0.006   -7.597  -2.560  1.00 20.60 ? 121 PHE A CG  1 
ATOM   987  C  CD1 . PHE A 1 121 ? 0.269   -6.266  -2.270  1.00 23.27 ? 121 PHE A CD1 1 
ATOM   988  C  CD2 . PHE A 1 121 ? -1.079  -8.219  -1.959  1.00 22.61 ? 121 PHE A CD2 1 
ATOM   989  C  CE1 . PHE A 1 121 ? -0.541  -5.563  -1.372  1.00 24.34 ? 121 PHE A CE1 1 
ATOM   990  C  CE2 . PHE A 1 121 ? -1.897  -7.516  -1.060  1.00 22.42 ? 121 PHE A CE2 1 
ATOM   991  C  CZ  . PHE A 1 121 ? -1.610  -6.206  -0.765  1.00 22.66 ? 121 PHE A CZ  1 
ATOM   992  N  N   . GLU A 1 122 ? 1.892   -7.778  -6.737  1.00 20.86 ? 122 GLU A N   1 
ATOM   993  C  CA  . GLU A 1 122 ? 2.733   -8.219  -7.834  1.00 24.00 ? 122 GLU A CA  1 
ATOM   994  C  C   . GLU A 1 122 ? 3.930   -7.326  -8.111  1.00 24.20 ? 122 GLU A C   1 
ATOM   995  O  O   . GLU A 1 122 ? 4.015   -6.186  -7.643  1.00 22.94 ? 122 GLU A O   1 
ATOM   996  C  CB  . GLU A 1 122 ? 1.890   -8.425  -9.087  1.00 28.38 ? 122 GLU A CB  1 
ATOM   997  C  CG  . GLU A 1 122 ? 1.232   -7.182  -9.546  1.00 25.84 ? 122 GLU A CG  1 
ATOM   998  C  CD  . GLU A 1 122 ? 0.051   -7.405  -10.488 1.00 30.78 ? 122 GLU A CD  1 
ATOM   999  O  OE1 . GLU A 1 122 ? -0.254  -6.460  -11.221 1.00 25.92 ? 122 GLU A OE1 1 
ATOM   1000 O  OE2 . GLU A 1 122 ? -0.575  -8.488  -10.509 1.00 31.01 ? 122 GLU A OE2 1 
ATOM   1001 N  N   . TRP A 1 123 ? 4.877   -7.884  -8.859  1.00 20.12 ? 123 TRP A N   1 
ATOM   1002 C  CA  . TRP A 1 123 ? 6.097   -7.177  -9.218  1.00 21.05 ? 123 TRP A CA  1 
ATOM   1003 C  C   . TRP A 1 123 ? 6.304   -7.258  -10.726 1.00 22.21 ? 123 TRP A C   1 
ATOM   1004 O  O   . TRP A 1 123 ? 5.917   -8.242  -11.361 1.00 23.46 ? 123 TRP A O   1 
ATOM   1005 C  CB  . TRP A 1 123 ? 7.298   -7.788  -8.508  1.00 22.52 ? 123 TRP A CB  1 
ATOM   1006 C  CG  . TRP A 1 123 ? 7.302   -7.604  -7.012  1.00 20.86 ? 123 TRP A CG  1 
ATOM   1007 C  CD1 . TRP A 1 123 ? 8.016   -6.680  -6.299  1.00 20.38 ? 123 TRP A CD1 1 
ATOM   1008 C  CD2 . TRP A 1 123 ? 6.592   -8.394  -6.050  1.00 20.20 ? 123 TRP A CD2 1 
ATOM   1009 N  NE1 . TRP A 1 123 ? 7.795   -6.847  -4.950  1.00 21.83 ? 123 TRP A NE1 1 
ATOM   1010 C  CE2 . TRP A 1 123 ? 6.921   -7.888  -4.772  1.00 21.66 ? 123 TRP A CE2 1 
ATOM   1011 C  CE3 . TRP A 1 123 ? 5.705   -9.473  -6.145  1.00 22.01 ? 123 TRP A CE3 1 
ATOM   1012 C  CZ2 . TRP A 1 123 ? 6.396   -8.437  -3.594  1.00 23.00 ? 123 TRP A CZ2 1 
ATOM   1013 C  CZ3 . TRP A 1 123 ? 5.184   -10.011 -4.973  1.00 24.63 ? 123 TRP A CZ3 1 
ATOM   1014 C  CH2 . TRP A 1 123 ? 5.532   -9.489  -3.717  1.00 24.70 ? 123 TRP A CH2 1 
ATOM   1015 N  N   . TYR A 1 124 ? 6.913   -6.217  -11.285 1.00 23.31 ? 124 TYR A N   1 
ATOM   1016 C  CA  . TYR A 1 124 ? 7.106   -6.103  -12.724 1.00 25.17 ? 124 TYR A CA  1 
ATOM   1017 C  C   . TYR A 1 124 ? 8.582   -5.950  -13.018 1.00 23.57 ? 124 TYR A C   1 
ATOM   1018 O  O   . TYR A 1 124 ? 9.337   -5.416  -12.209 1.00 24.24 ? 124 TYR A O   1 
ATOM   1019 C  CB  . TYR A 1 124 ? 6.319   -4.906  -13.287 1.00 24.50 ? 124 TYR A CB  1 
ATOM   1020 C  CG  . TYR A 1 124 ? 4.836   -5.159  -13.298 1.00 24.96 ? 124 TYR A CG  1 
ATOM   1021 C  CD1 . TYR A 1 124 ? 4.212   -5.684  -14.422 1.00 24.00 ? 124 TYR A CD1 1 
ATOM   1022 C  CD2 . TYR A 1 124 ? 4.059   -4.910  -12.171 1.00 25.56 ? 124 TYR A CD2 1 
ATOM   1023 C  CE1 . TYR A 1 124 ? 2.848   -5.942  -14.431 1.00 27.37 ? 124 TYR A CE1 1 
ATOM   1024 C  CE2 . TYR A 1 124 ? 2.700   -5.163  -12.173 1.00 24.19 ? 124 TYR A CE2 1 
ATOM   1025 C  CZ  . TYR A 1 124 ? 2.099   -5.676  -13.302 1.00 26.67 ? 124 TYR A CZ  1 
ATOM   1026 O  OH  . TYR A 1 124 ? 0.748   -5.937  -13.301 1.00 28.23 ? 124 TYR A OH  1 
ATOM   1027 N  N   . CYS A 1 125 ? 8.996   -6.435  -14.179 1.00 27.04 ? 125 CYS A N   1 
ATOM   1028 C  CA  . CYS A 1 125 ? 10.400  -6.393  -14.525 1.00 30.06 ? 125 CYS A CA  1 
ATOM   1029 C  C   . CYS A 1 125 ? 10.847  -4.993  -14.934 1.00 29.25 ? 125 CYS A C   1 
ATOM   1030 O  O   . CYS A 1 125 ? 10.228  -4.366  -15.792 1.00 31.22 ? 125 CYS A O   1 
ATOM   1031 C  CB  . CYS A 1 125 ? 10.675  -7.366  -15.653 1.00 29.84 ? 125 CYS A CB  1 
ATOM   1032 S  SG  . CYS A 1 125 ? 12.418  -7.414  -16.100 1.00 30.66 ? 125 CYS A SG  1 
ATOM   1033 N  N   . ASP A 1 126 ? 11.930  -4.518  -14.320 1.00 31.06 ? 126 ASP A N   1 
ATOM   1034 C  CA  . ASP A 1 126 ? 12.478  -3.197  -14.619 1.00 34.59 ? 126 ASP A CA  1 
ATOM   1035 C  C   . ASP A 1 126 ? 13.042  -3.115  -16.040 1.00 36.96 ? 126 ASP A C   1 
ATOM   1036 O  O   . ASP A 1 126 ? 13.150  -2.027  -16.611 1.00 37.79 ? 126 ASP A O   1 
ATOM   1037 C  CB  . ASP A 1 126 ? 13.577  -2.834  -13.614 1.00 35.76 ? 126 ASP A CB  1 
ATOM   1038 C  CG  . ASP A 1 126 ? 13.047  -2.639  -12.200 1.00 43.00 ? 126 ASP A CG  1 
ATOM   1039 O  OD1 . ASP A 1 126 ? 11.876  -2.225  -12.042 1.00 41.52 ? 126 ASP A OD1 1 
ATOM   1040 O  OD2 . ASP A 1 126 ? 13.812  -2.895  -11.243 1.00 45.59 ? 126 ASP A OD2 1 
ATOM   1041 N  N   . ALA A 1 127 ? 13.399  -4.268  -16.600 1.00 34.15 ? 127 ALA A N   1 
ATOM   1042 C  CA  . ALA A 1 127 ? 14.035  -4.338  -17.915 1.00 34.56 ? 127 ALA A CA  1 
ATOM   1043 C  C   . ALA A 1 127 ? 13.030  -4.380  -19.064 1.00 37.69 ? 127 ALA A C   1 
ATOM   1044 O  O   . ALA A 1 127 ? 13.178  -3.654  -20.047 1.00 43.97 ? 127 ALA A O   1 
ATOM   1045 C  CB  . ALA A 1 127 ? 14.970  -5.542  -17.984 1.00 32.35 ? 127 ALA A CB  1 
ATOM   1046 N  N   . CYS A 1 128 ? 12.010  -5.228  -18.960 1.00 32.14 ? 128 CYS A N   1 
ATOM   1047 C  CA  . CYS A 1 128 ? 11.050  -5.346  -20.058 1.00 34.34 ? 128 CYS A CA  1 
ATOM   1048 C  C   . CYS A 1 128 ? 9.601   -5.036  -19.681 1.00 36.25 ? 128 CYS A C   1 
ATOM   1049 O  O   . CYS A 1 128 ? 8.728   -4.995  -20.548 1.00 34.96 ? 128 CYS A O   1 
ATOM   1050 C  CB  . CYS A 1 128 ? 11.130  -6.727  -20.707 1.00 37.02 ? 128 CYS A CB  1 
ATOM   1051 S  SG  . CYS A 1 128 ? 10.242  -8.006  -19.817 1.00 36.84 ? 128 CYS A SG  1 
ATOM   1052 N  N   . GLY A 1 129 ? 9.338   -4.834  -18.395 1.00 33.70 ? 129 GLY A N   1 
ATOM   1053 C  CA  . GLY A 1 129 ? 8.007   -4.425  -17.975 1.00 32.56 ? 129 GLY A CA  1 
ATOM   1054 C  C   . GLY A 1 129 ? 7.011   -5.555  -17.785 1.00 31.03 ? 129 GLY A C   1 
ATOM   1055 O  O   . GLY A 1 129 ? 5.878   -5.330  -17.382 1.00 30.88 ? 129 GLY A O   1 
ATOM   1056 N  N   . HIS A 1 130 ? 7.436   -6.779  -18.066 1.00 31.50 ? 130 HIS A N   1 
ATOM   1057 C  CA  . HIS A 1 130 ? 6.569   -7.942  -17.937 1.00 30.10 ? 130 HIS A CA  1 
ATOM   1058 C  C   . HIS A 1 130 ? 6.278   -8.239  -16.464 1.00 25.59 ? 130 HIS A C   1 
ATOM   1059 O  O   . HIS A 1 130 ? 7.106   -7.962  -15.584 1.00 25.68 ? 130 HIS A O   1 
ATOM   1060 C  CB  . HIS A 1 130 ? 7.268   -9.144  -18.571 1.00 33.44 ? 130 HIS A CB  1 
ATOM   1061 C  CG  . HIS A 1 130 ? 6.344   -10.234 -19.009 1.00 35.80 ? 130 HIS A CG  1 
ATOM   1062 N  ND1 . HIS A 1 130 ? 5.950   -11.257 -18.170 1.00 37.21 ? 130 HIS A ND1 1 
ATOM   1063 C  CD2 . HIS A 1 130 ? 5.772   -10.488 -20.209 1.00 37.79 ? 130 HIS A CD2 1 
ATOM   1064 C  CE1 . HIS A 1 130 ? 5.158   -12.082 -18.831 1.00 39.29 ? 130 HIS A CE1 1 
ATOM   1065 N  NE2 . HIS A 1 130 ? 5.031   -11.639 -20.069 1.00 41.36 ? 130 HIS A NE2 1 
ATOM   1066 N  N   . LEU A 1 131 ? 5.114   -8.825  -16.200 1.00 29.40 ? 131 LEU A N   1 
ATOM   1067 C  CA  . LEU A 1 131 ? 4.782   -9.295  -14.858 1.00 26.78 ? 131 LEU A CA  1 
ATOM   1068 C  C   . LEU A 1 131 ? 5.748   -10.402 -14.436 1.00 29.92 ? 131 LEU A C   1 
ATOM   1069 O  O   . LEU A 1 131 ? 5.902   -11.403 -15.141 1.00 28.21 ? 131 LEU A O   1 
ATOM   1070 C  CB  . LEU A 1 131 ? 3.340   -9.815  -14.819 1.00 27.77 ? 131 LEU A CB  1 
ATOM   1071 C  CG  . LEU A 1 131 ? 2.873   -10.435 -13.497 1.00 27.62 ? 131 LEU A CG  1 
ATOM   1072 C  CD1 . LEU A 1 131 ? 2.678   -9.369  -12.418 1.00 25.79 ? 131 LEU A CD1 1 
ATOM   1073 C  CD2 . LEU A 1 131 ? 1.599   -11.249 -13.689 1.00 26.75 ? 131 LEU A CD2 1 
ATOM   1074 N  N   . VAL A 1 132 ? 6.391   -10.220 -13.285 1.00 24.77 ? 132 VAL A N   1 
ATOM   1075 C  CA  . VAL A 1 132 ? 7.347   -11.194 -12.764 1.00 24.13 ? 132 VAL A CA  1 
ATOM   1076 C  C   . VAL A 1 132 ? 6.695   -12.202 -11.823 1.00 26.02 ? 132 VAL A C   1 
ATOM   1077 O  O   . VAL A 1 132 ? 6.973   -13.389 -11.889 1.00 23.78 ? 132 VAL A O   1 
ATOM   1078 C  CB  . VAL A 1 132 ? 8.515   -10.498 -12.031 1.00 24.50 ? 132 VAL A CB  1 
ATOM   1079 C  CG1 . VAL A 1 132 ? 9.449   -11.524 -11.399 1.00 28.90 ? 132 VAL A CG1 1 
ATOM   1080 C  CG2 . VAL A 1 132 ? 9.290   -9.606  -12.994 1.00 27.86 ? 132 VAL A CG2 1 
ATOM   1081 N  N   . HIS A 1 133 ? 5.814   -11.741 -10.943 1.00 25.31 ? 133 HIS A N   1 
ATOM   1082 C  CA  . HIS A 1 133 ? 5.228   -12.636 -9.951  1.00 22.73 ? 133 HIS A CA  1 
ATOM   1083 C  C   . HIS A 1 133 ? 3.983   -11.980 -9.403  1.00 22.89 ? 133 HIS A C   1 
ATOM   1084 O  O   . HIS A 1 133 ? 3.977   -10.771 -9.207  1.00 24.34 ? 133 HIS A O   1 
ATOM   1085 C  CB  . HIS A 1 133 ? 6.200   -12.855 -8.799  1.00 24.49 ? 133 HIS A CB  1 
ATOM   1086 C  CG  . HIS A 1 133 ? 5.772   -13.923 -7.838  1.00 27.62 ? 133 HIS A CG  1 
ATOM   1087 N  ND1 . HIS A 1 133 ? 5.783   -15.264 -8.160  1.00 30.96 ? 133 HIS A ND1 1 
ATOM   1088 C  CD2 . HIS A 1 133 ? 5.332   -13.846 -6.557  1.00 26.45 ? 133 HIS A CD2 1 
ATOM   1089 C  CE1 . HIS A 1 133 ? 5.360   -15.968 -7.123  1.00 31.89 ? 133 HIS A CE1 1 
ATOM   1090 N  NE2 . HIS A 1 133 ? 5.075   -15.131 -6.141  1.00 28.01 ? 133 HIS A NE2 1 
ATOM   1091 N  N   . ARG A 1 134 ? 2.943   -12.769 -9.167  1.00 20.68 ? 134 ARG A N   1 
ATOM   1092 C  CA  . ARG A 1 134 ? 1.713   -12.262 -8.547  1.00 22.01 ? 134 ARG A CA  1 
ATOM   1093 C  C   . ARG A 1 134 ? 1.246   -13.236 -7.474  1.00 25.85 ? 134 ARG A C   1 
ATOM   1094 O  O   . ARG A 1 134 ? 1.263   -14.451 -7.681  1.00 25.06 ? 134 ARG A O   1 
ATOM   1095 C  CB  . ARG A 1 134 ? 0.619   -12.084 -9.598  1.00 21.72 ? 134 ARG A CB  1 
ATOM   1096 C  CG  . ARG A 1 134 ? -0.794  -11.842 -9.030  1.00 21.25 ? 134 ARG A CG  1 
ATOM   1097 C  CD  . ARG A 1 134 ? -1.790  -11.653 -10.170 1.00 26.24 ? 134 ARG A CD  1 
ATOM   1098 N  NE  . ARG A 1 134 ? -3.185  -11.604 -9.729  1.00 24.89 ? 134 ARG A NE  1 
ATOM   1099 C  CZ  . ARG A 1 134 ? -3.854  -10.478 -9.478  1.00 26.67 ? 134 ARG A CZ  1 
ATOM   1100 N  NH1 . ARG A 1 134 ? -3.249  -9.309  -9.620  1.00 22.68 ? 134 ARG A NH1 1 
ATOM   1101 N  NH2 . ARG A 1 134 ? -5.124  -10.526 -9.089  1.00 27.76 ? 134 ARG A NH2 1 
ATOM   1102 N  N   . VAL A 1 135 ? 0.844   -12.712 -6.321  1.00 20.45 ? 135 VAL A N   1 
ATOM   1103 C  CA  . VAL A 1 135 ? 0.229   -13.543 -5.295  1.00 20.07 ? 135 VAL A CA  1 
ATOM   1104 C  C   . VAL A 1 135 ? -1.132  -12.956 -4.971  1.00 21.55 ? 135 VAL A C   1 
ATOM   1105 O  O   . VAL A 1 135 ? -1.247  -11.737 -4.808  1.00 23.08 ? 135 VAL A O   1 
ATOM   1106 C  CB  . VAL A 1 135 ? 1.043   -13.564 -3.997  1.00 21.82 ? 135 VAL A CB  1 
ATOM   1107 C  CG1 . VAL A 1 135 ? 0.426   -14.555 -3.011  1.00 23.24 ? 135 VAL A CG1 1 
ATOM   1108 C  CG2 . VAL A 1 135 ? 2.503   -13.948 -4.267  1.00 24.09 ? 135 VAL A CG2 1 
ATOM   1109 N  N   . GLU A 1 136 ? -2.153  -13.807 -4.905  1.00 20.23 ? 136 GLU A N   1 
ATOM   1110 C  CA  . GLU A 1 136 ? -3.483  -13.381 -4.478  1.00 20.03 ? 136 GLU A CA  1 
ATOM   1111 C  C   . GLU A 1 136 ? -3.728  -13.817 -3.040  1.00 22.20 ? 136 GLU A C   1 
ATOM   1112 O  O   . GLU A 1 136 ? -3.323  -14.902 -2.622  1.00 20.80 ? 136 GLU A O   1 
ATOM   1113 C  CB  . GLU A 1 136 ? -4.565  -13.929 -5.411  1.00 21.97 ? 136 GLU A CB  1 
ATOM   1114 C  CG  . GLU A 1 136 ? -4.476  -13.426 -6.847  1.00 26.98 ? 136 GLU A CG  1 
ATOM   1115 C  CD  . GLU A 1 136 ? -5.650  -13.877 -7.698  1.00 35.20 ? 136 GLU A CD  1 
ATOM   1116 O  OE1 . GLU A 1 136 ? -6.319  -14.860 -7.319  1.00 40.02 ? 136 GLU A OE1 1 
ATOM   1117 O  OE2 . GLU A 1 136 ? -5.913  -13.244 -8.745  1.00 38.88 ? 136 GLU A OE2 1 
ATOM   1118 N  N   . VAL A 1 137 ? -4.389  -12.960 -2.268  1.00 21.50 ? 137 VAL A N   1 
ATOM   1119 C  CA  . VAL A 1 137 ? -4.548  -13.206 -0.848  1.00 20.18 ? 137 VAL A CA  1 
ATOM   1120 C  C   . VAL A 1 137 ? -5.960  -12.773 -0.431  1.00 18.77 ? 137 VAL A C   1 
ATOM   1121 O  O   . VAL A 1 137 ? -6.499  -11.789 -0.954  1.00 21.10 ? 137 VAL A O   1 
ATOM   1122 C  CB  . VAL A 1 137 ? -3.474  -12.440 -0.039  1.00 25.07 ? 137 VAL A CB  1 
ATOM   1123 C  CG1 . VAL A 1 137 ? -3.546  -10.944 -0.335  1.00 24.76 ? 137 VAL A CG1 1 
ATOM   1124 C  CG2 . VAL A 1 137 ? -3.606  -12.685 1.444   1.00 27.68 ? 137 VAL A CG2 1 
ATOM   1125 N  N   . GLN A 1 138 ? -6.576  -13.534 0.471   1.00 18.70 ? 138 GLN A N   1 
ATOM   1126 C  CA  . GLN A 1 138 ? -7.789  -13.078 1.147   1.00 19.05 ? 138 GLN A CA  1 
ATOM   1127 C  C   . GLN A 1 138 ? -7.290  -12.242 2.308   1.00 21.77 ? 138 GLN A C   1 
ATOM   1128 O  O   . GLN A 1 138 ? -6.773  -12.769 3.295   1.00 23.50 ? 138 GLN A O   1 
ATOM   1129 C  CB  . GLN A 1 138 ? -8.601  -14.269 1.664   1.00 19.82 ? 138 GLN A CB  1 
ATOM   1130 C  CG  . GLN A 1 138 ? -9.917  -13.855 2.330   1.00 19.88 ? 138 GLN A CG  1 
ATOM   1131 C  CD  . GLN A 1 138 ? -10.933 -13.389 1.319   1.00 24.31 ? 138 GLN A CD  1 
ATOM   1132 O  OE1 . GLN A 1 138 ? -11.333 -14.144 0.431   1.00 24.13 ? 138 GLN A OE1 1 
ATOM   1133 N  NE2 . GLN A 1 138 ? -11.358 -12.127 1.439   1.00 23.89 ? 138 GLN A NE2 1 
ATOM   1134 N  N   . LEU A 1 139 ? -7.401  -10.924 2.179   1.00 22.31 ? 139 LEU A N   1 
ATOM   1135 C  CA  . LEU A 1 139 ? -6.749  -10.027 3.117   1.00 23.36 ? 139 LEU A CA  1 
ATOM   1136 C  C   . LEU A 1 139 ? -7.647  -9.794  4.336   1.00 28.21 ? 139 LEU A C   1 
ATOM   1137 O  O   . LEU A 1 139 ? -8.645  -9.065  4.266   1.00 28.80 ? 139 LEU A O   1 
ATOM   1138 C  CB  . LEU A 1 139 ? -6.383  -8.708  2.418   1.00 28.30 ? 139 LEU A CB  1 
ATOM   1139 C  CG  . LEU A 1 139 ? -5.449  -7.727  3.127   1.00 30.96 ? 139 LEU A CG  1 
ATOM   1140 C  CD1 . LEU A 1 139 ? -4.163  -8.426  3.537   1.00 33.35 ? 139 LEU A CD1 1 
ATOM   1141 C  CD2 . LEU A 1 139 ? -5.137  -6.550  2.209   1.00 32.23 ? 139 LEU A CD2 1 
ATOM   1142 N  N   . LYS A 1 140 ? -7.291  -10.438 5.445   1.00 28.09 ? 140 LYS A N   1 
ATOM   1143 C  CA  . LYS A 1 140 ? -8.045  -10.342 6.691   1.00 29.78 ? 140 LYS A CA  1 
ATOM   1144 C  C   . LYS A 1 140 ? -7.347  -9.375  7.637   1.00 34.85 ? 140 LYS A C   1 
ATOM   1145 O  O   . LYS A 1 140 ? -7.983  -8.505  8.248   1.00 34.83 ? 140 LYS A O   1 
ATOM   1146 C  CB  . LYS A 1 140 ? -8.173  -11.723 7.344   1.00 29.91 ? 140 LYS A CB  1 
ATOM   1147 C  CG  . LYS A 1 140 ? -8.875  -11.723 8.700   1.00 33.16 ? 140 LYS A CG  1 
ATOM   1148 C  CD  . LYS A 1 140 ? -8.785  -13.091 9.386   1.00 30.71 ? 140 LYS A CD  1 
ATOM   1149 C  CE  . LYS A 1 140 ? -7.386  -13.352 9.947   1.00 28.83 ? 140 LYS A CE  1 
ATOM   1150 N  NZ  . LYS A 1 140 ? -7.188  -14.787 10.370  1.00 31.64 ? 140 LYS A NZ  1 
ATOM   1151 N  N   . SER A 1 141 ? -6.033  -9.530  7.750   1.00 35.44 ? 141 SER A N   1 
ATOM   1152 C  CA  . SER A 1 141 ? -5.207  -8.646  8.560   1.00 37.05 ? 141 SER A CA  1 
ATOM   1153 C  C   . SER A 1 141 ? -3.894  -8.344  7.849   1.00 38.05 ? 141 SER A C   1 
ATOM   1154 O  O   . SER A 1 141 ? -3.122  -9.256  7.540   1.00 37.35 ? 141 SER A O   1 
ATOM   1155 C  CB  . SER A 1 141 ? -4.936  -9.275  9.927   1.00 37.43 ? 141 SER A CB  1 
ATOM   1156 O  OG  . SER A 1 141 ? -3.892  -8.598  10.607  1.00 42.31 ? 141 SER A OG  1 
ATOM   1157 N  N   . ILE A 1 142 ? -3.642  -7.065  7.591   1.00 37.76 ? 142 ILE A N   1 
ATOM   1158 C  CA  . ILE A 1 142 ? -2.416  -6.636  6.924   1.00 39.60 ? 142 ILE A CA  1 
ATOM   1159 C  C   . ILE A 1 142 ? -1.169  -7.068  7.702   1.00 39.25 ? 142 ILE A C   1 
ATOM   1160 O  O   . ILE A 1 142 ? -0.148  -7.437  7.115   1.00 38.87 ? 142 ILE A O   1 
ATOM   1161 C  CB  . ILE A 1 142 ? -2.412  -5.103  6.726   1.00 40.27 ? 142 ILE A CB  1 
ATOM   1162 C  CG1 . ILE A 1 142 ? -3.514  -4.694  5.743   1.00 41.39 ? 142 ILE A CG1 1 
ATOM   1163 C  CG2 . ILE A 1 142 ? -1.065  -4.623  6.220   1.00 42.15 ? 142 ILE A CG2 1 
ATOM   1164 C  CD1 . ILE A 1 142 ? -3.918  -3.233  5.845   1.00 47.80 ? 142 ILE A CD1 1 
ATOM   1165 N  N   . VAL A 1 143 ? -1.264  -7.041  9.027   1.00 37.31 ? 143 VAL A N   1 
ATOM   1166 C  CA  . VAL A 1 143 ? -0.118  -7.330  9.884   1.00 38.02 ? 143 VAL A CA  1 
ATOM   1167 C  C   . VAL A 1 143 ? 0.403   -8.776  9.784   1.00 34.63 ? 143 VAL A C   1 
ATOM   1168 O  O   . VAL A 1 143 ? 1.610   -9.004  9.841   1.00 36.04 ? 143 VAL A O   1 
ATOM   1169 C  CB  . VAL A 1 143 ? -0.397  -6.890  11.350  1.00 41.09 ? 143 VAL A CB  1 
ATOM   1170 C  CG1 . VAL A 1 143 ? 0.423   -7.689  12.344  1.00 41.64 ? 143 VAL A CG1 1 
ATOM   1171 C  CG2 . VAL A 1 143 ? -0.133  -5.389  11.507  1.00 42.76 ? 143 VAL A CG2 1 
ATOM   1172 N  N   . THR A 1 144 ? -0.493  -9.744  9.604   1.00 32.15 ? 144 THR A N   1 
ATOM   1173 C  CA  . THR A 1 144 ? -0.070  -11.149 9.510   1.00 33.82 ? 144 THR A CA  1 
ATOM   1174 C  C   . THR A 1 144 ? -0.111  -11.732 8.094   1.00 31.64 ? 144 THR A C   1 
ATOM   1175 O  O   . THR A 1 144 ? 0.610   -12.690 7.789   1.00 30.42 ? 144 THR A O   1 
ATOM   1176 C  CB  . THR A 1 144 ? -0.927  -12.059 10.409  1.00 32.81 ? 144 THR A CB  1 
ATOM   1177 O  OG1 . THR A 1 144 ? -2.310  -11.843 10.112  1.00 29.77 ? 144 THR A OG1 1 
ATOM   1178 C  CG2 . THR A 1 144 ? -0.672  -11.772 11.885  1.00 34.94 ? 144 THR A CG2 1 
ATOM   1179 N  N   . ASP A 1 145 ? -0.970  -11.176 7.242   1.00 29.92 ? 145 ASP A N   1 
ATOM   1180 C  CA  . ASP A 1 145 ? -1.212  -11.748 5.918   1.00 30.58 ? 145 ASP A CA  1 
ATOM   1181 C  C   . ASP A 1 145 ? -0.283  -11.210 4.833   1.00 34.62 ? 145 ASP A C   1 
ATOM   1182 O  O   . ASP A 1 145 ? -0.210  -11.783 3.747   1.00 33.36 ? 145 ASP A O   1 
ATOM   1183 C  CB  . ASP A 1 145 ? -2.665  -11.516 5.470   1.00 30.23 ? 145 ASP A CB  1 
ATOM   1184 C  CG  . ASP A 1 145 ? -3.684  -12.053 6.452   1.00 29.91 ? 145 ASP A CG  1 
ATOM   1185 O  OD1 . ASP A 1 145 ? -3.302  -12.769 7.396   1.00 30.33 ? 145 ASP A OD1 1 
ATOM   1186 O  OD2 . ASP A 1 145 ? -4.885  -11.759 6.276   1.00 30.40 ? 145 ASP A OD2 1 
ATOM   1187 N  N   . LEU A 1 146 ? 0.414   -10.111 5.120   1.00 30.45 ? 146 LEU A N   1 
ATOM   1188 C  CA  . LEU A 1 146 ? 1.176   -9.402  4.084   1.00 32.93 ? 146 LEU A CA  1 
ATOM   1189 C  C   . LEU A 1 146 ? 2.712   -9.460  4.172   1.00 30.88 ? 146 LEU A C   1 
ATOM   1190 O  O   . LEU A 1 146 ? 3.370   -9.742  3.165   1.00 30.61 ? 146 LEU A O   1 
ATOM   1191 C  CB  . LEU A 1 146 ? 0.692   -7.952  3.939   1.00 33.37 ? 146 LEU A CB  1 
ATOM   1192 C  CG  . LEU A 1 146 ? 0.066   -7.569  2.599   1.00 36.63 ? 146 LEU A CG  1 
ATOM   1193 C  CD1 . LEU A 1 146 ? -0.891  -8.647  2.122   1.00 34.04 ? 146 LEU A CD1 1 
ATOM   1194 C  CD2 . LEU A 1 146 ? -0.647  -6.225  2.702   1.00 35.28 ? 146 LEU A CD2 1 
ATOM   1195 N  N   . PRO A 1 147 ? 3.301   -9.187  5.354   1.00 29.48 ? 147 PRO A N   1 
ATOM   1196 C  CA  . PRO A 1 147 ? 4.766   -9.253  5.394   1.00 29.54 ? 147 PRO A CA  1 
ATOM   1197 C  C   . PRO A 1 147 ? 5.383   -10.598 4.957   1.00 27.92 ? 147 PRO A C   1 
ATOM   1198 O  O   . PRO A 1 147 ? 6.437   -10.561 4.314   1.00 29.20 ? 147 PRO A O   1 
ATOM   1199 C  CB  . PRO A 1 147 ? 5.090   -8.950  6.862   1.00 31.57 ? 147 PRO A CB  1 
ATOM   1200 C  CG  . PRO A 1 147 ? 3.955   -8.067  7.304   1.00 32.81 ? 147 PRO A CG  1 
ATOM   1201 C  CD  . PRO A 1 147 ? 2.743   -8.625  6.601   1.00 32.73 ? 147 PRO A CD  1 
ATOM   1202 N  N   . PRO A 1 148 ? 4.762   -11.753 5.296   1.00 27.56 ? 148 PRO A N   1 
ATOM   1203 C  CA  . PRO A 1 148 ? 5.407   -12.982 4.817   1.00 27.23 ? 148 PRO A CA  1 
ATOM   1204 C  C   . PRO A 1 148 ? 5.352   -13.110 3.304   1.00 26.00 ? 148 PRO A C   1 
ATOM   1205 O  O   . PRO A 1 148 ? 6.260   -13.692 2.710   1.00 25.72 ? 148 PRO A O   1 
ATOM   1206 C  CB  . PRO A 1 148 ? 4.561   -14.094 5.444   1.00 28.71 ? 148 PRO A CB  1 
ATOM   1207 C  CG  . PRO A 1 148 ? 3.903   -13.462 6.620   1.00 30.44 ? 148 PRO A CG  1 
ATOM   1208 C  CD  . PRO A 1 148 ? 3.633   -12.056 6.198   1.00 29.20 ? 148 PRO A CD  1 
ATOM   1209 N  N   . LEU A 1 149 ? 4.286   -12.597 2.698   1.00 26.19 ? 149 LEU A N   1 
ATOM   1210 C  CA  . LEU A 1 149 ? 4.141   -12.601 1.243   1.00 26.08 ? 149 LEU A CA  1 
ATOM   1211 C  C   . LEU A 1 149 ? 5.332   -11.895 0.594   1.00 26.58 ? 149 LEU A C   1 
ATOM   1212 O  O   . LEU A 1 149 ? 6.025   -12.465 -0.265  1.00 26.61 ? 149 LEU A O   1 
ATOM   1213 C  CB  . LEU A 1 149 ? 2.822   -11.922 0.859   1.00 25.97 ? 149 LEU A CB  1 
ATOM   1214 C  CG  . LEU A 1 149 ? 2.246   -12.081 -0.547  1.00 27.38 ? 149 LEU A CG  1 
ATOM   1215 C  CD1 . LEU A 1 149 ? 0.758   -11.743 -0.541  1.00 26.72 ? 149 LEU A CD1 1 
ATOM   1216 C  CD2 . LEU A 1 149 ? 2.972   -11.185 -1.540  1.00 26.65 ? 149 LEU A CD2 1 
ATOM   1217 N  N   . PHE A 1 150 ? 5.580   -10.660 1.023   1.00 25.09 ? 150 PHE A N   1 
ATOM   1218 C  CA  . PHE A 1 150 ? 6.692   -9.873  0.509   1.00 25.32 ? 150 PHE A CA  1 
ATOM   1219 C  C   . PHE A 1 150 ? 8.026   -10.565 0.772   1.00 28.29 ? 150 PHE A C   1 
ATOM   1220 O  O   . PHE A 1 150 ? 8.867   -10.646 -0.119  1.00 24.81 ? 150 PHE A O   1 
ATOM   1221 C  CB  . PHE A 1 150 ? 6.692   -8.473  1.138   1.00 24.81 ? 150 PHE A CB  1 
ATOM   1222 C  CG  . PHE A 1 150 ? 5.432   -7.690  0.885   1.00 26.02 ? 150 PHE A CG  1 
ATOM   1223 C  CD1 . PHE A 1 150 ? 4.838   -7.690  -0.363  1.00 26.87 ? 150 PHE A CD1 1 
ATOM   1224 C  CD2 . PHE A 1 150 ? 4.846   -6.964  1.901   1.00 28.85 ? 150 PHE A CD2 1 
ATOM   1225 C  CE1 . PHE A 1 150 ? 3.678   -6.974  -0.599  1.00 25.57 ? 150 PHE A CE1 1 
ATOM   1226 C  CE2 . PHE A 1 150 ? 3.687   -6.240  1.675   1.00 27.01 ? 150 PHE A CE2 1 
ATOM   1227 C  CZ  . PHE A 1 150 ? 3.102   -6.244  0.421   1.00 27.11 ? 150 PHE A CZ  1 
ATOM   1228 N  N   . GLU A 1 151 ? 8.205   -11.054 1.997   1.00 25.46 ? 151 GLU A N   1 
ATOM   1229 C  CA  . GLU A 1 151 ? 9.431   -11.720 2.417   1.00 27.35 ? 151 GLU A CA  1 
ATOM   1230 C  C   . GLU A 1 151 ? 9.720   -12.938 1.537   1.00 25.58 ? 151 GLU A C   1 
ATOM   1231 O  O   . GLU A 1 151 ? 10.865  -13.180 1.166   1.00 26.84 ? 151 GLU A O   1 
ATOM   1232 C  CB  . GLU A 1 151 ? 9.315   -12.121 3.896   1.00 28.95 ? 151 GLU A CB  1 
ATOM   1233 C  CG  . GLU A 1 151 ? 10.599  -12.577 4.574   1.00 39.96 ? 151 GLU A CG  1 
ATOM   1234 C  CD  . GLU A 1 151 ? 10.375  -12.938 6.040   1.00 43.15 ? 151 GLU A CD  1 
ATOM   1235 O  OE1 . GLU A 1 151 ? 9.209   -12.875 6.493   1.00 43.78 ? 151 GLU A OE1 1 
ATOM   1236 O  OE2 . GLU A 1 151 ? 11.357  -13.281 6.736   1.00 47.74 ? 151 GLU A OE2 1 
ATOM   1237 N  N   . SER A 1 152 ? 8.676   -13.676 1.166   1.00 25.77 ? 152 SER A N   1 
ATOM   1238 C  CA  . SER A 1 152 ? 8.861   -14.883 0.356   1.00 26.10 ? 152 SER A CA  1 
ATOM   1239 C  C   . SER A 1 152 ? 9.308   -14.561 -1.063  1.00 25.96 ? 152 SER A C   1 
ATOM   1240 O  O   . SER A 1 152 ? 10.020  -15.344 -1.684  1.00 26.20 ? 152 SER A O   1 
ATOM   1241 C  CB  . SER A 1 152 ? 7.606   -15.772 0.352   1.00 23.91 ? 152 SER A CB  1 
ATOM   1242 O  OG  . SER A 1 152 ? 6.482   -15.140 -0.243  1.00 26.20 ? 152 SER A OG  1 
ATOM   1243 N  N   . PHE A 1 153 ? 8.894   -13.407 -1.576  1.00 24.93 ? 153 PHE A N   1 
ATOM   1244 C  CA  . PHE A 1 153 ? 9.334   -12.952 -2.885  1.00 22.78 ? 153 PHE A CA  1 
ATOM   1245 C  C   . PHE A 1 153 ? 10.810  -12.567 -2.847  1.00 24.92 ? 153 PHE A C   1 
ATOM   1246 O  O   . PHE A 1 153 ? 11.591  -12.991 -3.703  1.00 24.90 ? 153 PHE A O   1 
ATOM   1247 C  CB  . PHE A 1 153 ? 8.477   -11.770 -3.343  1.00 24.32 ? 153 PHE A CB  1 
ATOM   1248 C  CG  . PHE A 1 153 ? 8.920   -11.159 -4.648  1.00 21.51 ? 153 PHE A CG  1 
ATOM   1249 C  CD1 . PHE A 1 153 ? 9.622   -9.961  -4.661  1.00 20.75 ? 153 PHE A CD1 1 
ATOM   1250 C  CD2 . PHE A 1 153 ? 8.628   -11.778 -5.859  1.00 22.33 ? 153 PHE A CD2 1 
ATOM   1251 C  CE1 . PHE A 1 153 ? 10.023  -9.381  -5.867  1.00 21.60 ? 153 PHE A CE1 1 
ATOM   1252 C  CE2 . PHE A 1 153 ? 9.023   -11.205 -7.070  1.00 23.42 ? 153 PHE A CE2 1 
ATOM   1253 C  CZ  . PHE A 1 153 ? 9.715   -10.002 -7.069  1.00 21.25 ? 153 PHE A CZ  1 
ATOM   1254 N  N   . TYR A 1 154 ? 11.204  -11.796 -1.835  1.00 25.20 ? 154 TYR A N   1 
ATOM   1255 C  CA  . TYR A 1 154 ? 12.586  -11.330 -1.717  1.00 26.72 ? 154 TYR A CA  1 
ATOM   1256 C  C   . TYR A 1 154 ? 13.555  -12.488 -1.545  1.00 29.09 ? 154 TYR A C   1 
ATOM   1257 O  O   . TYR A 1 154 ? 14.712  -12.390 -1.938  1.00 32.13 ? 154 TYR A O   1 
ATOM   1258 C  CB  . TYR A 1 154 ? 12.765  -10.393 -0.519  1.00 30.05 ? 154 TYR A CB  1 
ATOM   1259 C  CG  . TYR A 1 154 ? 11.793  -9.247  -0.440  1.00 32.08 ? 154 TYR A CG  1 
ATOM   1260 C  CD1 . TYR A 1 154 ? 11.281  -8.651  -1.583  1.00 30.89 ? 154 TYR A CD1 1 
ATOM   1261 C  CD2 . TYR A 1 154 ? 11.390  -8.759  0.791   1.00 34.47 ? 154 TYR A CD2 1 
ATOM   1262 C  CE1 . TYR A 1 154 ? 10.379  -7.598  -1.496  1.00 32.50 ? 154 TYR A CE1 1 
ATOM   1263 C  CE2 . TYR A 1 154 ? 10.498  -7.708  0.887   1.00 33.60 ? 154 TYR A CE2 1 
ATOM   1264 C  CZ  . TYR A 1 154 ? 9.999   -7.133  -0.258  1.00 34.48 ? 154 TYR A CZ  1 
ATOM   1265 O  OH  . TYR A 1 154 ? 9.107   -6.090  -0.160  1.00 35.32 ? 154 TYR A OH  1 
ATOM   1266 N  N   . ALA A 1 155 ? 13.080  -13.577 -0.950  1.00 26.10 ? 155 ALA A N   1 
ATOM   1267 C  CA  . ALA A 1 155 ? 13.962  -14.705 -0.625  1.00 26.68 ? 155 ALA A CA  1 
ATOM   1268 C  C   . ALA A 1 155 ? 14.110  -15.718 -1.759  1.00 30.02 ? 155 ALA A C   1 
ATOM   1269 O  O   . ALA A 1 155 ? 14.921  -16.655 -1.661  1.00 31.28 ? 155 ALA A O   1 
ATOM   1270 C  CB  . ALA A 1 155 ? 13.478  -15.399 0.637   1.00 28.66 ? 155 ALA A CB  1 
ATOM   1271 N  N   . SER A 1 156 ? 13.355  -15.533 -2.837  1.00 29.71 ? 156 SER A N   1 
ATOM   1272 C  CA  . SER A 1 156 ? 13.324  -16.513 -3.926  1.00 29.20 ? 156 SER A CA  1 
ATOM   1273 C  C   . SER A 1 156 ? 13.725  -15.949 -5.290  1.00 30.19 ? 156 SER A C   1 
ATOM   1274 O  O   . SER A 1 156 ? 12.973  -15.182 -5.894  1.00 27.63 ? 156 SER A O   1 
ATOM   1275 C  CB  . SER A 1 156 ? 11.934  -17.142 -4.024  1.00 30.07 ? 156 SER A CB  1 
ATOM   1276 O  OG  . SER A 1 156 ? 11.864  -18.056 -5.106  1.00 30.60 ? 156 SER A OG  1 
ATOM   1277 N  N   . GLU A 1 157 ? 14.895  -16.344 -5.793  1.00 29.83 ? 157 GLU A N   1 
ATOM   1278 C  CA  . GLU A 1 157 ? 15.288  -15.923 -7.135  1.00 30.00 ? 157 GLU A CA  1 
ATOM   1279 C  C   . GLU A 1 157 ? 14.329  -16.466 -8.193  1.00 27.24 ? 157 GLU A C   1 
ATOM   1280 O  O   . GLU A 1 157 ? 14.116  -15.830 -9.231  1.00 27.79 ? 157 GLU A O   1 
ATOM   1281 C  CB  . GLU A 1 157 ? 16.738  -16.331 -7.447  1.00 33.43 ? 157 GLU A CB  1 
ATOM   1282 C  CG  . GLU A 1 157 ? 17.776  -15.400 -6.837  1.00 38.55 ? 157 GLU A CG  1 
ATOM   1283 C  CD  . GLU A 1 157 ? 19.150  -15.554 -7.461  1.00 47.44 ? 157 GLU A CD  1 
ATOM   1284 O  OE1 . GLU A 1 157 ? 20.054  -14.769 -7.096  1.00 51.43 ? 157 GLU A OE1 1 
ATOM   1285 O  OE2 . GLU A 1 157 ? 19.327  -16.452 -8.316  1.00 43.84 ? 157 GLU A OE2 1 
ATOM   1286 N  N   . ASP A 1 158 ? 13.744  -17.637 -7.936  1.00 28.09 ? 158 ASP A N   1 
ATOM   1287 C  CA  . ASP A 1 158 ? 12.725  -18.186 -8.832  1.00 29.59 ? 158 ASP A CA  1 
ATOM   1288 C  C   . ASP A 1 158 ? 11.516  -17.259 -8.964  1.00 30.87 ? 158 ASP A C   1 
ATOM   1289 O  O   . ASP A 1 158 ? 11.059  -16.974 -10.074 1.00 29.51 ? 158 ASP A O   1 
ATOM   1290 C  CB  . ASP A 1 158 ? 12.250  -19.570 -8.378  1.00 32.73 ? 158 ASP A CB  1 
ATOM   1291 C  CG  . ASP A 1 158 ? 11.150  -20.126 -9.272  1.00 41.07 ? 158 ASP A CG  1 
ATOM   1292 O  OD1 . ASP A 1 158 ? 11.362  -20.188 -10.502 1.00 46.97 ? 158 ASP A OD1 1 
ATOM   1293 O  OD2 . ASP A 1 158 ? 10.060  -20.475 -8.755  1.00 44.51 ? 158 ASP A OD2 1 
ATOM   1294 N  N   . LYS A 1 159 ? 10.992  -16.803 -7.831  1.00 28.96 ? 159 LYS A N   1 
ATOM   1295 C  CA  . LYS A 1 159 ? 9.848   -15.901 -7.857  1.00 26.80 ? 159 LYS A CA  1 
ATOM   1296 C  C   . LYS A 1 159 ? 10.220  -14.589 -8.526  1.00 24.33 ? 159 LYS A C   1 
ATOM   1297 O  O   . LYS A 1 159 ? 9.404   -14.001 -9.241  1.00 23.60 ? 159 LYS A O   1 
ATOM   1298 C  CB  . LYS A 1 159 ? 9.320   -15.631 -6.445  1.00 25.23 ? 159 LYS A CB  1 
ATOM   1299 C  CG  . LYS A 1 159 ? 8.686   -16.824 -5.742  1.00 28.83 ? 159 LYS A CG  1 
ATOM   1300 C  CD  . LYS A 1 159 ? 8.134   -16.397 -4.381  1.00 28.12 ? 159 LYS A CD  1 
ATOM   1301 C  CE  . LYS A 1 159 ? 7.765   -17.584 -3.501  1.00 28.60 ? 159 LYS A CE  1 
ATOM   1302 N  NZ  . LYS A 1 159 ? 6.713   -18.457 -4.085  1.00 31.70 ? 159 LYS A NZ  1 
ATOM   1303 N  N   . ARG A 1 160 ? 11.456  -14.150 -8.301  1.00 25.24 ? 160 ARG A N   1 
ATOM   1304 C  CA  . ARG A 1 160 ? 11.944  -12.883 -8.838  1.00 23.37 ? 160 ARG A CA  1 
ATOM   1305 C  C   . ARG A 1 160 ? 12.372  -12.919 -10.308 1.00 26.46 ? 160 ARG A C   1 
ATOM   1306 O  O   . ARG A 1 160 ? 12.687  -11.883 -10.888 1.00 25.66 ? 160 ARG A O   1 
ATOM   1307 C  CB  . ARG A 1 160 ? 13.096  -12.351 -7.977  1.00 24.50 ? 160 ARG A CB  1 
ATOM   1308 C  CG  . ARG A 1 160 ? 12.641  -11.750 -6.647  1.00 26.29 ? 160 ARG A CG  1 
ATOM   1309 C  CD  . ARG A 1 160 ? 13.716  -11.815 -5.583  1.00 31.61 ? 160 ARG A CD  1 
ATOM   1310 N  NE  . ARG A 1 160 ? 14.979  -11.208 -5.996  1.00 31.75 ? 160 ARG A NE  1 
ATOM   1311 C  CZ  . ARG A 1 160 ? 16.165  -11.575 -5.529  1.00 36.58 ? 160 ARG A CZ  1 
ATOM   1312 N  NH1 . ARG A 1 160 ? 16.253  -12.554 -4.639  1.00 39.38 ? 160 ARG A NH1 1 
ATOM   1313 N  NH2 . ARG A 1 160 ? 17.262  -10.970 -5.960  1.00 38.95 ? 160 ARG A NH2 1 
ATOM   1314 N  N   . ARG A 1 161 ? 12.399  -14.104 -10.913 1.00 26.47 ? 161 ARG A N   1 
ATOM   1315 C  CA  . ARG A 1 161 ? 12.946  -14.229 -12.262 1.00 28.59 ? 161 ARG A CA  1 
ATOM   1316 C  C   . ARG A 1 161 ? 11.918  -13.871 -13.314 1.00 26.50 ? 161 ARG A C   1 
ATOM   1317 O  O   . ARG A 1 161 ? 10.861  -14.486 -13.385 1.00 27.28 ? 161 ARG A O   1 
ATOM   1318 C  CB  . ARG A 1 161 ? 13.424  -15.664 -12.511 1.00 28.70 ? 161 ARG A CB  1 
ATOM   1319 C  CG  . ARG A 1 161 ? 14.202  -15.833 -13.817 1.00 29.71 ? 161 ARG A CG  1 
ATOM   1320 C  CD  . ARG A 1 161 ? 14.531  -17.296 -14.117 1.00 32.89 ? 161 ARG A CD  1 
ATOM   1321 N  NE  . ARG A 1 161 ? 14.794  -18.054 -12.895 1.00 33.24 ? 161 ARG A NE  1 
ATOM   1322 C  CZ  . ARG A 1 161 ? 15.903  -17.953 -12.173 1.00 27.42 ? 161 ARG A CZ  1 
ATOM   1323 N  NH1 . ARG A 1 161 ? 16.040  -18.673 -11.070 1.00 34.50 ? 161 ARG A NH1 1 
ATOM   1324 N  NH2 . ARG A 1 161 ? 16.869  -17.125 -12.542 1.00 34.56 ? 161 ARG A NH2 1 
ATOM   1325 N  N   . CYS A 1 162 ? 12.207  -12.888 -14.154 1.00 25.96 ? 162 CYS A N   1 
ATOM   1326 C  CA  . CYS A 1 162 ? 11.246  -12.547 -15.192 1.00 28.32 ? 162 CYS A CA  1 
ATOM   1327 C  C   . CYS A 1 162 ? 11.093  -13.683 -16.201 1.00 32.71 ? 162 CYS A C   1 
ATOM   1328 O  O   . CYS A 1 162 ? 12.092  -14.201 -16.722 1.00 31.11 ? 162 CYS A O   1 
ATOM   1329 C  CB  . CYS A 1 162 ? 11.633  -11.260 -15.910 1.00 29.59 ? 162 CYS A CB  1 
ATOM   1330 S  SG  . CYS A 1 162 ? 10.555  -10.916 -17.288 1.00 30.86 ? 162 CYS A SG  1 
ATOM   1331 N  N   . PRO A 1 163 ? 9.845   -14.085 -16.470 1.00 32.03 ? 163 PRO A N   1 
ATOM   1332 C  CA  . PRO A 1 163 ? 9.574   -15.166 -17.425 1.00 34.42 ? 163 PRO A CA  1 
ATOM   1333 C  C   . PRO A 1 163 ? 9.732   -14.717 -18.881 1.00 36.74 ? 163 PRO A C   1 
ATOM   1334 O  O   . PRO A 1 163 ? 9.678   -15.557 -19.782 1.00 37.74 ? 163 PRO A O   1 
ATOM   1335 C  CB  . PRO A 1 163 ? 8.110   -15.507 -17.145 1.00 36.11 ? 163 PRO A CB  1 
ATOM   1336 C  CG  . PRO A 1 163 ? 7.517   -14.196 -16.690 1.00 30.23 ? 163 PRO A CG  1 
ATOM   1337 C  CD  . PRO A 1 163 ? 8.606   -13.553 -15.868 1.00 28.86 ? 163 PRO A CD  1 
ATOM   1338 N  N   . HIS A 1 164 ? 9.917   -13.420 -19.114 1.00 35.94 ? 164 HIS A N   1 
ATOM   1339 C  CA  . HIS A 1 164 ? 10.071  -12.921 -20.481 1.00 36.82 ? 164 HIS A CA  1 
ATOM   1340 C  C   . HIS A 1 164 ? 11.529  -12.729 -20.894 1.00 39.62 ? 164 HIS A C   1 
ATOM   1341 O  O   . HIS A 1 164 ? 11.935  -13.165 -21.972 1.00 42.28 ? 164 HIS A O   1 
ATOM   1342 C  CB  . HIS A 1 164 ? 9.296   -11.617 -20.683 1.00 39.60 ? 164 HIS A CB  1 
ATOM   1343 C  CG  . HIS A 1 164 ? 9.383   -11.074 -22.074 1.00 39.75 ? 164 HIS A CG  1 
ATOM   1344 N  ND1 . HIS A 1 164 ? 8.601   -11.541 -23.107 1.00 44.16 ? 164 HIS A ND1 1 
ATOM   1345 C  CD2 . HIS A 1 164 ? 10.167  -10.103 -22.607 1.00 41.41 ? 164 HIS A CD2 1 
ATOM   1346 C  CE1 . HIS A 1 164 ? 8.891   -10.880 -24.215 1.00 43.64 ? 164 HIS A CE1 1 
ATOM   1347 N  NE2 . HIS A 1 164 ? 9.838   -10.001 -23.935 1.00 46.05 ? 164 HIS A NE2 1 
ATOM   1348 N  N   . CYS A 1 165 ? 12.317  -12.075 -20.049 1.00 35.22 ? 165 CYS A N   1 
ATOM   1349 C  CA  . CYS A 1 165 ? 13.703  -11.777 -20.397 1.00 35.80 ? 165 CYS A CA  1 
ATOM   1350 C  C   . CYS A 1 165 ? 14.721  -12.450 -19.478 1.00 35.99 ? 165 CYS A C   1 
ATOM   1351 O  O   . CYS A 1 165 ? 15.918  -12.414 -19.750 1.00 36.01 ? 165 CYS A O   1 
ATOM   1352 C  CB  . CYS A 1 165 ? 13.942  -10.264 -20.432 1.00 38.35 ? 165 CYS A CB  1 
ATOM   1353 S  SG  . CYS A 1 165 ? 14.131  -9.501  -18.798 1.00 31.96 ? 165 CYS A SG  1 
ATOM   1354 N  N   . GLY A 1 166 ? 14.251  -13.047 -18.387 1.00 35.31 ? 166 GLY A N   1 
ATOM   1355 C  CA  . GLY A 1 166 ? 15.128  -13.771 -17.484 1.00 31.66 ? 166 GLY A CA  1 
ATOM   1356 C  C   . GLY A 1 166 ? 15.842  -12.940 -16.435 1.00 30.60 ? 166 GLY A C   1 
ATOM   1357 O  O   . GLY A 1 166 ? 16.548  -13.483 -15.584 1.00 31.96 ? 166 GLY A O   1 
ATOM   1358 N  N   . GLN A 1 167 ? 15.661  -11.621 -16.488 1.00 29.19 ? 167 GLN A N   1 
ATOM   1359 C  CA  . GLN A 1 167 ? 16.252  -10.733 -15.494 1.00 29.92 ? 167 GLN A CA  1 
ATOM   1360 C  C   . GLN A 1 167 ? 15.670  -11.037 -14.116 1.00 29.87 ? 167 GLN A C   1 
ATOM   1361 O  O   . GLN A 1 167 ? 14.445  -11.131 -13.959 1.00 30.29 ? 167 GLN A O   1 
ATOM   1362 C  CB  . GLN A 1 167 ? 15.962  -9.273  -15.848 1.00 32.50 ? 167 GLN A CB  1 
ATOM   1363 C  CG  . GLN A 1 167 ? 16.192  -8.290  -14.708 1.00 36.29 ? 167 GLN A CG  1 
ATOM   1364 C  CD  . GLN A 1 167 ? 17.530  -7.581  -14.790 1.00 45.80 ? 167 GLN A CD  1 
ATOM   1365 O  OE1 . GLN A 1 167 ? 17.869  -6.982  -15.815 1.00 51.01 ? 167 GLN A OE1 1 
ATOM   1366 N  NE2 . GLN A 1 167 ? 18.300  -7.639  -13.705 1.00 46.58 ? 167 GLN A NE2 1 
ATOM   1367 N  N   . VAL A 1 168 ? 16.540  -11.187 -13.126 1.00 29.33 ? 168 VAL A N   1 
ATOM   1368 C  CA  . VAL A 1 168 ? 16.096  -11.410 -11.758 1.00 28.82 ? 168 VAL A CA  1 
ATOM   1369 C  C   . VAL A 1 168 ? 15.804  -10.064 -11.079 1.00 29.23 ? 168 VAL A C   1 
ATOM   1370 O  O   . VAL A 1 168 ? 16.684  -9.209  -10.957 1.00 29.72 ? 168 VAL A O   1 
ATOM   1371 C  CB  . VAL A 1 168 ? 17.129  -12.219 -10.962 1.00 29.95 ? 168 VAL A CB  1 
ATOM   1372 C  CG1 . VAL A 1 168 ? 16.746  -12.289 -9.493  1.00 31.53 ? 168 VAL A CG1 1 
ATOM   1373 C  CG2 . VAL A 1 168 ? 17.243  -13.621 -11.540 1.00 27.82 ? 168 VAL A CG2 1 
ATOM   1374 N  N   . HIS A 1 169 ? 14.555  -9.880  -10.658 1.00 26.36 ? 169 HIS A N   1 
ATOM   1375 C  CA  . HIS A 1 169 ? 14.133  -8.667  -9.965  1.00 27.80 ? 169 HIS A CA  1 
ATOM   1376 C  C   . HIS A 1 169 ? 14.962  -8.479  -8.688  1.00 28.02 ? 169 HIS A C   1 
ATOM   1377 O  O   . HIS A 1 169 ? 15.255  -9.454  -7.993  1.00 27.57 ? 169 HIS A O   1 
ATOM   1378 C  CB  . HIS A 1 169 ? 12.652  -8.817  -9.619  1.00 22.16 ? 169 HIS A CB  1 
ATOM   1379 C  CG  . HIS A 1 169 ? 11.998  -7.563  -9.117  1.00 24.44 ? 169 HIS A CG  1 
ATOM   1380 N  ND1 . HIS A 1 169 ? 12.168  -7.104  -7.827  1.00 25.44 ? 169 HIS A ND1 1 
ATOM   1381 C  CD2 . HIS A 1 169 ? 11.160  -6.694  -9.721  1.00 28.62 ? 169 HIS A CD2 1 
ATOM   1382 C  CE1 . HIS A 1 169 ? 11.467  -5.994  -7.666  1.00 25.45 ? 169 HIS A CE1 1 
ATOM   1383 N  NE2 . HIS A 1 169 ? 10.844  -5.725  -8.797  1.00 29.17 ? 169 HIS A NE2 1 
ATOM   1384 N  N   . PRO A 1 170 ? 15.318  -7.222  -8.364  1.00 30.22 ? 170 PRO A N   1 
ATOM   1385 C  CA  . PRO A 1 170 ? 16.151  -6.879  -7.202  1.00 30.31 ? 170 PRO A CA  1 
ATOM   1386 C  C   . PRO A 1 170 ? 15.557  -7.289  -5.850  1.00 31.69 ? 170 PRO A C   1 
ATOM   1387 O  O   . PRO A 1 170 ? 16.305  -7.470  -4.883  1.00 33.16 ? 170 PRO A O   1 
ATOM   1388 C  CB  . PRO A 1 170 ? 16.243  -5.352  -7.268  1.00 36.84 ? 170 PRO A CB  1 
ATOM   1389 C  CG  . PRO A 1 170 ? 15.884  -4.990  -8.665  1.00 37.75 ? 170 PRO A CG  1 
ATOM   1390 C  CD  . PRO A 1 170 ? 14.936  -6.032  -9.145  1.00 29.55 ? 170 PRO A CD  1 
ATOM   1391 N  N   . GLY A 1 171 ? 14.236  -7.410  -5.770  1.00 30.08 ? 171 GLY A N   1 
ATOM   1392 C  CA  . GLY A 1 171 ? 13.607  -7.779  -4.515  1.00 33.33 ? 171 GLY A CA  1 
ATOM   1393 C  C   . GLY A 1 171 ? 13.045  -6.600  -3.739  1.00 33.14 ? 171 GLY A C   1 
ATOM   1394 O  O   . GLY A 1 171 ? 12.120  -5.927  -4.208  1.00 34.44 ? 171 GLY A O   1 
ATOM   1395 N  N   . ARG A 1 172 ? 13.608  -6.345  -2.557  1.00 33.00 ? 172 ARG A N   1 
ATOM   1396 C  CA  . ARG A 1 172 ? 13.080  -5.322  -1.643  1.00 37.35 ? 172 ARG A CA  1 
ATOM   1397 C  C   . ARG A 1 172 ? 13.311  -3.889  -2.141  1.00 39.08 ? 172 ARG A C   1 
ATOM   1398 O  O   . ARG A 1 172 ? 12.399  -3.057  -2.113  1.00 39.81 ? 172 ARG A O   1 
ATOM   1399 C  CB  . ARG A 1 172 ? 13.661  -5.506  -0.229  1.00 38.68 ? 172 ARG A CB  1 
ATOM   1400 C  CG  . ARG A 1 172 ? 12.881  -4.784  0.878   1.00 42.45 ? 172 ARG A CG  1 
ATOM   1401 C  CD  . ARG A 1 172 ? 13.527  -4.981  2.250   1.00 43.01 ? 172 ARG A CD  1 
ATOM   1402 N  NE  . ARG A 1 172 ? 13.768  -6.393  2.547   1.00 48.51 ? 172 ARG A NE  1 
ATOM   1403 C  CZ  . ARG A 1 172 ? 13.062  -7.117  3.413   1.00 47.59 ? 172 ARG A CZ  1 
ATOM   1404 N  NH1 . ARG A 1 172 ? 12.065  -6.565  4.094   1.00 49.61 ? 172 ARG A NH1 1 
ATOM   1405 N  NH2 . ARG A 1 172 ? 13.364  -8.396  3.605   1.00 48.74 ? 172 ARG A NH2 1 
ATOM   1406 N  N   . ALA A 1 173 ? 14.523  -3.600  -2.606  1.00 42.15 ? 173 ALA A N   1 
ATOM   1407 C  CA  . ALA A 1 173 ? 14.831  -2.261  -3.110  1.00 43.47 ? 173 ALA A CA  1 
ATOM   1408 C  C   . ALA A 1 173 ? 15.189  -2.266  -4.596  1.00 44.59 ? 173 ALA A C   1 
ATOM   1409 O  O   . ALA A 1 173 ? 16.008  -3.071  -5.041  1.00 48.83 ? 173 ALA A O   1 
ATOM   1410 C  CB  . ALA A 1 173 ? 15.949  -1.627  -2.297  1.00 46.15 ? 173 ALA A CB  1 
ATOM   1411 N  N   . ALA A 1 174 ? 14.575  -1.357  -5.352  1.00 49.03 ? 174 ALA A N   1 
ATOM   1412 C  CA  . ALA A 1 174 ? 14.877  -1.198  -6.776  1.00 48.42 ? 174 ALA A CA  1 
ATOM   1413 C  C   . ALA A 1 174 ? 16.268  -0.593  -6.982  1.00 52.28 ? 174 ALA A C   1 
ATOM   1414 O  O   . ALA A 1 174 ? 16.890  -0.772  -8.033  1.00 55.52 ? 174 ALA A O   1 
ATOM   1415 C  CB  . ALA A 1 174 ? 13.814  -0.334  -7.450  1.00 47.48 ? 174 ALA A CB  1 
HETATM 1416 FE FE  . FE2 B 2 .   ? -3.639  -0.325  -1.894  0.52 23.02 ? 201 FE2 A FE  1 
HETATM 1417 FE FE  . FE2 C 2 .   ? 11.891  -8.964  -18.093 1.00 29.17 ? 202 FE2 A FE  1 
HETATM 1418 C  C   . TRS D 3 .   ? 7.739   -17.015 -12.422 1.00 32.47 ? 203 TRS A C   1 
HETATM 1419 C  C1  . TRS D 3 .   ? 6.602   -16.963 -11.400 1.00 30.61 ? 203 TRS A C1  1 
HETATM 1420 C  C2  . TRS D 3 .   ? 8.647   -18.230 -12.235 1.00 34.14 ? 203 TRS A C2  1 
HETATM 1421 C  C3  . TRS D 3 .   ? 8.590   -15.785 -12.292 1.00 31.61 ? 203 TRS A C3  1 
HETATM 1422 N  N   . TRS D 3 .   ? 7.175   -17.003 -13.781 1.00 33.61 ? 203 TRS A N   1 
HETATM 1423 O  O1  . TRS D 3 .   ? 7.125   -16.893 -10.088 1.00 29.41 ? 203 TRS A O1  1 
HETATM 1424 O  O2  . TRS D 3 .   ? 9.964   -17.885 -12.622 1.00 34.71 ? 203 TRS A O2  1 
HETATM 1425 O  O3  . TRS D 3 .   ? 9.081   -15.655 -10.994 1.00 34.92 ? 203 TRS A O3  1 
HETATM 1426 O  O   . HOH E 4 .   ? -4.035  -0.866  0.128   1.00 24.53 ? 301 HOH A O   1 
HETATM 1427 O  O   . HOH E 4 .   ? -8.986  -9.825  0.067   1.00 20.26 ? 302 HOH A O   1 
HETATM 1428 O  O   . HOH E 4 .   ? -6.131  -1.331  -7.008  1.00 21.03 ? 303 HOH A O   1 
HETATM 1429 O  O   . HOH E 4 .   ? 2.627   9.583   4.092   1.00 20.01 ? 304 HOH A O   1 
HETATM 1430 O  O   . HOH E 4 .   ? -0.404  3.997   0.933   1.00 25.48 ? 305 HOH A O   1 
HETATM 1431 O  O   . HOH E 4 .   ? 6.150   10.610  2.179   1.00 22.03 ? 306 HOH A O   1 
HETATM 1432 O  O   . HOH E 4 .   ? -10.699 1.509   10.720  1.00 24.78 ? 307 HOH A O   1 
HETATM 1433 O  O   . HOH E 4 .   ? -20.413 -0.356  6.473   1.00 22.49 ? 308 HOH A O   1 
HETATM 1434 O  O   . HOH E 4 .   ? -16.950 -4.154  2.777   1.00 24.33 ? 309 HOH A O   1 
HETATM 1435 O  O   . HOH E 4 .   ? -1.945  19.870  -2.980  1.00 25.49 ? 310 HOH A O   1 
HETATM 1436 O  O   . HOH E 4 .   ? -6.945  1.783   5.174   1.00 24.93 ? 311 HOH A O   1 
HETATM 1437 O  O   . HOH E 4 .   ? -8.203  0.296   -5.909  1.00 19.20 ? 312 HOH A O   1 
HETATM 1438 O  O   . HOH E 4 .   ? -9.171  8.052   -10.341 1.00 24.11 ? 313 HOH A O   1 
HETATM 1439 O  O   . HOH E 4 .   ? 6.733   15.273  5.542   1.00 24.56 ? 314 HOH A O   1 
HETATM 1440 O  O   . HOH E 4 .   ? 8.452   9.832   10.134  1.00 27.59 ? 315 HOH A O   1 
HETATM 1441 O  O   . HOH E 4 .   ? -2.880  16.695  10.650  1.00 29.60 ? 316 HOH A O   1 
HETATM 1442 O  O   . HOH E 4 .   ? -15.372 7.143   16.524  1.00 26.39 ? 317 HOH A O   1 
HETATM 1443 O  O   . HOH E 4 .   ? 7.124   1.028   -7.710  1.00 27.58 ? 318 HOH A O   1 
HETATM 1444 O  O   . HOH E 4 .   ? 10.332  15.569  7.899   1.00 24.87 ? 319 HOH A O   1 
HETATM 1445 O  O   . HOH E 4 .   ? 7.815   -4.210  -9.495  1.00 29.06 ? 320 HOH A O   1 
HETATM 1446 O  O   . HOH E 4 .   ? -7.003  12.925  19.937  1.00 30.21 ? 321 HOH A O   1 
HETATM 1447 O  O   . HOH E 4 .   ? -15.172 -3.399  -7.131  1.00 29.82 ? 322 HOH A O   1 
HETATM 1448 O  O   . HOH E 4 .   ? -11.247 -17.414 -2.932  1.00 31.12 ? 323 HOH A O   1 
HETATM 1449 O  O   . HOH E 4 .   ? 4.749   13.987  -4.292  1.00 28.63 ? 324 HOH A O   1 
HETATM 1450 O  O   . HOH E 4 .   ? -1.819  0.353   -1.314  1.00 31.71 ? 325 HOH A O   1 
HETATM 1451 O  O   . HOH E 4 .   ? -5.754  -14.556 12.527  1.00 27.83 ? 326 HOH A O   1 
HETATM 1452 O  O   . HOH E 4 .   ? 12.978  -8.676  -13.377 1.00 30.39 ? 327 HOH A O   1 
HETATM 1453 O  O   . HOH E 4 .   ? 1.662   -1.951  -3.064  1.00 28.55 ? 328 HOH A O   1 
HETATM 1454 O  O   . HOH E 4 .   ? 3.069   -15.419 -10.656 1.00 30.34 ? 329 HOH A O   1 
HETATM 1455 O  O   . HOH E 4 .   ? -10.837 -1.041  -0.460  1.00 25.37 ? 330 HOH A O   1 
HETATM 1456 O  O   . HOH E 4 .   ? 5.141   4.093   5.723   1.00 28.01 ? 331 HOH A O   1 
HETATM 1457 O  O   . HOH E 4 .   ? -2.472  -0.862  12.872  1.00 31.17 ? 332 HOH A O   1 
HETATM 1458 O  O   . HOH E 4 .   ? 8.778   14.349  -1.429  1.00 29.90 ? 333 HOH A O   1 
HETATM 1459 O  O   . HOH E 4 .   ? -3.477  -1.013  -13.566 1.00 27.82 ? 334 HOH A O   1 
HETATM 1460 O  O   . HOH E 4 .   ? 4.406   -16.886 -3.948  1.00 29.65 ? 335 HOH A O   1 
HETATM 1461 O  O   . HOH E 4 .   ? 6.983   13.360  -7.690  1.00 33.25 ? 336 HOH A O   1 
HETATM 1462 O  O   . HOH E 4 .   ? 10.423  -17.943 -0.740  1.00 30.52 ? 337 HOH A O   1 
HETATM 1463 O  O   . HOH E 4 .   ? 4.023   19.340  -2.997  1.00 31.38 ? 338 HOH A O   1 
HETATM 1464 O  O   . HOH E 4 .   ? 5.369   10.190  9.521   1.00 31.35 ? 339 HOH A O   1 
HETATM 1465 O  O   . HOH E 4 .   ? 2.178   2.900   1.639   1.00 31.08 ? 340 HOH A O   1 
HETATM 1466 O  O   . HOH E 4 .   ? 6.810   18.416  3.170   1.00 28.90 ? 341 HOH A O   1 
HETATM 1467 O  O   . HOH E 4 .   ? 12.529  7.249   10.510  1.00 34.50 ? 342 HOH A O   1 
HETATM 1468 O  O   . HOH E 4 .   ? 0.998   -16.922 -6.612  1.00 31.60 ? 343 HOH A O   1 
HETATM 1469 O  O   . HOH E 4 .   ? -7.337  20.517  15.370  1.00 36.05 ? 344 HOH A O   1 
HETATM 1470 O  O   . HOH E 4 .   ? 0.826   21.499  -0.868  1.00 32.31 ? 345 HOH A O   1 
HETATM 1471 O  O   . HOH E 4 .   ? -4.747  -0.897  8.120   1.00 30.92 ? 346 HOH A O   1 
HETATM 1472 O  O   . HOH E 4 .   ? -21.271 -2.857  7.634   1.00 29.16 ? 347 HOH A O   1 
HETATM 1473 O  O   . HOH E 4 .   ? -11.116 -10.581 3.706   1.00 29.79 ? 348 HOH A O   1 
HETATM 1474 O  O   . HOH E 4 .   ? 7.429   4.061   7.158   1.00 28.98 ? 349 HOH A O   1 
HETATM 1475 O  O   . HOH E 4 .   ? 0.937   -15.345 6.226   1.00 31.10 ? 350 HOH A O   1 
HETATM 1476 O  O   . HOH E 4 .   ? -11.225 -16.889 -0.240  1.00 29.79 ? 351 HOH A O   1 
HETATM 1477 O  O   . HOH E 4 .   ? -7.342  -8.464  -11.169 1.00 33.63 ? 352 HOH A O   1 
HETATM 1478 O  O   . HOH E 4 .   ? -2.592  19.378  -6.501  1.00 35.50 ? 353 HOH A O   1 
HETATM 1479 O  O   . HOH E 4 .   ? -9.397  -15.901 11.585  1.00 33.24 ? 354 HOH A O   1 
HETATM 1480 O  O   . HOH E 4 .   ? -11.187 -12.217 -6.286  1.00 37.34 ? 355 HOH A O   1 
HETATM 1481 O  O   . HOH E 4 .   ? -13.475 -6.684  -9.801  1.00 40.31 ? 356 HOH A O   1 
HETATM 1482 O  O   . HOH E 4 .   ? -9.743  14.435  21.352  1.00 38.10 ? 357 HOH A O   1 
HETATM 1483 O  O   . HOH E 4 .   ? -16.404 0.889   -7.894  1.00 29.76 ? 358 HOH A O   1 
HETATM 1484 O  O   . HOH E 4 .   ? -21.572 -2.138  15.643  1.00 40.02 ? 359 HOH A O   1 
HETATM 1485 O  O   . HOH E 4 .   ? 5.231   3.259   0.646   1.00 31.86 ? 360 HOH A O   1 
HETATM 1486 O  O   . HOH E 4 .   ? -7.884  -8.173  -6.975  1.00 32.32 ? 361 HOH A O   1 
HETATM 1487 O  O   . HOH E 4 .   ? 7.680   2.364   13.971  1.00 33.74 ? 362 HOH A O   1 
HETATM 1488 O  O   . HOH E 4 .   ? 0.112   -1.120  -0.986  1.00 31.42 ? 363 HOH A O   1 
HETATM 1489 O  O   . HOH E 4 .   ? 8.108   7.150   -10.273 1.00 34.43 ? 364 HOH A O   1 
HETATM 1490 O  O   . HOH E 4 .   ? -1.716  -9.036  -13.110 1.00 34.80 ? 365 HOH A O   1 
HETATM 1491 O  O   . HOH E 4 .   ? 9.811   -3.408  -1.620  1.00 33.56 ? 366 HOH A O   1 
HETATM 1492 O  O   . HOH E 4 .   ? -0.655  13.606  -10.297 1.00 33.72 ? 367 HOH A O   1 
HETATM 1493 O  O   . HOH E 4 .   ? 17.621  -15.694 -15.210 1.00 35.23 ? 368 HOH A O   1 
HETATM 1494 O  O   . HOH E 4 .   ? -7.494  -6.336  -13.381 1.00 39.23 ? 369 HOH A O   1 
HETATM 1495 O  O   . HOH E 4 .   ? 7.871   1.262   7.525   1.00 33.71 ? 370 HOH A O   1 
HETATM 1496 O  O   . HOH E 4 .   ? -0.985  16.027  -7.492  1.00 34.07 ? 371 HOH A O   1 
HETATM 1497 O  O   . HOH E 4 .   ? -26.858 1.606   20.869  1.00 48.02 ? 372 HOH A O   1 
HETATM 1498 O  O   . HOH E 4 .   ? -14.554 7.028   23.370  1.00 40.37 ? 373 HOH A O   1 
HETATM 1499 O  O   . HOH E 4 .   ? 12.854  -17.008 -17.172 1.00 40.37 ? 374 HOH A O   1 
HETATM 1500 O  O   . HOH E 4 .   ? -5.455  19.648  3.928   1.00 33.75 ? 375 HOH A O   1 
HETATM 1501 O  O   . HOH E 4 .   ? -17.625 -12.469 4.023   1.00 41.93 ? 376 HOH A O   1 
HETATM 1502 O  O   . HOH E 4 .   ? -9.810  -4.724  10.416  1.00 38.67 ? 377 HOH A O   1 
HETATM 1503 O  O   . HOH E 4 .   ? -17.474 -5.567  6.830   1.00 33.82 ? 378 HOH A O   1 
HETATM 1504 O  O   . HOH E 4 .   ? 6.682   17.487  7.268   1.00 37.25 ? 379 HOH A O   1 
HETATM 1505 O  O   . HOH E 4 .   ? -24.364 -0.064  17.384  1.00 38.13 ? 380 HOH A O   1 
HETATM 1506 O  O   . HOH E 4 .   ? -2.600  2.375   0.472   1.00 34.47 ? 381 HOH A O   1 
HETATM 1507 O  O   . HOH E 4 .   ? 16.859  -17.839 -3.981  1.00 38.93 ? 382 HOH A O   1 
HETATM 1508 O  O   . HOH E 4 .   ? 9.611   -2.013  0.930   1.00 40.32 ? 383 HOH A O   1 
HETATM 1509 O  O   . HOH E 4 .   ? 7.942   8.881   -12.301 1.00 39.03 ? 384 HOH A O   1 
HETATM 1510 O  O   . HOH E 4 .   ? -2.657  -1.110  -17.327 1.00 37.57 ? 385 HOH A O   1 
HETATM 1511 O  O   . HOH E 4 .   ? -3.481  19.024  4.955   1.00 36.68 ? 386 HOH A O   1 
HETATM 1512 O  O   . HOH E 4 .   ? 4.651   2.315   -12.588 1.00 36.00 ? 387 HOH A O   1 
HETATM 1513 O  O   . HOH E 4 .   ? 12.286  -19.467 -12.876 1.00 39.84 ? 388 HOH A O   1 
HETATM 1514 O  O   . HOH E 4 .   ? 12.330  -0.517  -1.638  1.00 39.41 ? 389 HOH A O   1 
HETATM 1515 O  O   . HOH E 4 .   ? 13.595  -6.109  -12.580 1.00 34.76 ? 390 HOH A O   1 
HETATM 1516 O  O   . HOH E 4 .   ? 5.082   11.777  12.233  1.00 36.13 ? 391 HOH A O   1 
HETATM 1517 O  O   . HOH E 4 .   ? -6.868  -2.654  -14.544 1.00 43.28 ? 392 HOH A O   1 
HETATM 1518 O  O   . HOH E 4 .   ? -12.369 -16.174 -5.220  1.00 40.55 ? 393 HOH A O   1 
HETATM 1519 O  O   . HOH E 4 .   ? 10.059  1.611   5.681   1.00 40.91 ? 394 HOH A O   1 
HETATM 1520 O  O   . HOH E 4 .   ? 16.299  -10.168 -2.162  1.00 43.92 ? 395 HOH A O   1 
HETATM 1521 O  O   . HOH E 4 .   ? 12.517  2.980   2.213   1.00 35.35 ? 396 HOH A O   1 
HETATM 1522 O  O   . HOH E 4 .   ? -4.809  -2.495  2.310   1.00 40.20 ? 397 HOH A O   1 
HETATM 1523 O  O   . HOH E 4 .   ? 0.184   -2.186  1.787   1.00 38.52 ? 398 HOH A O   1 
HETATM 1524 O  O   . HOH E 4 .   ? -11.913 -0.555  -12.271 1.00 39.16 ? 399 HOH A O   1 
HETATM 1525 O  O   . HOH E 4 .   ? -4.118  1.039   3.429   1.00 41.37 ? 400 HOH A O   1 
HETATM 1526 O  O   . HOH E 4 .   ? -13.308 6.710   18.904  1.00 32.82 ? 401 HOH A O   1 
HETATM 1527 O  O   . HOH E 4 .   ? 14.776  -19.701 -5.905  1.00 37.14 ? 402 HOH A O   1 
HETATM 1528 O  O   . HOH E 4 .   ? 11.397  14.751  10.564  1.00 39.98 ? 403 HOH A O   1 
HETATM 1529 O  O   . HOH E 4 .   ? 5.999   4.711   -12.442 1.00 39.97 ? 404 HOH A O   1 
HETATM 1530 O  O   . HOH E 4 .   ? 7.894   -5.138  -2.194  1.00 34.95 ? 405 HOH A O   1 
HETATM 1531 O  O   . HOH E 4 .   ? -13.449 -6.499  -7.794  1.00 35.72 ? 406 HOH A O   1 
HETATM 1532 O  O   . HOH E 4 .   ? -9.005  -0.860  -13.412 1.00 40.30 ? 407 HOH A O   1 
HETATM 1533 O  O   . HOH E 4 .   ? 1.867   -3.286  3.378   1.00 41.05 ? 408 HOH A O   1 
HETATM 1534 O  O   . HOH E 4 .   ? -15.882 13.624  21.605  1.00 33.84 ? 409 HOH A O   1 
HETATM 1535 O  O   . HOH E 4 .   ? 2.436   10.121  -15.123 1.00 44.07 ? 410 HOH A O   1 
HETATM 1536 O  O   . HOH E 4 .   ? 11.206  9.388   10.934  1.00 38.77 ? 411 HOH A O   1 
HETATM 1537 O  O   . HOH E 4 .   ? -8.308  -9.725  -8.989  1.00 39.36 ? 412 HOH A O   1 
HETATM 1538 O  O   . HOH E 4 .   ? 4.603   13.687  17.715  1.00 38.05 ? 413 HOH A O   1 
HETATM 1539 O  O   . HOH E 4 .   ? -19.549 -6.107  -1.650  1.00 48.10 ? 414 HOH A O   1 
HETATM 1540 O  O   . HOH E 4 .   ? 12.465  4.928   12.166  1.00 38.53 ? 415 HOH A O   1 
HETATM 1541 O  O   . HOH E 4 .   ? 11.070  3.198   15.086  1.00 40.26 ? 416 HOH A O   1 
HETATM 1542 O  O   . HOH E 4 .   ? 6.933   10.045  12.498  1.00 33.88 ? 417 HOH A O   1 
HETATM 1543 O  O   . HOH E 4 .   ? -2.628  18.892  11.132  1.00 42.67 ? 418 HOH A O   1 
HETATM 1544 O  O   . HOH E 4 .   ? 9.315   -2.374  -12.592 1.00 39.47 ? 419 HOH A O   1 
HETATM 1545 O  O   . HOH E 4 .   ? 15.628  -7.930  -1.323  1.00 39.85 ? 420 HOH A O   1 
HETATM 1546 O  O   . HOH E 4 .   ? 5.379   2.689   -19.721 1.00 45.64 ? 421 HOH A O   1 
HETATM 1547 O  O   . HOH E 4 .   ? -6.222  -17.492 -7.554  1.00 44.40 ? 422 HOH A O   1 
HETATM 1548 O  O   . HOH E 4 .   ? 18.696  -9.360  -8.965  1.00 41.10 ? 423 HOH A O   1 
HETATM 1549 O  O   . HOH E 4 .   ? 19.450  -11.333 -13.649 1.00 38.21 ? 424 HOH A O   1 
HETATM 1550 O  O   . HOH E 4 .   ? -18.722 -6.334  2.640   1.00 40.73 ? 425 HOH A O   1 
HETATM 1551 O  O   . HOH E 4 .   ? -6.792  0.139   15.745  1.00 38.28 ? 426 HOH A O   1 
HETATM 1552 O  O   . HOH E 4 .   ? 12.362  3.585   5.017   1.00 37.60 ? 427 HOH A O   1 
HETATM 1553 O  O   . HOH E 4 .   ? -13.074 -9.344  -7.091  1.00 42.07 ? 428 HOH A O   1 
HETATM 1554 O  O   . HOH E 4 .   ? 4.405   14.806  15.233  1.00 44.60 ? 429 HOH A O   1 
HETATM 1555 O  O   . HOH E 4 .   ? 0.181   -0.685  13.075  1.00 36.43 ? 430 HOH A O   1 
HETATM 1556 O  O   . HOH E 4 .   ? -4.752  19.268  17.497  1.00 41.67 ? 431 HOH A O   1 
HETATM 1557 O  O   . HOH E 4 .   ? -18.815 -13.625 0.309   1.00 41.43 ? 432 HOH A O   1 
HETATM 1558 O  O   . HOH E 4 .   ? 7.255   -19.395 -8.901  1.00 39.80 ? 433 HOH A O   1 
HETATM 1559 O  O   . HOH E 4 .   ? 19.895  -16.047 -13.813 1.00 45.35 ? 434 HOH A O   1 
HETATM 1560 O  O   . HOH E 4 .   ? -4.097  -12.588 12.390  1.00 35.57 ? 435 HOH A O   1 
HETATM 1561 O  O   . HOH E 4 .   ? 12.819  0.958   -3.729  1.00 37.31 ? 436 HOH A O   1 
HETATM 1562 O  O   . HOH E 4 .   ? -16.019 0.223   -10.481 1.00 39.61 ? 437 HOH A O   1 
HETATM 1563 O  O   . HOH E 4 .   ? -12.648 0.290   17.779  1.00 39.08 ? 438 HOH A O   1 
HETATM 1564 O  O   . HOH E 4 .   ? 2.341   21.531  -3.049  1.00 32.92 ? 439 HOH A O   1 
HETATM 1565 O  O   . HOH E 4 .   ? 3.231   -17.699 -9.816  1.00 44.78 ? 440 HOH A O   1 
HETATM 1566 O  O   . HOH E 4 .   ? -10.590 0.074   17.709  1.00 42.05 ? 441 HOH A O   1 
HETATM 1567 O  O   . HOH E 4 .   ? -0.715  19.555  7.076   1.00 42.21 ? 442 HOH A O   1 
HETATM 1568 O  O   . HOH E 4 .   ? 13.074  -12.501 2.701   1.00 36.49 ? 443 HOH A O   1 
HETATM 1569 O  O   . HOH E 4 .   ? -27.832 -0.123  20.595  1.00 48.44 ? 444 HOH A O   1 
HETATM 1570 O  O   . HOH E 4 .   ? 3.485   1.466   5.738   1.00 38.53 ? 445 HOH A O   1 
HETATM 1571 O  O   . HOH E 4 .   ? 7.785   0.826   16.381  1.00 43.61 ? 446 HOH A O   1 
HETATM 1572 O  O   . HOH E 4 .   ? -10.734 -10.190 -6.954  1.00 40.76 ? 447 HOH A O   1 
HETATM 1573 O  O   . HOH E 4 .   ? -0.956  -13.690 -13.380 1.00 48.71 ? 448 HOH A O   1 
HETATM 1574 O  O   . HOH E 4 .   ? -0.438  -7.829  -15.254 1.00 39.30 ? 449 HOH A O   1 
HETATM 1575 O  O   . HOH E 4 .   ? 12.291  -21.437 -14.082 1.00 45.56 ? 450 HOH A O   1 
HETATM 1576 O  O   . HOH E 4 .   ? -3.913  -9.865  13.222  1.00 44.01 ? 451 HOH A O   1 
HETATM 1577 O  O   . HOH E 4 .   ? 8.746   9.645   16.667  1.00 43.86 ? 452 HOH A O   1 
HETATM 1578 O  O   . HOH E 4 .   ? -0.521  21.407  -4.371  1.00 43.09 ? 453 HOH A O   1 
HETATM 1579 O  O   . HOH E 4 .   ? -12.872 10.975  22.553  1.00 41.13 ? 454 HOH A O   1 
HETATM 1580 O  O   . HOH E 4 .   ? 8.886   10.692  14.737  1.00 45.56 ? 455 HOH A O   1 
HETATM 1581 O  O   . HOH E 4 .   ? -14.416 -9.887  5.717   1.00 46.37 ? 456 HOH A O   1 
HETATM 1582 O  O   . HOH E 4 .   ? -1.059  5.940   -19.392 1.00 45.93 ? 457 HOH A O   1 
HETATM 1583 O  O   . HOH E 4 .   ? -17.061 -5.273  -6.952  1.00 45.16 ? 458 HOH A O   1 
HETATM 1584 O  O   . HOH E 4 .   ? -4.974  16.682  9.464   1.00 39.50 ? 459 HOH A O   1 
HETATM 1585 O  O   . HOH E 4 .   ? 8.424   15.432  -8.954  1.00 41.51 ? 460 HOH A O   1 
HETATM 1586 O  O   . HOH E 4 .   ? -0.350  17.489  19.826  1.00 45.62 ? 461 HOH A O   1 
HETATM 1587 O  O   . HOH E 4 .   ? -15.581 13.492  24.214  1.00 48.13 ? 462 HOH A O   1 
HETATM 1588 O  O   . HOH E 4 .   ? 0.192   -15.185 -12.467 1.00 47.74 ? 463 HOH A O   1 
HETATM 1589 O  O   . HOH E 4 .   ? -10.643 -7.432  4.539   1.00 32.22 ? 464 HOH A O   1 
HETATM 1590 O  O   . HOH E 4 .   ? 2.788   -9.091  -18.311 1.00 40.56 ? 465 HOH A O   1 
HETATM 1591 O  O   . HOH E 4 .   ? -20.676 -5.219  5.729   1.00 41.51 ? 466 HOH A O   1 
HETATM 1592 O  O   . HOH E 4 .   ? -19.522 -4.100  -3.553  1.00 45.13 ? 467 HOH A O   1 
HETATM 1593 O  O   . HOH E 4 .   ? 13.548  16.846  11.083  1.00 41.30 ? 468 HOH A O   1 
HETATM 1594 O  O   . HOH E 4 .   ? -17.054 -12.857 -3.128  1.00 42.43 ? 469 HOH A O   1 
HETATM 1595 O  O   . HOH E 4 .   ? -0.128  -15.672 -10.146 1.00 42.57 ? 470 HOH A O   1 
HETATM 1596 O  O   . HOH E 4 .   ? -10.653 -8.533  8.912   1.00 44.99 ? 471 HOH A O   1 
HETATM 1597 O  O   . HOH E 4 .   ? -4.669  -1.492  -18.760 1.00 46.78 ? 472 HOH A O   1 
HETATM 1598 O  O   . HOH E 4 .   ? 3.611   14.246  11.486  1.00 36.20 ? 473 HOH A O   1 
HETATM 1599 O  O   . HOH E 4 .   ? -28.047 2.242   19.218  1.00 40.77 ? 474 HOH A O   1 
HETATM 1600 O  O   . HOH E 4 .   ? 4.907   16.888  8.818   1.00 42.93 ? 475 HOH A O   1 
HETATM 1601 O  O   . HOH E 4 .   ? 7.639   -20.146 -6.250  1.00 43.00 ? 476 HOH A O   1 
HETATM 1602 O  O   . HOH E 4 .   ? 10.361  -2.696  -9.579  1.00 39.15 ? 477 HOH A O   1 
HETATM 1603 O  O   . HOH E 4 .   ? 19.667  -17.931 -4.202  1.00 53.28 ? 478 HOH A O   1 
HETATM 1604 O  O   . HOH E 4 .   ? -6.983  23.475  16.123  1.00 46.17 ? 479 HOH A O   1 
HETATM 1605 O  O   . HOH E 4 .   ? -0.626  19.113  15.217  1.00 46.96 ? 480 HOH A O   1 
# 
loop_
_pdbx_poly_seq_scheme.asym_id 
_pdbx_poly_seq_scheme.entity_id 
_pdbx_poly_seq_scheme.seq_id 
_pdbx_poly_seq_scheme.mon_id 
_pdbx_poly_seq_scheme.ndb_seq_num 
_pdbx_poly_seq_scheme.pdb_seq_num 
_pdbx_poly_seq_scheme.auth_seq_num 
_pdbx_poly_seq_scheme.pdb_mon_id 
_pdbx_poly_seq_scheme.auth_mon_id 
_pdbx_poly_seq_scheme.pdb_strand_id 
_pdbx_poly_seq_scheme.pdb_ins_code 
_pdbx_poly_seq_scheme.hetero 
A 1 1   MET 1   1   1   MET MET A . n 
A 1 2   LEU 2   2   2   LEU LEU A . n 
A 1 3   THR 3   3   3   THR THR A . n 
A 1 4   TYR 4   4   4   TYR TYR A . n 
A 1 5   GLY 5   5   5   GLY GLY A . n 
A 1 6   ALA 6   6   6   ALA ALA A . n 
A 1 7   PRO 7   7   7   PRO PRO A . n 
A 1 8   PHE 8   8   8   PHE PHE A . n 
A 1 9   ASN 9   9   9   ASN ASN A . n 
A 1 10  PHE 10  10  10  PHE PHE A . n 
A 1 11  PRO 11  11  11  PRO PRO A . n 
A 1 12  ARG 12  12  12  ARG ARG A . n 
A 1 13  TRP 13  13  13  TRP TRP A . n 
A 1 14  ILE 14  14  14  ILE ILE A . n 
A 1 15  ASP 15  15  15  ASP ASP A . n 
A 1 16  GLU 16  16  16  GLU GLU A . n 
A 1 17  HIS 17  17  17  HIS HIS A . n 
A 1 18  ALA 18  18  18  ALA ALA A . n 
A 1 19  HIS 19  19  19  HIS HIS A . n 
A 1 20  LEU 20  20  20  LEU LEU A . n 
A 1 21  LEU 21  21  21  LEU LEU A . n 
A 1 22  LYS 22  22  22  LYS LYS A . n 
A 1 23  PRO 23  23  23  PRO PRO A . n 
A 1 24  PRO 24  24  24  PRO PRO A . n 
A 1 25  VAL 25  25  25  VAL VAL A . n 
A 1 26  GLY 26  26  26  GLY GLY A . n 
A 1 27  ASN 27  27  27  ASN ASN A . n 
A 1 28  ARG 28  28  28  ARG ARG A . n 
A 1 29  GLN 29  29  29  GLN GLN A . n 
A 1 30  VAL 30  30  30  VAL VAL A . n 
A 1 31  TRP 31  31  31  TRP TRP A . n 
A 1 32  GLN 32  32  32  GLN GLN A . n 
A 1 33  ASP 33  33  33  ASP ASP A . n 
A 1 34  SER 34  34  34  SER SER A . n 
A 1 35  ASP 35  35  35  ASP ASP A . n 
A 1 36  PHE 36  36  36  PHE PHE A . n 
A 1 37  ILE 37  37  37  ILE ILE A . n 
A 1 38  VAL 38  38  38  VAL VAL A . n 
A 1 39  THR 39  39  39  THR THR A . n 
A 1 40  VAL 40  40  40  VAL VAL A . n 
A 1 41  VAL 41  41  41  VAL VAL A . n 
A 1 42  GLY 42  42  42  GLY GLY A . n 
A 1 43  GLY 43  43  43  GLY GLY A . n 
A 1 44  PRO 44  44  44  PRO PRO A . n 
A 1 45  ASN 45  45  45  ASN ASN A . n 
A 1 46  HIS 46  46  46  HIS HIS A . n 
A 1 47  ARG 47  47  47  ARG ARG A . n 
A 1 48  THR 48  48  48  THR THR A . n 
A 1 49  ASP 49  49  49  ASP ASP A . n 
A 1 50  TYR 50  50  50  TYR TYR A . n 
A 1 51  HIS 51  51  51  HIS HIS A . n 
A 1 52  ASP 52  52  52  ASP ASP A . n 
A 1 53  ASP 53  53  53  ASP ASP A . n 
A 1 54  PRO 54  54  54  PRO PRO A . n 
A 1 55  LEU 55  55  55  LEU LEU A . n 
A 1 56  GLU 56  56  56  GLU GLU A . n 
A 1 57  GLU 57  57  57  GLU GLU A . n 
A 1 58  PHE 58  58  58  PHE PHE A . n 
A 1 59  PHE 59  59  59  PHE PHE A . n 
A 1 60  TYR 60  60  60  TYR TYR A . n 
A 1 61  GLN 61  61  61  GLN GLN A . n 
A 1 62  LEU 62  62  62  LEU LEU A . n 
A 1 63  ARG 63  63  63  ARG ARG A . n 
A 1 64  GLY 64  64  64  GLY GLY A . n 
A 1 65  ASN 65  65  65  ASN ASN A . n 
A 1 66  ALA 66  66  66  ALA ALA A . n 
A 1 67  TYR 67  67  67  TYR TYR A . n 
A 1 68  LEU 68  68  68  LEU LEU A . n 
A 1 69  ASN 69  69  69  ASN ASN A . n 
A 1 70  LEU 70  70  70  LEU LEU A . n 
A 1 71  TRP 71  71  71  TRP TRP A . n 
A 1 72  VAL 72  72  72  VAL VAL A . n 
A 1 73  ASP 73  73  73  ASP ASP A . n 
A 1 74  GLY 74  74  74  GLY GLY A . n 
A 1 75  ARG 75  75  75  ARG ARG A . n 
A 1 76  ARG 76  76  76  ARG ARG A . n 
A 1 77  GLU 77  77  77  GLU GLU A . n 
A 1 78  ARG 78  78  78  ARG ARG A . n 
A 1 79  ALA 79  79  79  ALA ALA A . n 
A 1 80  ASP 80  80  80  ASP ASP A . n 
A 1 81  LEU 81  81  81  LEU LEU A . n 
A 1 82  LYS 82  82  82  LYS LYS A . n 
A 1 83  GLU 83  83  83  GLU GLU A . n 
A 1 84  GLY 84  84  84  GLY GLY A . n 
A 1 85  ASP 85  85  85  ASP ASP A . n 
A 1 86  ILE 86  86  86  ILE ILE A . n 
A 1 87  PHE 87  87  87  PHE PHE A . n 
A 1 88  LEU 88  88  88  LEU LEU A . n 
A 1 89  LEU 89  89  89  LEU LEU A . n 
A 1 90  PRO 90  90  90  PRO PRO A . n 
A 1 91  PRO 91  91  91  PRO PRO A . n 
A 1 92  HIS 92  92  92  HIS HIS A . n 
A 1 93  VAL 93  93  93  VAL VAL A . n 
A 1 94  ARG 94  94  94  ARG ARG A . n 
A 1 95  HIS 95  95  95  HIS HIS A . n 
A 1 96  SER 96  96  96  SER SER A . n 
A 1 97  PRO 97  97  97  PRO PRO A . n 
A 1 98  GLN 98  98  98  GLN GLN A . n 
A 1 99  ARG 99  99  99  ARG ARG A . n 
A 1 100 PRO 100 100 100 PRO PRO A . n 
A 1 101 GLU 101 101 101 GLU GLU A . n 
A 1 102 ALA 102 102 102 ALA ALA A . n 
A 1 103 GLY 103 103 103 GLY GLY A . n 
A 1 104 SER 104 104 104 SER SER A . n 
A 1 105 ALA 105 105 105 ALA ALA A . n 
A 1 106 CYS 106 106 106 CYS CYS A . n 
A 1 107 LEU 107 107 107 LEU LEU A . n 
A 1 108 VAL 108 108 108 VAL VAL A . n 
A 1 109 ILE 109 109 109 ILE ILE A . n 
A 1 110 GLU 110 110 110 GLU GLU A . n 
A 1 111 ARG 111 111 111 ARG ARG A . n 
A 1 112 GLN 112 112 112 GLN GLN A . n 
A 1 113 ARG 113 113 113 ARG ARG A . n 
A 1 114 PRO 114 114 114 PRO PRO A . n 
A 1 115 ALA 115 115 115 ALA ALA A . n 
A 1 116 GLY 116 116 116 GLY GLY A . n 
A 1 117 MET 117 117 117 MET MET A . n 
A 1 118 LEU 118 118 118 LEU LEU A . n 
A 1 119 ASP 119 119 119 ASP ASP A . n 
A 1 120 GLY 120 120 120 GLY GLY A . n 
A 1 121 PHE 121 121 121 PHE PHE A . n 
A 1 122 GLU 122 122 122 GLU GLU A . n 
A 1 123 TRP 123 123 123 TRP TRP A . n 
A 1 124 TYR 124 124 124 TYR TYR A . n 
A 1 125 CYS 125 125 125 CYS CYS A . n 
A 1 126 ASP 126 126 126 ASP ASP A . n 
A 1 127 ALA 127 127 127 ALA ALA A . n 
A 1 128 CYS 128 128 128 CYS CYS A . n 
A 1 129 GLY 129 129 129 GLY GLY A . n 
A 1 130 HIS 130 130 130 HIS HIS A . n 
A 1 131 LEU 131 131 131 LEU LEU A . n 
A 1 132 VAL 132 132 132 VAL VAL A . n 
A 1 133 HIS 133 133 133 HIS HIS A . n 
A 1 134 ARG 134 134 134 ARG ARG A . n 
A 1 135 VAL 135 135 135 VAL VAL A . n 
A 1 136 GLU 136 136 136 GLU GLU A . n 
A 1 137 VAL 137 137 137 VAL VAL A . n 
A 1 138 GLN 138 138 138 GLN GLN A . n 
A 1 139 LEU 139 139 139 LEU LEU A . n 
A 1 140 LYS 140 140 140 LYS LYS A . n 
A 1 141 SER 141 141 141 SER SER A . n 
A 1 142 ILE 142 142 142 ILE ILE A . n 
A 1 143 VAL 143 143 143 VAL VAL A . n 
A 1 144 THR 144 144 144 THR THR A . n 
A 1 145 ASP 145 145 145 ASP ASP A . n 
A 1 146 LEU 146 146 146 LEU LEU A . n 
A 1 147 PRO 147 147 147 PRO PRO A . n 
A 1 148 PRO 148 148 148 PRO PRO A . n 
A 1 149 LEU 149 149 149 LEU LEU A . n 
A 1 150 PHE 150 150 150 PHE PHE A . n 
A 1 151 GLU 151 151 151 GLU GLU A . n 
A 1 152 SER 152 152 152 SER SER A . n 
A 1 153 PHE 153 153 153 PHE PHE A . n 
A 1 154 TYR 154 154 154 TYR TYR A . n 
A 1 155 ALA 155 155 155 ALA ALA A . n 
A 1 156 SER 156 156 156 SER SER A . n 
A 1 157 GLU 157 157 157 GLU GLU A . n 
A 1 158 ASP 158 158 158 ASP ASP A . n 
A 1 159 LYS 159 159 159 LYS LYS A . n 
A 1 160 ARG 160 160 160 ARG ARG A . n 
A 1 161 ARG 161 161 161 ARG ARG A . n 
A 1 162 CYS 162 162 162 CYS CYS A . n 
A 1 163 PRO 163 163 163 PRO PRO A . n 
A 1 164 HIS 164 164 164 HIS HIS A . n 
A 1 165 CYS 165 165 165 CYS CYS A . n 
A 1 166 GLY 166 166 166 GLY GLY A . n 
A 1 167 GLN 167 167 167 GLN GLN A . n 
A 1 168 VAL 168 168 168 VAL VAL A . n 
A 1 169 HIS 169 169 169 HIS HIS A . n 
A 1 170 PRO 170 170 170 PRO PRO A . n 
A 1 171 GLY 171 171 171 GLY GLY A . n 
A 1 172 ARG 172 172 172 ARG ARG A . n 
A 1 173 ALA 173 173 173 ALA ALA A . n 
A 1 174 ALA 174 174 174 ALA ALA A . n 
# 
loop_
_pdbx_nonpoly_scheme.asym_id 
_pdbx_nonpoly_scheme.entity_id 
_pdbx_nonpoly_scheme.mon_id 
_pdbx_nonpoly_scheme.ndb_seq_num 
_pdbx_nonpoly_scheme.pdb_seq_num 
_pdbx_nonpoly_scheme.auth_seq_num 
_pdbx_nonpoly_scheme.pdb_mon_id 
_pdbx_nonpoly_scheme.auth_mon_id 
_pdbx_nonpoly_scheme.pdb_strand_id 
_pdbx_nonpoly_scheme.pdb_ins_code 
B 2 FE2 1   201 1   FE2 FE  A . 
C 2 FE2 1   202 2   FE2 FE  A . 
D 3 TRS 1   203 1   TRS TRS A . 
E 4 HOH 1   301 1   HOH HOH A . 
E 4 HOH 2   302 2   HOH HOH A . 
E 4 HOH 3   303 3   HOH HOH A . 
E 4 HOH 4   304 4   HOH HOH A . 
E 4 HOH 5   305 5   HOH HOH A . 
E 4 HOH 6   306 6   HOH HOH A . 
E 4 HOH 7   307 7   HOH HOH A . 
E 4 HOH 8   308 8   HOH HOH A . 
E 4 HOH 9   309 9   HOH HOH A . 
E 4 HOH 10  310 10  HOH HOH A . 
E 4 HOH 11  311 11  HOH HOH A . 
E 4 HOH 12  312 12  HOH HOH A . 
E 4 HOH 13  313 13  HOH HOH A . 
E 4 HOH 14  314 14  HOH HOH A . 
E 4 HOH 15  315 15  HOH HOH A . 
E 4 HOH 16  316 16  HOH HOH A . 
E 4 HOH 17  317 17  HOH HOH A . 
E 4 HOH 18  318 18  HOH HOH A . 
E 4 HOH 19  319 19  HOH HOH A . 
E 4 HOH 20  320 20  HOH HOH A . 
E 4 HOH 21  321 21  HOH HOH A . 
E 4 HOH 22  322 22  HOH HOH A . 
E 4 HOH 23  323 23  HOH HOH A . 
E 4 HOH 24  324 24  HOH HOH A . 
E 4 HOH 25  325 25  HOH HOH A . 
E 4 HOH 26  326 26  HOH HOH A . 
E 4 HOH 27  327 27  HOH HOH A . 
E 4 HOH 28  328 28  HOH HOH A . 
E 4 HOH 29  329 29  HOH HOH A . 
E 4 HOH 30  330 30  HOH HOH A . 
E 4 HOH 31  331 31  HOH HOH A . 
E 4 HOH 32  332 32  HOH HOH A . 
E 4 HOH 33  333 33  HOH HOH A . 
E 4 HOH 34  334 34  HOH HOH A . 
E 4 HOH 35  335 35  HOH HOH A . 
E 4 HOH 36  336 36  HOH HOH A . 
E 4 HOH 37  337 37  HOH HOH A . 
E 4 HOH 38  338 38  HOH HOH A . 
E 4 HOH 39  339 39  HOH HOH A . 
E 4 HOH 40  340 40  HOH HOH A . 
E 4 HOH 41  341 41  HOH HOH A . 
E 4 HOH 42  342 42  HOH HOH A . 
E 4 HOH 43  343 43  HOH HOH A . 
E 4 HOH 44  344 44  HOH HOH A . 
E 4 HOH 45  345 45  HOH HOH A . 
E 4 HOH 46  346 46  HOH HOH A . 
E 4 HOH 47  347 47  HOH HOH A . 
E 4 HOH 48  348 48  HOH HOH A . 
E 4 HOH 49  349 49  HOH HOH A . 
E 4 HOH 50  350 50  HOH HOH A . 
E 4 HOH 51  351 51  HOH HOH A . 
E 4 HOH 52  352 52  HOH HOH A . 
E 4 HOH 53  353 53  HOH HOH A . 
E 4 HOH 54  354 54  HOH HOH A . 
E 4 HOH 55  355 55  HOH HOH A . 
E 4 HOH 56  356 56  HOH HOH A . 
E 4 HOH 57  357 57  HOH HOH A . 
E 4 HOH 58  358 58  HOH HOH A . 
E 4 HOH 59  359 59  HOH HOH A . 
E 4 HOH 60  360 60  HOH HOH A . 
E 4 HOH 61  361 61  HOH HOH A . 
E 4 HOH 62  362 62  HOH HOH A . 
E 4 HOH 63  363 63  HOH HOH A . 
E 4 HOH 64  364 64  HOH HOH A . 
E 4 HOH 65  365 65  HOH HOH A . 
E 4 HOH 66  366 66  HOH HOH A . 
E 4 HOH 67  367 67  HOH HOH A . 
E 4 HOH 68  368 68  HOH HOH A . 
E 4 HOH 69  369 69  HOH HOH A . 
E 4 HOH 70  370 70  HOH HOH A . 
E 4 HOH 71  371 71  HOH HOH A . 
E 4 HOH 72  372 72  HOH HOH A . 
E 4 HOH 73  373 73  HOH HOH A . 
E 4 HOH 74  374 74  HOH HOH A . 
E 4 HOH 75  375 75  HOH HOH A . 
E 4 HOH 76  376 76  HOH HOH A . 
E 4 HOH 77  377 77  HOH HOH A . 
E 4 HOH 78  378 78  HOH HOH A . 
E 4 HOH 79  379 79  HOH HOH A . 
E 4 HOH 80  380 80  HOH HOH A . 
E 4 HOH 81  381 81  HOH HOH A . 
E 4 HOH 82  382 82  HOH HOH A . 
E 4 HOH 83  383 83  HOH HOH A . 
E 4 HOH 84  384 84  HOH HOH A . 
E 4 HOH 85  385 85  HOH HOH A . 
E 4 HOH 86  386 86  HOH HOH A . 
E 4 HOH 87  387 87  HOH HOH A . 
E 4 HOH 88  388 88  HOH HOH A . 
E 4 HOH 89  389 89  HOH HOH A . 
E 4 HOH 90  390 90  HOH HOH A . 
E 4 HOH 91  391 91  HOH HOH A . 
E 4 HOH 92  392 92  HOH HOH A . 
E 4 HOH 93  393 93  HOH HOH A . 
E 4 HOH 94  394 94  HOH HOH A . 
E 4 HOH 95  395 95  HOH HOH A . 
E 4 HOH 96  396 96  HOH HOH A . 
E 4 HOH 97  397 97  HOH HOH A . 
E 4 HOH 98  398 98  HOH HOH A . 
E 4 HOH 99  399 99  HOH HOH A . 
E 4 HOH 100 400 100 HOH HOH A . 
E 4 HOH 101 401 101 HOH HOH A . 
E 4 HOH 102 402 102 HOH HOH A . 
E 4 HOH 103 403 103 HOH HOH A . 
E 4 HOH 104 404 104 HOH HOH A . 
E 4 HOH 105 405 105 HOH HOH A . 
E 4 HOH 106 406 106 HOH HOH A . 
E 4 HOH 107 407 107 HOH HOH A . 
E 4 HOH 108 408 108 HOH HOH A . 
E 4 HOH 109 409 109 HOH HOH A . 
E 4 HOH 110 410 110 HOH HOH A . 
E 4 HOH 111 411 111 HOH HOH A . 
E 4 HOH 112 412 112 HOH HOH A . 
E 4 HOH 113 413 113 HOH HOH A . 
E 4 HOH 114 414 114 HOH HOH A . 
E 4 HOH 115 415 115 HOH HOH A . 
E 4 HOH 116 416 116 HOH HOH A . 
E 4 HOH 117 417 117 HOH HOH A . 
E 4 HOH 118 418 118 HOH HOH A . 
E 4 HOH 119 419 120 HOH HOH A . 
E 4 HOH 120 420 121 HOH HOH A . 
E 4 HOH 121 421 122 HOH HOH A . 
E 4 HOH 122 422 123 HOH HOH A . 
E 4 HOH 123 423 124 HOH HOH A . 
E 4 HOH 124 424 125 HOH HOH A . 
E 4 HOH 125 425 126 HOH HOH A . 
E 4 HOH 126 426 127 HOH HOH A . 
E 4 HOH 127 427 128 HOH HOH A . 
E 4 HOH 128 428 129 HOH HOH A . 
E 4 HOH 129 429 130 HOH HOH A . 
E 4 HOH 130 430 131 HOH HOH A . 
E 4 HOH 131 431 132 HOH HOH A . 
E 4 HOH 132 432 133 HOH HOH A . 
E 4 HOH 133 433 134 HOH HOH A . 
E 4 HOH 134 434 135 HOH HOH A . 
E 4 HOH 135 435 136 HOH HOH A . 
E 4 HOH 136 436 137 HOH HOH A . 
E 4 HOH 137 437 138 HOH HOH A . 
E 4 HOH 138 438 139 HOH HOH A . 
E 4 HOH 139 439 140 HOH HOH A . 
E 4 HOH 140 440 141 HOH HOH A . 
E 4 HOH 141 441 142 HOH HOH A . 
E 4 HOH 142 442 143 HOH HOH A . 
E 4 HOH 143 443 144 HOH HOH A . 
E 4 HOH 144 444 145 HOH HOH A . 
E 4 HOH 145 445 146 HOH HOH A . 
E 4 HOH 146 446 147 HOH HOH A . 
E 4 HOH 147 447 148 HOH HOH A . 
E 4 HOH 148 448 149 HOH HOH A . 
E 4 HOH 149 449 150 HOH HOH A . 
E 4 HOH 150 450 151 HOH HOH A . 
E 4 HOH 151 451 152 HOH HOH A . 
E 4 HOH 152 452 153 HOH HOH A . 
E 4 HOH 153 453 154 HOH HOH A . 
E 4 HOH 154 454 155 HOH HOH A . 
E 4 HOH 155 455 156 HOH HOH A . 
E 4 HOH 156 456 157 HOH HOH A . 
E 4 HOH 157 457 158 HOH HOH A . 
E 4 HOH 158 458 159 HOH HOH A . 
E 4 HOH 159 459 160 HOH HOH A . 
E 4 HOH 160 460 161 HOH HOH A . 
E 4 HOH 161 461 162 HOH HOH A . 
E 4 HOH 162 462 163 HOH HOH A . 
E 4 HOH 163 463 164 HOH HOH A . 
E 4 HOH 164 464 165 HOH HOH A . 
E 4 HOH 165 465 166 HOH HOH A . 
E 4 HOH 166 466 167 HOH HOH A . 
E 4 HOH 167 467 168 HOH HOH A . 
E 4 HOH 168 468 169 HOH HOH A . 
E 4 HOH 169 469 170 HOH HOH A . 
E 4 HOH 170 470 171 HOH HOH A . 
E 4 HOH 171 471 172 HOH HOH A . 
E 4 HOH 172 472 173 HOH HOH A . 
E 4 HOH 173 473 174 HOH HOH A . 
E 4 HOH 174 474 175 HOH HOH A . 
E 4 HOH 175 475 176 HOH HOH A . 
E 4 HOH 176 476 177 HOH HOH A . 
E 4 HOH 177 477 178 HOH HOH A . 
E 4 HOH 178 478 179 HOH HOH A . 
E 4 HOH 179 479 180 HOH HOH A . 
E 4 HOH 180 480 181 HOH HOH A . 
# 
loop_
_pdbx_struct_assembly.id 
_pdbx_struct_assembly.details 
_pdbx_struct_assembly.method_details 
_pdbx_struct_assembly.oligomeric_details 
_pdbx_struct_assembly.oligomeric_count 
1 author_defined_assembly   ?    monomeric 1 
2 software_defined_assembly PISA dimeric   2 
# 
loop_
_pdbx_struct_assembly_gen.assembly_id 
_pdbx_struct_assembly_gen.oper_expression 
_pdbx_struct_assembly_gen.asym_id_list 
1 1   A,B,C,D,E 
2 1,2 A,B,C,D,E 
# 
loop_
_pdbx_struct_assembly_prop.biol_id 
_pdbx_struct_assembly_prop.type 
_pdbx_struct_assembly_prop.value 
_pdbx_struct_assembly_prop.details 
2 'ABSA (A^2)' 4160  ? 
2 MORE         -48   ? 
2 'SSA (A^2)'  16270 ? 
# 
loop_
_pdbx_struct_oper_list.id 
_pdbx_struct_oper_list.type 
_pdbx_struct_oper_list.name 
_pdbx_struct_oper_list.symmetry_operation 
_pdbx_struct_oper_list.matrix[1][1] 
_pdbx_struct_oper_list.matrix[1][2] 
_pdbx_struct_oper_list.matrix[1][3] 
_pdbx_struct_oper_list.vector[1] 
_pdbx_struct_oper_list.matrix[2][1] 
_pdbx_struct_oper_list.matrix[2][2] 
_pdbx_struct_oper_list.matrix[2][3] 
_pdbx_struct_oper_list.vector[2] 
_pdbx_struct_oper_list.matrix[3][1] 
_pdbx_struct_oper_list.matrix[3][2] 
_pdbx_struct_oper_list.matrix[3][3] 
_pdbx_struct_oper_list.vector[3] 
1 'identity operation'         1_555  x,y,z            1.0000000000  0.0000000000 0.0000000000 0.0000000000   0.0000000000 1.0000000000 0.0000000000 0.0000000000  0.0000000000 0.0000000000 1.0000000000  0.0000000000 
2 'crystal symmetry operation' 10_445 -y-1,-x-1,-z+1/6 -0.5354030303 0.8060233144 0.2523291736 -27.4519325195 0.8060233144 0.3983594936 0.4377626417 13.5932880271 0.2523291736 0.4377626417 -0.8629564634 7.1239388122 
# 
loop_
_pdbx_struct_conn_angle.id 
_pdbx_struct_conn_angle.ptnr1_label_atom_id 
_pdbx_struct_conn_angle.ptnr1_label_alt_id 
_pdbx_struct_conn_angle.ptnr1_label_asym_id 
_pdbx_struct_conn_angle.ptnr1_label_comp_id 
_pdbx_struct_conn_angle.ptnr1_label_seq_id 
_pdbx_struct_conn_angle.ptnr1_auth_atom_id 
_pdbx_struct_conn_angle.ptnr1_auth_asym_id 
_pdbx_struct_conn_angle.ptnr1_auth_comp_id 
_pdbx_struct_conn_angle.ptnr1_auth_seq_id 
_pdbx_struct_conn_angle.ptnr1_PDB_ins_code 
_pdbx_struct_conn_angle.ptnr1_symmetry 
_pdbx_struct_conn_angle.ptnr2_label_atom_id 
_pdbx_struct_conn_angle.ptnr2_label_alt_id 
_pdbx_struct_conn_angle.ptnr2_label_asym_id 
_pdbx_struct_conn_angle.ptnr2_label_comp_id 
_pdbx_struct_conn_angle.ptnr2_label_seq_id 
_pdbx_struct_conn_angle.ptnr2_auth_atom_id 
_pdbx_struct_conn_angle.ptnr2_auth_asym_id 
_pdbx_struct_conn_angle.ptnr2_auth_comp_id 
_pdbx_struct_conn_angle.ptnr2_auth_seq_id 
_pdbx_struct_conn_angle.ptnr2_PDB_ins_code 
_pdbx_struct_conn_angle.ptnr2_symmetry 
_pdbx_struct_conn_angle.ptnr3_label_atom_id 
_pdbx_struct_conn_angle.ptnr3_label_alt_id 
_pdbx_struct_conn_angle.ptnr3_label_asym_id 
_pdbx_struct_conn_angle.ptnr3_label_comp_id 
_pdbx_struct_conn_angle.ptnr3_label_seq_id 
_pdbx_struct_conn_angle.ptnr3_auth_atom_id 
_pdbx_struct_conn_angle.ptnr3_auth_asym_id 
_pdbx_struct_conn_angle.ptnr3_auth_comp_id 
_pdbx_struct_conn_angle.ptnr3_auth_seq_id 
_pdbx_struct_conn_angle.ptnr3_PDB_ins_code 
_pdbx_struct_conn_angle.ptnr3_symmetry 
_pdbx_struct_conn_angle.value 
_pdbx_struct_conn_angle.value_esd 
1  ND1 ? A HIS 51  ? A HIS 51  ? 1_555 FE ? B FE2 . ? A FE2 201 ? 1_555 OE2 ? A GLU 57  ? A GLU 57  ? 1_555 89.7  ? 
2  ND1 ? A HIS 51  ? A HIS 51  ? 1_555 FE ? B FE2 . ? A FE2 201 ? 1_555 OE1 ? A GLU 57  ? A GLU 57  ? 1_555 145.3 ? 
3  OE2 ? A GLU 57  ? A GLU 57  ? 1_555 FE ? B FE2 . ? A FE2 201 ? 1_555 OE1 ? A GLU 57  ? A GLU 57  ? 1_555 55.5  ? 
4  ND1 ? A HIS 51  ? A HIS 51  ? 1_555 FE ? B FE2 . ? A FE2 201 ? 1_555 NE2 ? A HIS 95  ? A HIS 95  ? 1_555 94.8  ? 
5  OE2 ? A GLU 57  ? A GLU 57  ? 1_555 FE ? B FE2 . ? A FE2 201 ? 1_555 NE2 ? A HIS 95  ? A HIS 95  ? 1_555 91.8  ? 
6  OE1 ? A GLU 57  ? A GLU 57  ? 1_555 FE ? B FE2 . ? A FE2 201 ? 1_555 NE2 ? A HIS 95  ? A HIS 95  ? 1_555 86.9  ? 
7  ND1 ? A HIS 51  ? A HIS 51  ? 1_555 FE ? B FE2 . ? A FE2 201 ? 1_555 O   ? E HOH .   ? A HOH 301 ? 1_555 87.1  ? 
8  OE2 ? A GLU 57  ? A GLU 57  ? 1_555 FE ? B FE2 . ? A FE2 201 ? 1_555 O   ? E HOH .   ? A HOH 301 ? 1_555 87.6  ? 
9  OE1 ? A GLU 57  ? A GLU 57  ? 1_555 FE ? B FE2 . ? A FE2 201 ? 1_555 O   ? E HOH .   ? A HOH 301 ? 1_555 91.2  ? 
10 NE2 ? A HIS 95  ? A HIS 95  ? 1_555 FE ? B FE2 . ? A FE2 201 ? 1_555 O   ? E HOH .   ? A HOH 301 ? 1_555 178.0 ? 
11 ND1 ? A HIS 51  ? A HIS 51  ? 1_555 FE ? B FE2 . ? A FE2 201 ? 1_555 O   ? E HOH .   ? A HOH 325 ? 1_555 111.8 ? 
12 OE2 ? A GLU 57  ? A GLU 57  ? 1_555 FE ? B FE2 . ? A FE2 201 ? 1_555 O   ? E HOH .   ? A HOH 325 ? 1_555 158.0 ? 
13 OE1 ? A GLU 57  ? A GLU 57  ? 1_555 FE ? B FE2 . ? A FE2 201 ? 1_555 O   ? E HOH .   ? A HOH 325 ? 1_555 102.8 ? 
14 NE2 ? A HIS 95  ? A HIS 95  ? 1_555 FE ? B FE2 . ? A FE2 201 ? 1_555 O   ? E HOH .   ? A HOH 325 ? 1_555 91.0  ? 
15 O   ? E HOH .   ? A HOH 301 ? 1_555 FE ? B FE2 . ? A FE2 201 ? 1_555 O   ? E HOH .   ? A HOH 325 ? 1_555 88.9  ? 
16 SG  ? A CYS 125 ? A CYS 125 ? 1_555 FE ? C FE2 . ? A FE2 202 ? 1_555 SG  ? A CYS 128 ? A CYS 128 ? 1_555 115.2 ? 
17 SG  ? A CYS 125 ? A CYS 125 ? 1_555 FE ? C FE2 . ? A FE2 202 ? 1_555 SG  ? A CYS 162 ? A CYS 162 ? 1_555 109.3 ? 
18 SG  ? A CYS 128 ? A CYS 128 ? 1_555 FE ? C FE2 . ? A FE2 202 ? 1_555 SG  ? A CYS 162 ? A CYS 162 ? 1_555 99.5  ? 
19 SG  ? A CYS 125 ? A CYS 125 ? 1_555 FE ? C FE2 . ? A FE2 202 ? 1_555 SG  ? A CYS 165 ? A CYS 165 ? 1_555 99.8  ? 
20 SG  ? A CYS 128 ? A CYS 128 ? 1_555 FE ? C FE2 . ? A FE2 202 ? 1_555 SG  ? A CYS 165 ? A CYS 165 ? 1_555 118.9 ? 
21 SG  ? A CYS 162 ? A CYS 162 ? 1_555 FE ? C FE2 . ? A FE2 202 ? 1_555 SG  ? A CYS 165 ? A CYS 165 ? 1_555 114.7 ? 
# 
loop_
_pdbx_audit_revision_history.ordinal 
_pdbx_audit_revision_history.data_content_type 
_pdbx_audit_revision_history.major_revision 
_pdbx_audit_revision_history.minor_revision 
_pdbx_audit_revision_history.revision_date 
1 'Structure model' 1 0 2016-03-02 
2 'Structure model' 1 1 2023-09-20 
# 
_pdbx_audit_revision_details.ordinal             1 
_pdbx_audit_revision_details.revision_ordinal    1 
_pdbx_audit_revision_details.data_content_type   'Structure model' 
_pdbx_audit_revision_details.provider            repository 
_pdbx_audit_revision_details.type                'Initial release' 
_pdbx_audit_revision_details.description         ? 
_pdbx_audit_revision_details.details             ? 
# 
loop_
_pdbx_audit_revision_group.ordinal 
_pdbx_audit_revision_group.revision_ordinal 
_pdbx_audit_revision_group.data_content_type 
_pdbx_audit_revision_group.group 
1 2 'Structure model' 'Data collection'        
2 2 'Structure model' 'Database references'    
3 2 'Structure model' 'Derived calculations'   
4 2 'Structure model' 'Refinement description' 
# 
loop_
_pdbx_audit_revision_category.ordinal 
_pdbx_audit_revision_category.revision_ordinal 
_pdbx_audit_revision_category.data_content_type 
_pdbx_audit_revision_category.category 
1 2 'Structure model' chem_comp_atom                
2 2 'Structure model' chem_comp_bond                
3 2 'Structure model' database_2                    
4 2 'Structure model' pdbx_initial_refinement_model 
5 2 'Structure model' pdbx_struct_conn_angle        
6 2 'Structure model' struct_conn                   
7 2 'Structure model' struct_site                   
# 
loop_
_pdbx_audit_revision_item.ordinal 
_pdbx_audit_revision_item.revision_ordinal 
_pdbx_audit_revision_item.data_content_type 
_pdbx_audit_revision_item.item 
1  2 'Structure model' '_database_2.pdbx_DOI'                        
2  2 'Structure model' '_database_2.pdbx_database_accession'         
3  2 'Structure model' '_pdbx_struct_conn_angle.ptnr1_auth_comp_id'  
4  2 'Structure model' '_pdbx_struct_conn_angle.ptnr1_auth_seq_id'   
5  2 'Structure model' '_pdbx_struct_conn_angle.ptnr1_label_asym_id' 
6  2 'Structure model' '_pdbx_struct_conn_angle.ptnr1_label_atom_id' 
7  2 'Structure model' '_pdbx_struct_conn_angle.ptnr1_label_comp_id' 
8  2 'Structure model' '_pdbx_struct_conn_angle.ptnr1_label_seq_id'  
9  2 'Structure model' '_pdbx_struct_conn_angle.ptnr3_auth_comp_id'  
10 2 'Structure model' '_pdbx_struct_conn_angle.ptnr3_auth_seq_id'   
11 2 'Structure model' '_pdbx_struct_conn_angle.ptnr3_label_asym_id' 
12 2 'Structure model' '_pdbx_struct_conn_angle.ptnr3_label_atom_id' 
13 2 'Structure model' '_pdbx_struct_conn_angle.ptnr3_label_comp_id' 
14 2 'Structure model' '_pdbx_struct_conn_angle.ptnr3_label_seq_id'  
15 2 'Structure model' '_pdbx_struct_conn_angle.value'               
16 2 'Structure model' '_struct_conn.pdbx_dist_value'                
17 2 'Structure model' '_struct_conn.ptnr1_auth_comp_id'             
18 2 'Structure model' '_struct_conn.ptnr1_auth_seq_id'              
19 2 'Structure model' '_struct_conn.ptnr1_label_asym_id'            
20 2 'Structure model' '_struct_conn.ptnr1_label_atom_id'            
21 2 'Structure model' '_struct_conn.ptnr1_label_comp_id'            
22 2 'Structure model' '_struct_conn.ptnr1_label_seq_id'             
23 2 'Structure model' '_struct_conn.ptnr2_auth_comp_id'             
24 2 'Structure model' '_struct_conn.ptnr2_auth_seq_id'              
25 2 'Structure model' '_struct_conn.ptnr2_label_asym_id'            
26 2 'Structure model' '_struct_conn.ptnr2_label_atom_id'            
27 2 'Structure model' '_struct_conn.ptnr2_label_comp_id'            
28 2 'Structure model' '_struct_site.pdbx_auth_asym_id'              
29 2 'Structure model' '_struct_site.pdbx_auth_comp_id'              
30 2 'Structure model' '_struct_site.pdbx_auth_seq_id'               
# 
loop_
_software.name 
_software.classification 
_software.version 
_software.citation_id 
_software.pdbx_ordinal 
CBASS    'data collection' .                            ? 1 
MOLREP   phasing           .                            ? 2 
PHENIX   refinement        '(phenix.refine: 1.7.3_928)' ? 3 
HKL-2000 'data reduction'  .                            ? 4 
HKL-2000 'data scaling'    .                            ? 5 
# 
loop_
_pdbx_validate_close_contact.id 
_pdbx_validate_close_contact.PDB_model_num 
_pdbx_validate_close_contact.auth_atom_id_1 
_pdbx_validate_close_contact.auth_asym_id_1 
_pdbx_validate_close_contact.auth_comp_id_1 
_pdbx_validate_close_contact.auth_seq_id_1 
_pdbx_validate_close_contact.PDB_ins_code_1 
_pdbx_validate_close_contact.label_alt_id_1 
_pdbx_validate_close_contact.auth_atom_id_2 
_pdbx_validate_close_contact.auth_asym_id_2 
_pdbx_validate_close_contact.auth_comp_id_2 
_pdbx_validate_close_contact.auth_seq_id_2 
_pdbx_validate_close_contact.PDB_ins_code_2 
_pdbx_validate_close_contact.label_alt_id_2 
_pdbx_validate_close_contact.dist 
1 1 O A HOH 372 ? ? O A HOH 444 ? ? 2.00 
2 1 O A HOH 356 ? ? O A HOH 406 ? ? 2.02 
3 1 O A HOH 438 ? ? O A HOH 441 ? ? 2.07 
4 1 O A HOH 448 ? ? O A HOH 463 ? ? 2.09 
5 1 O A HOH 372 ? ? O A HOH 474 ? ? 2.13 
6 1 O A HOH 355 ? ? O A HOH 447 ? ? 2.18 
# 
loop_
_pdbx_validate_torsion.id 
_pdbx_validate_torsion.PDB_model_num 
_pdbx_validate_torsion.auth_comp_id 
_pdbx_validate_torsion.auth_asym_id 
_pdbx_validate_torsion.auth_seq_id 
_pdbx_validate_torsion.PDB_ins_code 
_pdbx_validate_torsion.label_alt_id 
_pdbx_validate_torsion.phi 
_pdbx_validate_torsion.psi 
1 1 LEU A 21 ? ? -96.59 42.05 
2 1 HIS A 92 ? ? 71.98  -3.49 
# 
loop_
_chem_comp_atom.comp_id 
_chem_comp_atom.atom_id 
_chem_comp_atom.type_symbol 
_chem_comp_atom.pdbx_aromatic_flag 
_chem_comp_atom.pdbx_stereo_config 
_chem_comp_atom.pdbx_ordinal 
ALA N    N  N N 1   
ALA CA   C  N S 2   
ALA C    C  N N 3   
ALA O    O  N N 4   
ALA CB   C  N N 5   
ALA OXT  O  N N 6   
ALA H    H  N N 7   
ALA H2   H  N N 8   
ALA HA   H  N N 9   
ALA HB1  H  N N 10  
ALA HB2  H  N N 11  
ALA HB3  H  N N 12  
ALA HXT  H  N N 13  
ARG N    N  N N 14  
ARG CA   C  N S 15  
ARG C    C  N N 16  
ARG O    O  N N 17  
ARG CB   C  N N 18  
ARG CG   C  N N 19  
ARG CD   C  N N 20  
ARG NE   N  N N 21  
ARG CZ   C  N N 22  
ARG NH1  N  N N 23  
ARG NH2  N  N N 24  
ARG OXT  O  N N 25  
ARG H    H  N N 26  
ARG H2   H  N N 27  
ARG HA   H  N N 28  
ARG HB2  H  N N 29  
ARG HB3  H  N N 30  
ARG HG2  H  N N 31  
ARG HG3  H  N N 32  
ARG HD2  H  N N 33  
ARG HD3  H  N N 34  
ARG HE   H  N N 35  
ARG HH11 H  N N 36  
ARG HH12 H  N N 37  
ARG HH21 H  N N 38  
ARG HH22 H  N N 39  
ARG HXT  H  N N 40  
ASN N    N  N N 41  
ASN CA   C  N S 42  
ASN C    C  N N 43  
ASN O    O  N N 44  
ASN CB   C  N N 45  
ASN CG   C  N N 46  
ASN OD1  O  N N 47  
ASN ND2  N  N N 48  
ASN OXT  O  N N 49  
ASN H    H  N N 50  
ASN H2   H  N N 51  
ASN HA   H  N N 52  
ASN HB2  H  N N 53  
ASN HB3  H  N N 54  
ASN HD21 H  N N 55  
ASN HD22 H  N N 56  
ASN HXT  H  N N 57  
ASP N    N  N N 58  
ASP CA   C  N S 59  
ASP C    C  N N 60  
ASP O    O  N N 61  
ASP CB   C  N N 62  
ASP CG   C  N N 63  
ASP OD1  O  N N 64  
ASP OD2  O  N N 65  
ASP OXT  O  N N 66  
ASP H    H  N N 67  
ASP H2   H  N N 68  
ASP HA   H  N N 69  
ASP HB2  H  N N 70  
ASP HB3  H  N N 71  
ASP HD2  H  N N 72  
ASP HXT  H  N N 73  
CYS N    N  N N 74  
CYS CA   C  N R 75  
CYS C    C  N N 76  
CYS O    O  N N 77  
CYS CB   C  N N 78  
CYS SG   S  N N 79  
CYS OXT  O  N N 80  
CYS H    H  N N 81  
CYS H2   H  N N 82  
CYS HA   H  N N 83  
CYS HB2  H  N N 84  
CYS HB3  H  N N 85  
CYS HG   H  N N 86  
CYS HXT  H  N N 87  
FE2 FE   FE N N 88  
GLN N    N  N N 89  
GLN CA   C  N S 90  
GLN C    C  N N 91  
GLN O    O  N N 92  
GLN CB   C  N N 93  
GLN CG   C  N N 94  
GLN CD   C  N N 95  
GLN OE1  O  N N 96  
GLN NE2  N  N N 97  
GLN OXT  O  N N 98  
GLN H    H  N N 99  
GLN H2   H  N N 100 
GLN HA   H  N N 101 
GLN HB2  H  N N 102 
GLN HB3  H  N N 103 
GLN HG2  H  N N 104 
GLN HG3  H  N N 105 
GLN HE21 H  N N 106 
GLN HE22 H  N N 107 
GLN HXT  H  N N 108 
GLU N    N  N N 109 
GLU CA   C  N S 110 
GLU C    C  N N 111 
GLU O    O  N N 112 
GLU CB   C  N N 113 
GLU CG   C  N N 114 
GLU CD   C  N N 115 
GLU OE1  O  N N 116 
GLU OE2  O  N N 117 
GLU OXT  O  N N 118 
GLU H    H  N N 119 
GLU H2   H  N N 120 
GLU HA   H  N N 121 
GLU HB2  H  N N 122 
GLU HB3  H  N N 123 
GLU HG2  H  N N 124 
GLU HG3  H  N N 125 
GLU HE2  H  N N 126 
GLU HXT  H  N N 127 
GLY N    N  N N 128 
GLY CA   C  N N 129 
GLY C    C  N N 130 
GLY O    O  N N 131 
GLY OXT  O  N N 132 
GLY H    H  N N 133 
GLY H2   H  N N 134 
GLY HA2  H  N N 135 
GLY HA3  H  N N 136 
GLY HXT  H  N N 137 
HIS N    N  N N 138 
HIS CA   C  N S 139 
HIS C    C  N N 140 
HIS O    O  N N 141 
HIS CB   C  N N 142 
HIS CG   C  Y N 143 
HIS ND1  N  Y N 144 
HIS CD2  C  Y N 145 
HIS CE1  C  Y N 146 
HIS NE2  N  Y N 147 
HIS OXT  O  N N 148 
HIS H    H  N N 149 
HIS H2   H  N N 150 
HIS HA   H  N N 151 
HIS HB2  H  N N 152 
HIS HB3  H  N N 153 
HIS HD1  H  N N 154 
HIS HD2  H  N N 155 
HIS HE1  H  N N 156 
HIS HE2  H  N N 157 
HIS HXT  H  N N 158 
HOH O    O  N N 159 
HOH H1   H  N N 160 
HOH H2   H  N N 161 
ILE N    N  N N 162 
ILE CA   C  N S 163 
ILE C    C  N N 164 
ILE O    O  N N 165 
ILE CB   C  N S 166 
ILE CG1  C  N N 167 
ILE CG2  C  N N 168 
ILE CD1  C  N N 169 
ILE OXT  O  N N 170 
ILE H    H  N N 171 
ILE H2   H  N N 172 
ILE HA   H  N N 173 
ILE HB   H  N N 174 
ILE HG12 H  N N 175 
ILE HG13 H  N N 176 
ILE HG21 H  N N 177 
ILE HG22 H  N N 178 
ILE HG23 H  N N 179 
ILE HD11 H  N N 180 
ILE HD12 H  N N 181 
ILE HD13 H  N N 182 
ILE HXT  H  N N 183 
LEU N    N  N N 184 
LEU CA   C  N S 185 
LEU C    C  N N 186 
LEU O    O  N N 187 
LEU CB   C  N N 188 
LEU CG   C  N N 189 
LEU CD1  C  N N 190 
LEU CD2  C  N N 191 
LEU OXT  O  N N 192 
LEU H    H  N N 193 
LEU H2   H  N N 194 
LEU HA   H  N N 195 
LEU HB2  H  N N 196 
LEU HB3  H  N N 197 
LEU HG   H  N N 198 
LEU HD11 H  N N 199 
LEU HD12 H  N N 200 
LEU HD13 H  N N 201 
LEU HD21 H  N N 202 
LEU HD22 H  N N 203 
LEU HD23 H  N N 204 
LEU HXT  H  N N 205 
LYS N    N  N N 206 
LYS CA   C  N S 207 
LYS C    C  N N 208 
LYS O    O  N N 209 
LYS CB   C  N N 210 
LYS CG   C  N N 211 
LYS CD   C  N N 212 
LYS CE   C  N N 213 
LYS NZ   N  N N 214 
LYS OXT  O  N N 215 
LYS H    H  N N 216 
LYS H2   H  N N 217 
LYS HA   H  N N 218 
LYS HB2  H  N N 219 
LYS HB3  H  N N 220 
LYS HG2  H  N N 221 
LYS HG3  H  N N 222 
LYS HD2  H  N N 223 
LYS HD3  H  N N 224 
LYS HE2  H  N N 225 
LYS HE3  H  N N 226 
LYS HZ1  H  N N 227 
LYS HZ2  H  N N 228 
LYS HZ3  H  N N 229 
LYS HXT  H  N N 230 
MET N    N  N N 231 
MET CA   C  N S 232 
MET C    C  N N 233 
MET O    O  N N 234 
MET CB   C  N N 235 
MET CG   C  N N 236 
MET SD   S  N N 237 
MET CE   C  N N 238 
MET OXT  O  N N 239 
MET H    H  N N 240 
MET H2   H  N N 241 
MET HA   H  N N 242 
MET HB2  H  N N 243 
MET HB3  H  N N 244 
MET HG2  H  N N 245 
MET HG3  H  N N 246 
MET HE1  H  N N 247 
MET HE2  H  N N 248 
MET HE3  H  N N 249 
MET HXT  H  N N 250 
PHE N    N  N N 251 
PHE CA   C  N S 252 
PHE C    C  N N 253 
PHE O    O  N N 254 
PHE CB   C  N N 255 
PHE CG   C  Y N 256 
PHE CD1  C  Y N 257 
PHE CD2  C  Y N 258 
PHE CE1  C  Y N 259 
PHE CE2  C  Y N 260 
PHE CZ   C  Y N 261 
PHE OXT  O  N N 262 
PHE H    H  N N 263 
PHE H2   H  N N 264 
PHE HA   H  N N 265 
PHE HB2  H  N N 266 
PHE HB3  H  N N 267 
PHE HD1  H  N N 268 
PHE HD2  H  N N 269 
PHE HE1  H  N N 270 
PHE HE2  H  N N 271 
PHE HZ   H  N N 272 
PHE HXT  H  N N 273 
PRO N    N  N N 274 
PRO CA   C  N S 275 
PRO C    C  N N 276 
PRO O    O  N N 277 
PRO CB   C  N N 278 
PRO CG   C  N N 279 
PRO CD   C  N N 280 
PRO OXT  O  N N 281 
PRO H    H  N N 282 
PRO HA   H  N N 283 
PRO HB2  H  N N 284 
PRO HB3  H  N N 285 
PRO HG2  H  N N 286 
PRO HG3  H  N N 287 
PRO HD2  H  N N 288 
PRO HD3  H  N N 289 
PRO HXT  H  N N 290 
SER N    N  N N 291 
SER CA   C  N S 292 
SER C    C  N N 293 
SER O    O  N N 294 
SER CB   C  N N 295 
SER OG   O  N N 296 
SER OXT  O  N N 297 
SER H    H  N N 298 
SER H2   H  N N 299 
SER HA   H  N N 300 
SER HB2  H  N N 301 
SER HB3  H  N N 302 
SER HG   H  N N 303 
SER HXT  H  N N 304 
THR N    N  N N 305 
THR CA   C  N S 306 
THR C    C  N N 307 
THR O    O  N N 308 
THR CB   C  N R 309 
THR OG1  O  N N 310 
THR CG2  C  N N 311 
THR OXT  O  N N 312 
THR H    H  N N 313 
THR H2   H  N N 314 
THR HA   H  N N 315 
THR HB   H  N N 316 
THR HG1  H  N N 317 
THR HG21 H  N N 318 
THR HG22 H  N N 319 
THR HG23 H  N N 320 
THR HXT  H  N N 321 
TRP N    N  N N 322 
TRP CA   C  N S 323 
TRP C    C  N N 324 
TRP O    O  N N 325 
TRP CB   C  N N 326 
TRP CG   C  Y N 327 
TRP CD1  C  Y N 328 
TRP CD2  C  Y N 329 
TRP NE1  N  Y N 330 
TRP CE2  C  Y N 331 
TRP CE3  C  Y N 332 
TRP CZ2  C  Y N 333 
TRP CZ3  C  Y N 334 
TRP CH2  C  Y N 335 
TRP OXT  O  N N 336 
TRP H    H  N N 337 
TRP H2   H  N N 338 
TRP HA   H  N N 339 
TRP HB2  H  N N 340 
TRP HB3  H  N N 341 
TRP HD1  H  N N 342 
TRP HE1  H  N N 343 
TRP HE3  H  N N 344 
TRP HZ2  H  N N 345 
TRP HZ3  H  N N 346 
TRP HH2  H  N N 347 
TRP HXT  H  N N 348 
TRS C    C  N N 349 
TRS C1   C  N N 350 
TRS C2   C  N N 351 
TRS C3   C  N N 352 
TRS N    N  N N 353 
TRS O1   O  N N 354 
TRS O2   O  N N 355 
TRS O3   O  N N 356 
TRS H11  H  N N 357 
TRS H12  H  N N 358 
TRS H21  H  N N 359 
TRS H22  H  N N 360 
TRS H31  H  N N 361 
TRS H32  H  N N 362 
TRS HN1  H  N N 363 
TRS HN2  H  N N 364 
TRS HN3  H  N N 365 
TRS HO1  H  N N 366 
TRS HO2  H  N N 367 
TRS HO3  H  N N 368 
TYR N    N  N N 369 
TYR CA   C  N S 370 
TYR C    C  N N 371 
TYR O    O  N N 372 
TYR CB   C  N N 373 
TYR CG   C  Y N 374 
TYR CD1  C  Y N 375 
TYR CD2  C  Y N 376 
TYR CE1  C  Y N 377 
TYR CE2  C  Y N 378 
TYR CZ   C  Y N 379 
TYR OH   O  N N 380 
TYR OXT  O  N N 381 
TYR H    H  N N 382 
TYR H2   H  N N 383 
TYR HA   H  N N 384 
TYR HB2  H  N N 385 
TYR HB3  H  N N 386 
TYR HD1  H  N N 387 
TYR HD2  H  N N 388 
TYR HE1  H  N N 389 
TYR HE2  H  N N 390 
TYR HH   H  N N 391 
TYR HXT  H  N N 392 
VAL N    N  N N 393 
VAL CA   C  N S 394 
VAL C    C  N N 395 
VAL O    O  N N 396 
VAL CB   C  N N 397 
VAL CG1  C  N N 398 
VAL CG2  C  N N 399 
VAL OXT  O  N N 400 
VAL H    H  N N 401 
VAL H2   H  N N 402 
VAL HA   H  N N 403 
VAL HB   H  N N 404 
VAL HG11 H  N N 405 
VAL HG12 H  N N 406 
VAL HG13 H  N N 407 
VAL HG21 H  N N 408 
VAL HG22 H  N N 409 
VAL HG23 H  N N 410 
VAL HXT  H  N N 411 
# 
loop_
_chem_comp_bond.comp_id 
_chem_comp_bond.atom_id_1 
_chem_comp_bond.atom_id_2 
_chem_comp_bond.value_order 
_chem_comp_bond.pdbx_aromatic_flag 
_chem_comp_bond.pdbx_stereo_config 
_chem_comp_bond.pdbx_ordinal 
ALA N   CA   sing N N 1   
ALA N   H    sing N N 2   
ALA N   H2   sing N N 3   
ALA CA  C    sing N N 4   
ALA CA  CB   sing N N 5   
ALA CA  HA   sing N N 6   
ALA C   O    doub N N 7   
ALA C   OXT  sing N N 8   
ALA CB  HB1  sing N N 9   
ALA CB  HB2  sing N N 10  
ALA CB  HB3  sing N N 11  
ALA OXT HXT  sing N N 12  
ARG N   CA   sing N N 13  
ARG N   H    sing N N 14  
ARG N   H2   sing N N 15  
ARG CA  C    sing N N 16  
ARG CA  CB   sing N N 17  
ARG CA  HA   sing N N 18  
ARG C   O    doub N N 19  
ARG C   OXT  sing N N 20  
ARG CB  CG   sing N N 21  
ARG CB  HB2  sing N N 22  
ARG CB  HB3  sing N N 23  
ARG CG  CD   sing N N 24  
ARG CG  HG2  sing N N 25  
ARG CG  HG3  sing N N 26  
ARG CD  NE   sing N N 27  
ARG CD  HD2  sing N N 28  
ARG CD  HD3  sing N N 29  
ARG NE  CZ   sing N N 30  
ARG NE  HE   sing N N 31  
ARG CZ  NH1  sing N N 32  
ARG CZ  NH2  doub N N 33  
ARG NH1 HH11 sing N N 34  
ARG NH1 HH12 sing N N 35  
ARG NH2 HH21 sing N N 36  
ARG NH2 HH22 sing N N 37  
ARG OXT HXT  sing N N 38  
ASN N   CA   sing N N 39  
ASN N   H    sing N N 40  
ASN N   H2   sing N N 41  
ASN CA  C    sing N N 42  
ASN CA  CB   sing N N 43  
ASN CA  HA   sing N N 44  
ASN C   O    doub N N 45  
ASN C   OXT  sing N N 46  
ASN CB  CG   sing N N 47  
ASN CB  HB2  sing N N 48  
ASN CB  HB3  sing N N 49  
ASN CG  OD1  doub N N 50  
ASN CG  ND2  sing N N 51  
ASN ND2 HD21 sing N N 52  
ASN ND2 HD22 sing N N 53  
ASN OXT HXT  sing N N 54  
ASP N   CA   sing N N 55  
ASP N   H    sing N N 56  
ASP N   H2   sing N N 57  
ASP CA  C    sing N N 58  
ASP CA  CB   sing N N 59  
ASP CA  HA   sing N N 60  
ASP C   O    doub N N 61  
ASP C   OXT  sing N N 62  
ASP CB  CG   sing N N 63  
ASP CB  HB2  sing N N 64  
ASP CB  HB3  sing N N 65  
ASP CG  OD1  doub N N 66  
ASP CG  OD2  sing N N 67  
ASP OD2 HD2  sing N N 68  
ASP OXT HXT  sing N N 69  
CYS N   CA   sing N N 70  
CYS N   H    sing N N 71  
CYS N   H2   sing N N 72  
CYS CA  C    sing N N 73  
CYS CA  CB   sing N N 74  
CYS CA  HA   sing N N 75  
CYS C   O    doub N N 76  
CYS C   OXT  sing N N 77  
CYS CB  SG   sing N N 78  
CYS CB  HB2  sing N N 79  
CYS CB  HB3  sing N N 80  
CYS SG  HG   sing N N 81  
CYS OXT HXT  sing N N 82  
GLN N   CA   sing N N 83  
GLN N   H    sing N N 84  
GLN N   H2   sing N N 85  
GLN CA  C    sing N N 86  
GLN CA  CB   sing N N 87  
GLN CA  HA   sing N N 88  
GLN C   O    doub N N 89  
GLN C   OXT  sing N N 90  
GLN CB  CG   sing N N 91  
GLN CB  HB2  sing N N 92  
GLN CB  HB3  sing N N 93  
GLN CG  CD   sing N N 94  
GLN CG  HG2  sing N N 95  
GLN CG  HG3  sing N N 96  
GLN CD  OE1  doub N N 97  
GLN CD  NE2  sing N N 98  
GLN NE2 HE21 sing N N 99  
GLN NE2 HE22 sing N N 100 
GLN OXT HXT  sing N N 101 
GLU N   CA   sing N N 102 
GLU N   H    sing N N 103 
GLU N   H2   sing N N 104 
GLU CA  C    sing N N 105 
GLU CA  CB   sing N N 106 
GLU CA  HA   sing N N 107 
GLU C   O    doub N N 108 
GLU C   OXT  sing N N 109 
GLU CB  CG   sing N N 110 
GLU CB  HB2  sing N N 111 
GLU CB  HB3  sing N N 112 
GLU CG  CD   sing N N 113 
GLU CG  HG2  sing N N 114 
GLU CG  HG3  sing N N 115 
GLU CD  OE1  doub N N 116 
GLU CD  OE2  sing N N 117 
GLU OE2 HE2  sing N N 118 
GLU OXT HXT  sing N N 119 
GLY N   CA   sing N N 120 
GLY N   H    sing N N 121 
GLY N   H2   sing N N 122 
GLY CA  C    sing N N 123 
GLY CA  HA2  sing N N 124 
GLY CA  HA3  sing N N 125 
GLY C   O    doub N N 126 
GLY C   OXT  sing N N 127 
GLY OXT HXT  sing N N 128 
HIS N   CA   sing N N 129 
HIS N   H    sing N N 130 
HIS N   H2   sing N N 131 
HIS CA  C    sing N N 132 
HIS CA  CB   sing N N 133 
HIS CA  HA   sing N N 134 
HIS C   O    doub N N 135 
HIS C   OXT  sing N N 136 
HIS CB  CG   sing N N 137 
HIS CB  HB2  sing N N 138 
HIS CB  HB3  sing N N 139 
HIS CG  ND1  sing Y N 140 
HIS CG  CD2  doub Y N 141 
HIS ND1 CE1  doub Y N 142 
HIS ND1 HD1  sing N N 143 
HIS CD2 NE2  sing Y N 144 
HIS CD2 HD2  sing N N 145 
HIS CE1 NE2  sing Y N 146 
HIS CE1 HE1  sing N N 147 
HIS NE2 HE2  sing N N 148 
HIS OXT HXT  sing N N 149 
HOH O   H1   sing N N 150 
HOH O   H2   sing N N 151 
ILE N   CA   sing N N 152 
ILE N   H    sing N N 153 
ILE N   H2   sing N N 154 
ILE CA  C    sing N N 155 
ILE CA  CB   sing N N 156 
ILE CA  HA   sing N N 157 
ILE C   O    doub N N 158 
ILE C   OXT  sing N N 159 
ILE CB  CG1  sing N N 160 
ILE CB  CG2  sing N N 161 
ILE CB  HB   sing N N 162 
ILE CG1 CD1  sing N N 163 
ILE CG1 HG12 sing N N 164 
ILE CG1 HG13 sing N N 165 
ILE CG2 HG21 sing N N 166 
ILE CG2 HG22 sing N N 167 
ILE CG2 HG23 sing N N 168 
ILE CD1 HD11 sing N N 169 
ILE CD1 HD12 sing N N 170 
ILE CD1 HD13 sing N N 171 
ILE OXT HXT  sing N N 172 
LEU N   CA   sing N N 173 
LEU N   H    sing N N 174 
LEU N   H2   sing N N 175 
LEU CA  C    sing N N 176 
LEU CA  CB   sing N N 177 
LEU CA  HA   sing N N 178 
LEU C   O    doub N N 179 
LEU C   OXT  sing N N 180 
LEU CB  CG   sing N N 181 
LEU CB  HB2  sing N N 182 
LEU CB  HB3  sing N N 183 
LEU CG  CD1  sing N N 184 
LEU CG  CD2  sing N N 185 
LEU CG  HG   sing N N 186 
LEU CD1 HD11 sing N N 187 
LEU CD1 HD12 sing N N 188 
LEU CD1 HD13 sing N N 189 
LEU CD2 HD21 sing N N 190 
LEU CD2 HD22 sing N N 191 
LEU CD2 HD23 sing N N 192 
LEU OXT HXT  sing N N 193 
LYS N   CA   sing N N 194 
LYS N   H    sing N N 195 
LYS N   H2   sing N N 196 
LYS CA  C    sing N N 197 
LYS CA  CB   sing N N 198 
LYS CA  HA   sing N N 199 
LYS C   O    doub N N 200 
LYS C   OXT  sing N N 201 
LYS CB  CG   sing N N 202 
LYS CB  HB2  sing N N 203 
LYS CB  HB3  sing N N 204 
LYS CG  CD   sing N N 205 
LYS CG  HG2  sing N N 206 
LYS CG  HG3  sing N N 207 
LYS CD  CE   sing N N 208 
LYS CD  HD2  sing N N 209 
LYS CD  HD3  sing N N 210 
LYS CE  NZ   sing N N 211 
LYS CE  HE2  sing N N 212 
LYS CE  HE3  sing N N 213 
LYS NZ  HZ1  sing N N 214 
LYS NZ  HZ2  sing N N 215 
LYS NZ  HZ3  sing N N 216 
LYS OXT HXT  sing N N 217 
MET N   CA   sing N N 218 
MET N   H    sing N N 219 
MET N   H2   sing N N 220 
MET CA  C    sing N N 221 
MET CA  CB   sing N N 222 
MET CA  HA   sing N N 223 
MET C   O    doub N N 224 
MET C   OXT  sing N N 225 
MET CB  CG   sing N N 226 
MET CB  HB2  sing N N 227 
MET CB  HB3  sing N N 228 
MET CG  SD   sing N N 229 
MET CG  HG2  sing N N 230 
MET CG  HG3  sing N N 231 
MET SD  CE   sing N N 232 
MET CE  HE1  sing N N 233 
MET CE  HE2  sing N N 234 
MET CE  HE3  sing N N 235 
MET OXT HXT  sing N N 236 
PHE N   CA   sing N N 237 
PHE N   H    sing N N 238 
PHE N   H2   sing N N 239 
PHE CA  C    sing N N 240 
PHE CA  CB   sing N N 241 
PHE CA  HA   sing N N 242 
PHE C   O    doub N N 243 
PHE C   OXT  sing N N 244 
PHE CB  CG   sing N N 245 
PHE CB  HB2  sing N N 246 
PHE CB  HB3  sing N N 247 
PHE CG  CD1  doub Y N 248 
PHE CG  CD2  sing Y N 249 
PHE CD1 CE1  sing Y N 250 
PHE CD1 HD1  sing N N 251 
PHE CD2 CE2  doub Y N 252 
PHE CD2 HD2  sing N N 253 
PHE CE1 CZ   doub Y N 254 
PHE CE1 HE1  sing N N 255 
PHE CE2 CZ   sing Y N 256 
PHE CE2 HE2  sing N N 257 
PHE CZ  HZ   sing N N 258 
PHE OXT HXT  sing N N 259 
PRO N   CA   sing N N 260 
PRO N   CD   sing N N 261 
PRO N   H    sing N N 262 
PRO CA  C    sing N N 263 
PRO CA  CB   sing N N 264 
PRO CA  HA   sing N N 265 
PRO C   O    doub N N 266 
PRO C   OXT  sing N N 267 
PRO CB  CG   sing N N 268 
PRO CB  HB2  sing N N 269 
PRO CB  HB3  sing N N 270 
PRO CG  CD   sing N N 271 
PRO CG  HG2  sing N N 272 
PRO CG  HG3  sing N N 273 
PRO CD  HD2  sing N N 274 
PRO CD  HD3  sing N N 275 
PRO OXT HXT  sing N N 276 
SER N   CA   sing N N 277 
SER N   H    sing N N 278 
SER N   H2   sing N N 279 
SER CA  C    sing N N 280 
SER CA  CB   sing N N 281 
SER CA  HA   sing N N 282 
SER C   O    doub N N 283 
SER C   OXT  sing N N 284 
SER CB  OG   sing N N 285 
SER CB  HB2  sing N N 286 
SER CB  HB3  sing N N 287 
SER OG  HG   sing N N 288 
SER OXT HXT  sing N N 289 
THR N   CA   sing N N 290 
THR N   H    sing N N 291 
THR N   H2   sing N N 292 
THR CA  C    sing N N 293 
THR CA  CB   sing N N 294 
THR CA  HA   sing N N 295 
THR C   O    doub N N 296 
THR C   OXT  sing N N 297 
THR CB  OG1  sing N N 298 
THR CB  CG2  sing N N 299 
THR CB  HB   sing N N 300 
THR OG1 HG1  sing N N 301 
THR CG2 HG21 sing N N 302 
THR CG2 HG22 sing N N 303 
THR CG2 HG23 sing N N 304 
THR OXT HXT  sing N N 305 
TRP N   CA   sing N N 306 
TRP N   H    sing N N 307 
TRP N   H2   sing N N 308 
TRP CA  C    sing N N 309 
TRP CA  CB   sing N N 310 
TRP CA  HA   sing N N 311 
TRP C   O    doub N N 312 
TRP C   OXT  sing N N 313 
TRP CB  CG   sing N N 314 
TRP CB  HB2  sing N N 315 
TRP CB  HB3  sing N N 316 
TRP CG  CD1  doub Y N 317 
TRP CG  CD2  sing Y N 318 
TRP CD1 NE1  sing Y N 319 
TRP CD1 HD1  sing N N 320 
TRP CD2 CE2  doub Y N 321 
TRP CD2 CE3  sing Y N 322 
TRP NE1 CE2  sing Y N 323 
TRP NE1 HE1  sing N N 324 
TRP CE2 CZ2  sing Y N 325 
TRP CE3 CZ3  doub Y N 326 
TRP CE3 HE3  sing N N 327 
TRP CZ2 CH2  doub Y N 328 
TRP CZ2 HZ2  sing N N 329 
TRP CZ3 CH2  sing Y N 330 
TRP CZ3 HZ3  sing N N 331 
TRP CH2 HH2  sing N N 332 
TRP OXT HXT  sing N N 333 
TRS C   C1   sing N N 334 
TRS C   C2   sing N N 335 
TRS C   C3   sing N N 336 
TRS C   N    sing N N 337 
TRS C1  O1   sing N N 338 
TRS C1  H11  sing N N 339 
TRS C1  H12  sing N N 340 
TRS C2  O2   sing N N 341 
TRS C2  H21  sing N N 342 
TRS C2  H22  sing N N 343 
TRS C3  O3   sing N N 344 
TRS C3  H31  sing N N 345 
TRS C3  H32  sing N N 346 
TRS N   HN1  sing N N 347 
TRS N   HN2  sing N N 348 
TRS N   HN3  sing N N 349 
TRS O1  HO1  sing N N 350 
TRS O2  HO2  sing N N 351 
TRS O3  HO3  sing N N 352 
TYR N   CA   sing N N 353 
TYR N   H    sing N N 354 
TYR N   H2   sing N N 355 
TYR CA  C    sing N N 356 
TYR CA  CB   sing N N 357 
TYR CA  HA   sing N N 358 
TYR C   O    doub N N 359 
TYR C   OXT  sing N N 360 
TYR CB  CG   sing N N 361 
TYR CB  HB2  sing N N 362 
TYR CB  HB3  sing N N 363 
TYR CG  CD1  doub Y N 364 
TYR CG  CD2  sing Y N 365 
TYR CD1 CE1  sing Y N 366 
TYR CD1 HD1  sing N N 367 
TYR CD2 CE2  doub Y N 368 
TYR CD2 HD2  sing N N 369 
TYR CE1 CZ   doub Y N 370 
TYR CE1 HE1  sing N N 371 
TYR CE2 CZ   sing Y N 372 
TYR CE2 HE2  sing N N 373 
TYR CZ  OH   sing N N 374 
TYR OH  HH   sing N N 375 
TYR OXT HXT  sing N N 376 
VAL N   CA   sing N N 377 
VAL N   H    sing N N 378 
VAL N   H2   sing N N 379 
VAL CA  C    sing N N 380 
VAL CA  CB   sing N N 381 
VAL CA  HA   sing N N 382 
VAL C   O    doub N N 383 
VAL C   OXT  sing N N 384 
VAL CB  CG1  sing N N 385 
VAL CB  CG2  sing N N 386 
VAL CB  HB   sing N N 387 
VAL CG1 HG11 sing N N 388 
VAL CG1 HG12 sing N N 389 
VAL CG1 HG13 sing N N 390 
VAL CG2 HG21 sing N N 391 
VAL CG2 HG22 sing N N 392 
VAL CG2 HG23 sing N N 393 
VAL OXT HXT  sing N N 394 
# 
loop_
_pdbx_entity_nonpoly.entity_id 
_pdbx_entity_nonpoly.name 
_pdbx_entity_nonpoly.comp_id 
2 'FE (II) ION'                            FE2 
3 2-AMINO-2-HYDROXYMETHYL-PROPANE-1,3-DIOL TRS 
4 water                                    HOH 
# 
_pdbx_initial_refinement_model.id               1 
_pdbx_initial_refinement_model.entity_id_list   ? 
_pdbx_initial_refinement_model.type             'experimental model' 
_pdbx_initial_refinement_model.source_name      PDB 
_pdbx_initial_refinement_model.accession_code   1YFU 
_pdbx_initial_refinement_model.details          ? 
# 
